data_4WSA
#
_entry.id   4WSA
#
_cell.length_a   199.700
_cell.length_b   199.700
_cell.length_c   252.680
_cell.angle_alpha   90.00
_cell.angle_beta   90.00
_cell.angle_gamma   120.00
#
_symmetry.space_group_name_H-M   'P 32 2 1'
#
loop_
_entity.id
_entity.type
_entity.pdbx_description
1 polymer "Influenza B vRNA promoter 3' end"
2 polymer "Influenza B vRNA promoter 5' end"
3 polymer PA
4 polymer 'RNA-directed RNA polymerase catalytic subunit'
5 polymer PB2
#
loop_
_entity_poly.entity_id
_entity_poly.type
_entity_poly.pdbx_seq_one_letter_code
_entity_poly.pdbx_strand_id
1 'polyribonucleotide' UAUACCUCUGCUUCUGCU R
2 'polyribonucleotide' AGUAGUAACAAGAG V
3 'polypeptide(L)'
;GSHHHHHHHHGSGSMDTFITRNFQTTIIQKAKNTMAEFSEDPELQPAMLFNICVHLEVCYVISDMNFLDEEGKAYTALEG
QGKEQNLRPQYEVIEGMPRTIAWMVQRSLAQEHGIETPKYLADLFDYKTKRFIEVGITKGLADDYFWKKKEKLGNSMELM
IFSYNQDYSLSNESSLDEEGKGRVLSRLTELQAELSLKNLWQVLIGEEDVEKGIDFKLGQTISRLRDISVPAGFSNFEGM
RSYIDNIDPKGAIERNLARMSPLVSVTPKKLTWEDLRPIGPHIYNHELPEVPYNAFLLMSDELGLANMTEGKSKKPKTLA
KECLEKYSTLRDQTDPILIMKSEKANENFLWKLWRDCVNTISNEEMSNELQKTNYAKWATGDGLTYQKIMKEVAIDDETM
CQEEPKIPNKCRVAAWVQTEMNLLSTLTSKRALDLPEIGPDVAPVEHVGSERRKYFVNEINYCKASTVMMKYVLFHTSLL
NESNASMGKYKVIPITNRVVNEKGESFDMLYGLAVKGQSHLRGDTDVVTVVTFEFSSTDPRVDSGKWPKYTVFRIGSLFV
SGREKSVYLYCRVNGTNKIQMKWGMEARRCLLQSMQQMEAIVEQESSIQGYDMTKACFKGDRVNSPKTFSIGTQEGKLVK
GSFGKALRVIFTKCLMHYVFGNAQLEGFSAESRRLLLLIQALKDRKGPWVFDLEGMYSGIEECISNNPWVIQSAYWFNEW
LGFEKEGSKVLESVDEIMDEGSGSGENLYFQ
;
A
4 'polypeptide(L)'
;GSGSGSGSGMNINPYFLFIDVPIQAAISTTFPYTGVPPYSHGTGTGYTIDTVIRTHEYSNKGKQYISDVTGCTMVDPTNG
PLPEDNEPSAYAQLDCVLEALDRMDEEHPGLFQAASQNAMETLMVTTVDKLTQGRQTFDWTVCRNQPAATALNTTITSFR
LNDLNGADKGGLIPFCQDIIDSLDRPEMTFFSVKNIKKKLPAKNRKGFLIKRIPMKVKDKITKVEYIKRALSLNTMTKDA
ERGKLKRRAIATAGIQIRGFVLVVENLAKNICENLEQSGLPVGGNEKKAKLSNAVAKMLSNCPPGGISMTVTGDNTKWNE
CLNPRIFLAMTERITRDSPIWFRDFCSIAPVLFSNKIARLGKGFMITSKTKRLKAQIPCPDLFSIPLERYNEETRAKLKK
LKPFFNEEGTASLSPGMMMGMFNMLSTVLGVAALGIKNIGNKEYLWDGLQSSDDFALFVNAKDEETCMEGINDFYRTCKL
LGINMSKKKSYCNETGMFEFTSMFYRDGFVSNFAMELPSFGVAGVNESADMAIGMTIIKNNMINNGMGPATAQTAIQLFI
ADYRYTYKCHRGDSKVEGKRMKIIKELWENTKGRDGLLVADGGPNIYNLRNLHIPEIVLKYNLMDPEYKGRLLHPQNPFV
GHLSIEGIKEADITPAHGPVKKMDYDAVSGTHSWRTKRNRSILNTDQRNMILEEQCYAKCCNLFEACFNSASYRKPVGQH
SMLEAMAHRLRMDARLDYESGRMSKDDFEKAMAHLGEIGYIGSGSGENLYFQ
;
B
5 'polypeptide(L)'
;GSGSGSGSGMTLAKIELLKQLLRDNEAKTVLKQTTVDQYNIIRKFNTSRIEKNPSLRMKWAMCSNFPLALTKGDMANRIP
LEYKGIQLKTNAEDIGTKGQMCSIAAVTWWNTYGPIGDTEGFERVYESFFLRKMRLDNATWGRITFGPVERVRKRVLLNP
LTKEMPPDEASNVIMEILFPKEAGIPRESTWIHRELIKEKREKLKGTMITPIVLAYMLERELVARRRFLPVAGATSAEFI
EMLHCLQGENWRQIYHPGGNKLTESRSQSMIVACRKIIRRSIVASNPLELAVEIANKTVIDTEPLKSCLAAIDGGDVACD
IIRAALGLKIRQRQRFGRLELKRISGRGFKNDEEILIGNGTIQKIGIWDGEEEFHVRCGECRGILKKSKMKLEKLLINSA
KKEDMRDLIILCMVFSQDTRMFQGVRGEINFLNRAGQLLSPMYQLQRYFLNRSNDLFDQWGYEESPKASELHGINESMNA
SDYTLKGVVVTRNVIDDFSSTETEKVSITKNLSLIKRTGEVIMGANDVSELESQAQLMITYDTPKMWEMGTTKELVQNTY
QWVLKNLVTLKAQFLLGKEDMFQWDAFEAFESIIPQKMAGQYSGFARAVLKQMRDQEVMKTDQFIKLLPFCFSPPKLRSN
GEPYQFLKLVLKGGGENFIEVRKGSPLFSYNPQTEVLTICGRMMSLKGKIEDEERNRSMGNAVLAGFLVSGKYDPDLGDF
KTIEELEKLKPGEKANILLYQGKPVKVVKRKRYSALSNDISQGIKRQRMTVESMGWALSGWSHPQFEKGSGSENLYFQ
;
C
#
# COMPACT_ATOMS: atom_id res chain seq x y z
N SER C 14 -1.52 -61.45 -1.56
CA SER C 14 -1.43 -60.02 -1.14
C SER C 14 -1.28 -59.91 0.37
N MET C 15 -0.34 -59.07 0.81
CA MET C 15 -0.11 -58.85 2.23
C MET C 15 -1.18 -57.94 2.84
N ASP C 16 -1.92 -57.27 1.96
CA ASP C 16 -3.01 -56.39 2.39
C ASP C 16 -4.04 -57.18 3.21
N THR C 17 -4.23 -58.44 2.85
CA THR C 17 -5.12 -59.33 3.57
C THR C 17 -4.45 -59.82 4.85
N PHE C 18 -3.18 -60.20 4.71
CA PHE C 18 -2.39 -60.72 5.81
C PHE C 18 -2.36 -59.77 7.00
N ILE C 19 -2.02 -58.51 6.73
CA ILE C 19 -1.98 -57.49 7.77
C ILE C 19 -3.33 -57.33 8.45
N THR C 20 -4.40 -57.43 7.66
CA THR C 20 -5.75 -57.37 8.22
C THR C 20 -5.99 -58.54 9.16
N ARG C 21 -5.57 -59.73 8.73
CA ARG C 21 -5.69 -60.91 9.58
C ARG C 21 -4.83 -60.84 10.85
N ASN C 22 -3.57 -60.42 10.71
CA ASN C 22 -2.62 -60.46 11.82
C ASN C 22 -2.71 -59.29 12.80
N PHE C 23 -2.67 -58.07 12.28
CA PHE C 23 -2.60 -56.87 13.11
C PHE C 23 -3.99 -56.33 13.47
N GLN C 24 -4.01 -55.48 14.50
CA GLN C 24 -5.25 -54.87 14.97
C GLN C 24 -5.65 -53.68 14.09
N THR C 25 -6.81 -53.10 14.40
CA THR C 25 -7.30 -51.95 13.65
C THR C 25 -6.49 -50.69 13.96
N THR C 26 -6.34 -50.40 15.26
CA THR C 26 -5.63 -49.21 15.72
C THR C 26 -4.26 -49.06 15.06
N ILE C 27 -3.55 -50.18 14.96
CA ILE C 27 -2.22 -50.18 14.37
C ILE C 27 -2.27 -49.78 12.90
N ILE C 28 -3.24 -50.34 12.16
CA ILE C 28 -3.41 -50.02 10.75
C ILE C 28 -3.85 -48.57 10.57
N GLN C 29 -4.73 -48.11 11.45
CA GLN C 29 -5.20 -46.72 11.41
C GLN C 29 -4.04 -45.76 11.62
N LYS C 30 -3.29 -45.95 12.70
CA LYS C 30 -2.17 -45.07 13.02
C LYS C 30 -1.05 -45.20 12.01
N ALA C 31 -0.84 -46.41 11.49
CA ALA C 31 0.17 -46.63 10.45
C ALA C 31 -0.21 -45.90 9.17
N LYS C 32 -1.48 -46.02 8.77
CA LYS C 32 -1.96 -45.34 7.58
C LYS C 32 -1.95 -43.84 7.79
N ASN C 33 -2.25 -43.40 9.01
CA ASN C 33 -2.15 -41.99 9.37
C ASN C 33 -0.71 -41.51 9.28
N THR C 34 0.23 -42.34 9.73
CA THR C 34 1.65 -42.02 9.63
C THR C 34 2.08 -41.93 8.17
N MET C 35 1.66 -42.90 7.36
CA MET C 35 1.98 -42.91 5.95
C MET C 35 1.28 -41.76 5.22
N ALA C 36 0.12 -41.36 5.73
CA ALA C 36 -0.59 -40.20 5.19
C ALA C 36 0.18 -38.92 5.50
N GLU C 37 0.63 -38.80 6.75
CA GLU C 37 1.40 -37.64 7.18
C GLU C 37 2.74 -37.54 6.45
N PHE C 38 3.28 -38.68 6.06
CA PHE C 38 4.53 -38.73 5.30
C PHE C 38 4.25 -38.71 3.79
N SER C 39 2.98 -38.50 3.44
CA SER C 39 2.55 -38.40 2.04
C SER C 39 2.96 -39.63 1.23
N GLU C 40 2.41 -40.78 1.60
CA GLU C 40 2.66 -42.02 0.87
C GLU C 40 1.43 -42.94 0.91
N ASP C 41 1.18 -43.61 -0.20
CA ASP C 41 0.02 -44.49 -0.33
C ASP C 41 0.26 -45.80 0.42
N PRO C 42 -0.62 -46.15 1.39
CA PRO C 42 -0.45 -47.42 2.09
C PRO C 42 -0.62 -48.66 1.20
N GLU C 43 -1.63 -48.64 0.33
CA GLU C 43 -1.95 -49.80 -0.49
C GLU C 43 -0.89 -50.09 -1.56
N LEU C 44 -0.26 -49.03 -2.06
CA LEU C 44 0.75 -49.18 -3.11
C LEU C 44 2.12 -49.58 -2.54
N GLN C 45 2.27 -49.49 -1.23
CA GLN C 45 3.51 -49.86 -0.56
C GLN C 45 3.24 -50.66 0.71
N PRO C 46 2.93 -51.96 0.56
CA PRO C 46 2.64 -52.83 1.71
C PRO C 46 3.81 -53.02 2.68
N ALA C 47 5.02 -53.20 2.13
CA ALA C 47 6.21 -53.45 2.95
C ALA C 47 6.39 -52.38 4.02
N MET C 48 6.24 -51.12 3.62
CA MET C 48 6.40 -50.01 4.53
C MET C 48 5.29 -50.01 5.59
N LEU C 49 4.08 -50.34 5.15
CA LEU C 49 2.95 -50.44 6.07
C LEU C 49 3.21 -51.51 7.12
N PHE C 50 3.71 -52.66 6.67
CA PHE C 50 4.04 -53.75 7.60
C PHE C 50 5.17 -53.34 8.54
N ASN C 51 6.22 -52.74 7.99
CA ASN C 51 7.34 -52.27 8.81
C ASN C 51 6.90 -51.30 9.89
N ILE C 52 6.05 -50.34 9.50
CA ILE C 52 5.52 -49.37 10.44
C ILE C 52 4.58 -50.05 11.44
N CYS C 53 3.79 -51.00 10.96
CA CYS C 53 2.87 -51.74 11.82
C CYS C 53 3.62 -52.50 12.91
N VAL C 54 4.65 -53.24 12.51
CA VAL C 54 5.49 -53.96 13.47
C VAL C 54 6.22 -52.99 14.39
N HIS C 55 6.87 -52.00 13.78
CA HIS C 55 7.61 -50.99 14.52
C HIS C 55 6.72 -50.29 15.55
N LEU C 56 5.45 -50.11 15.19
CA LEU C 56 4.49 -49.49 16.10
C LEU C 56 3.97 -50.48 17.13
N GLU C 57 3.78 -51.73 16.71
CA GLU C 57 3.26 -52.77 17.60
C GLU C 57 4.24 -53.08 18.73
N VAL C 58 5.50 -53.28 18.36
CA VAL C 58 6.55 -53.64 19.32
C VAL C 58 6.58 -52.70 20.52
N CYS C 59 6.38 -51.41 20.26
CA CYS C 59 6.32 -50.41 21.32
C CYS C 59 5.21 -50.75 22.31
N TYR C 60 4.02 -51.05 21.78
CA TYR C 60 2.88 -51.40 22.62
C TYR C 60 3.13 -52.73 23.33
N VAL C 61 3.80 -53.65 22.64
CA VAL C 61 4.17 -54.93 23.24
C VAL C 61 5.09 -54.69 24.44
N ILE C 62 6.00 -53.75 24.29
CA ILE C 62 6.90 -53.37 25.38
C ILE C 62 6.15 -52.63 26.49
N SER C 63 5.26 -51.72 26.10
CA SER C 63 4.58 -50.84 27.06
C SER C 63 3.44 -51.53 27.81
N ASP C 64 2.41 -51.95 27.08
CA ASP C 64 1.14 -52.44 27.64
C ASP C 64 1.15 -52.95 29.08
N MET C 65 1.92 -54.00 29.33
CA MET C 65 1.89 -54.68 30.62
C MET C 65 2.41 -53.83 31.77
N ASN C 66 3.38 -52.97 31.49
CA ASN C 66 4.06 -52.21 32.54
C ASN C 66 3.23 -51.05 33.09
N PHE C 67 3.17 -50.95 34.42
CA PHE C 67 2.52 -49.82 35.08
C PHE C 67 3.29 -49.41 36.34
N LEU C 68 3.20 -48.13 36.69
CA LEU C 68 3.84 -47.60 37.89
C LEU C 68 2.81 -47.44 39.02
N ASP C 69 3.23 -47.73 40.25
CA ASP C 69 2.36 -47.54 41.40
C ASP C 69 2.56 -46.14 41.97
N GLU C 70 1.65 -45.74 42.86
CA GLU C 70 1.65 -44.36 43.36
C GLU C 70 2.93 -43.98 44.10
N GLU C 71 3.63 -44.98 44.64
CA GLU C 71 4.91 -44.73 45.31
C GLU C 71 5.99 -44.40 44.30
N GLY C 72 5.97 -45.12 43.17
CA GLY C 72 6.92 -44.90 42.10
C GLY C 72 7.73 -46.14 41.80
N LYS C 73 7.05 -47.26 41.60
CA LYS C 73 7.71 -48.53 41.29
C LYS C 73 6.92 -49.30 40.23
N ALA C 74 7.64 -50.04 39.39
CA ALA C 74 7.03 -50.70 38.25
C ALA C 74 6.38 -52.04 38.62
N TYR C 75 5.31 -52.39 37.92
CA TYR C 75 4.67 -53.69 38.10
C TYR C 75 3.86 -54.06 36.86
N THR C 76 3.48 -55.33 36.77
CA THR C 76 2.75 -55.86 35.63
C THR C 76 1.24 -55.84 35.86
N ALA C 77 0.49 -55.44 34.84
CA ALA C 77 -0.97 -55.43 34.89
C ALA C 77 -1.55 -56.58 34.09
N GLN C 85 -4.62 -51.56 36.60
CA GLN C 85 -5.33 -51.15 37.80
C GLN C 85 -5.11 -49.66 38.07
N ASN C 86 -3.85 -49.27 38.23
CA ASN C 86 -3.51 -47.87 38.43
C ASN C 86 -3.48 -47.14 37.08
N LEU C 87 -3.91 -45.88 37.09
CA LEU C 87 -4.08 -45.12 35.85
C LEU C 87 -2.85 -44.28 35.51
N ARG C 88 -1.71 -44.94 35.29
CA ARG C 88 -0.48 -44.25 34.95
C ARG C 88 0.61 -45.25 34.53
N PRO C 89 0.74 -45.50 33.22
CA PRO C 89 1.77 -46.44 32.70
C PRO C 89 3.20 -45.99 32.96
N GLN C 90 4.13 -46.93 32.86
CA GLN C 90 5.56 -46.64 33.02
C GLN C 90 6.11 -46.05 31.73
N TYR C 91 5.67 -46.60 30.61
CA TYR C 91 6.12 -46.14 29.30
C TYR C 91 5.08 -45.24 28.64
N GLU C 92 5.54 -44.11 28.11
CA GLU C 92 4.72 -43.23 27.29
C GLU C 92 5.04 -43.50 25.82
N VAL C 93 3.98 -43.71 25.04
CA VAL C 93 4.11 -44.05 23.62
C VAL C 93 4.05 -42.80 22.76
N ILE C 94 5.14 -42.54 22.04
CA ILE C 94 5.25 -41.38 21.16
C ILE C 94 5.04 -41.79 19.71
N GLU C 95 5.57 -42.96 19.35
CA GLU C 95 5.42 -43.49 18.01
C GLU C 95 3.96 -43.84 17.75
N GLY C 96 3.49 -43.51 16.54
CA GLY C 96 2.13 -43.84 16.13
C GLY C 96 1.22 -42.63 16.05
N MET C 97 1.42 -41.68 16.97
CA MET C 97 0.55 -40.50 17.03
C MET C 97 0.92 -39.48 15.95
N PRO C 98 0.01 -38.54 15.66
CA PRO C 98 0.31 -37.43 14.75
C PRO C 98 1.53 -36.63 15.16
N ARG C 99 2.29 -36.13 14.18
CA ARG C 99 3.50 -35.37 14.42
C ARG C 99 3.32 -34.28 15.47
N THR C 100 2.38 -33.38 15.20
CA THR C 100 2.17 -32.21 16.05
C THR C 100 1.82 -32.59 17.49
N ILE C 101 1.15 -33.74 17.66
CA ILE C 101 0.85 -34.24 18.98
C ILE C 101 2.10 -34.86 19.61
N ALA C 102 2.74 -35.75 18.88
CA ALA C 102 3.95 -36.43 19.35
C ALA C 102 5.01 -35.44 19.83
N TRP C 103 5.22 -34.39 19.04
CA TRP C 103 6.20 -33.37 19.40
C TRP C 103 5.77 -32.60 20.65
N MET C 104 4.47 -32.35 20.77
CA MET C 104 3.94 -31.68 21.96
C MET C 104 4.18 -32.55 23.19
N VAL C 105 3.94 -33.84 23.06
CA VAL C 105 4.19 -34.79 24.13
C VAL C 105 5.67 -34.79 24.50
N GLN C 106 6.52 -34.97 23.49
CA GLN C 106 7.96 -35.02 23.69
C GLN C 106 8.49 -33.75 24.37
N ARG C 107 8.10 -32.60 23.85
CA ARG C 107 8.54 -31.32 24.38
C ARG C 107 7.97 -31.07 25.78
N SER C 108 6.71 -31.45 26.00
CA SER C 108 6.09 -31.32 27.31
C SER C 108 6.84 -32.16 28.34
N LEU C 109 7.13 -33.41 27.98
CA LEU C 109 7.87 -34.30 28.84
C LEU C 109 9.26 -33.77 29.14
N ALA C 110 9.99 -33.44 28.09
CA ALA C 110 11.36 -32.94 28.22
C ALA C 110 11.39 -31.67 29.07
N GLN C 111 10.45 -30.76 28.82
CA GLN C 111 10.41 -29.49 29.51
C GLN C 111 9.97 -29.65 30.96
N GLU C 112 8.98 -30.52 31.19
CA GLU C 112 8.46 -30.75 32.53
C GLU C 112 9.51 -31.45 33.40
N HIS C 113 10.16 -32.46 32.84
CA HIS C 113 11.19 -33.19 33.57
C HIS C 113 12.47 -32.37 33.68
N GLY C 114 12.63 -31.42 32.77
CA GLY C 114 13.77 -30.52 32.78
C GLY C 114 15.00 -31.12 32.12
N ILE C 115 14.87 -31.50 30.86
CA ILE C 115 15.98 -32.06 30.09
C ILE C 115 15.93 -31.55 28.65
N GLU C 116 17.01 -31.80 27.90
CA GLU C 116 17.11 -31.34 26.53
C GLU C 116 16.13 -32.09 25.63
N THR C 117 15.55 -31.36 24.67
CA THR C 117 14.63 -31.94 23.72
C THR C 117 15.37 -32.71 22.62
N PRO C 118 15.04 -33.99 22.42
CA PRO C 118 15.65 -34.72 21.31
C PRO C 118 15.40 -34.06 19.97
N LYS C 119 16.44 -33.98 19.13
CA LYS C 119 16.32 -33.29 17.85
C LYS C 119 15.49 -34.09 16.86
N TYR C 120 15.41 -35.40 17.06
CA TYR C 120 14.56 -36.26 16.25
C TYR C 120 13.39 -36.78 17.10
N LEU C 121 12.41 -37.39 16.44
CA LEU C 121 11.21 -37.85 17.12
C LEU C 121 11.41 -39.25 17.69
N ALA C 122 11.43 -39.35 19.02
CA ALA C 122 11.62 -40.62 19.71
C ALA C 122 10.38 -41.50 19.58
N ASP C 123 10.50 -42.75 20.03
CA ASP C 123 9.41 -43.71 19.92
C ASP C 123 8.67 -43.89 21.26
N LEU C 124 9.42 -44.02 22.35
CA LEU C 124 8.84 -44.22 23.67
C LEU C 124 9.48 -43.30 24.70
N PHE C 125 8.89 -43.21 25.89
CA PHE C 125 9.53 -42.51 27.01
C PHE C 125 9.31 -43.19 28.36
N ASP C 126 10.41 -43.46 29.06
CA ASP C 126 10.33 -44.13 30.36
C ASP C 126 10.17 -43.12 31.49
N TYR C 127 9.07 -43.24 32.25
CA TYR C 127 8.77 -42.28 33.31
C TYR C 127 9.67 -42.46 34.53
N LYS C 128 10.06 -43.70 34.82
CA LYS C 128 10.88 -43.98 35.99
C LYS C 128 12.33 -43.56 35.76
N THR C 129 12.80 -43.73 34.54
CA THR C 129 14.18 -43.41 34.18
C THR C 129 14.33 -41.98 33.70
N LYS C 130 13.21 -41.35 33.32
CA LYS C 130 13.23 -40.03 32.69
C LYS C 130 14.14 -40.06 31.46
N ARG C 131 13.87 -41.01 30.56
CA ARG C 131 14.68 -41.19 29.36
C ARG C 131 13.81 -41.53 28.16
N PHE C 132 14.11 -40.91 27.02
CA PHE C 132 13.44 -41.23 25.77
C PHE C 132 14.02 -42.52 25.18
N ILE C 133 13.20 -43.24 24.42
CA ILE C 133 13.59 -44.54 23.88
C ILE C 133 13.30 -44.60 22.38
N GLU C 134 14.28 -45.13 21.63
CA GLU C 134 14.15 -45.30 20.19
C GLU C 134 14.20 -46.79 19.85
N VAL C 135 13.11 -47.30 19.28
CA VAL C 135 13.01 -48.71 18.95
C VAL C 135 13.38 -48.96 17.49
N GLY C 136 14.17 -50.01 17.25
CA GLY C 136 14.61 -50.38 15.91
C GLY C 136 14.33 -51.83 15.59
N ILE C 137 13.76 -52.06 14.41
CA ILE C 137 13.44 -53.41 13.94
C ILE C 137 14.26 -53.74 12.69
N THR C 138 15.38 -54.45 12.90
CA THR C 138 16.26 -54.81 11.80
C THR C 138 15.98 -56.22 11.29
N LYS C 139 16.62 -56.60 10.20
CA LYS C 139 16.45 -57.93 9.61
C LYS C 139 17.68 -58.79 9.87
N GLY C 140 18.84 -58.30 9.46
CA GLY C 140 20.09 -59.01 9.67
C GLY C 140 20.60 -58.91 11.08
N LEU C 141 21.74 -58.25 11.25
CA LEU C 141 22.37 -58.09 12.56
C LEU C 141 21.87 -56.84 13.27
N ALA C 142 21.83 -56.88 14.60
CA ALA C 142 21.41 -55.74 15.40
C ALA C 142 22.54 -54.74 15.58
N ASP C 143 23.75 -55.28 15.79
CA ASP C 143 24.93 -54.46 15.98
C ASP C 143 25.15 -53.49 14.84
N ASP C 144 24.77 -53.91 13.63
CA ASP C 144 24.88 -53.07 12.45
C ASP C 144 23.92 -51.90 12.51
N TYR C 145 22.69 -52.19 12.94
CA TYR C 145 21.64 -51.18 12.99
C TYR C 145 21.82 -50.25 14.20
N PHE C 146 22.47 -50.74 15.23
CA PHE C 146 22.74 -49.98 16.45
C PHE C 146 23.68 -48.77 16.26
N TRP C 147 24.93 -49.07 15.90
CA TRP C 147 25.95 -48.03 15.82
C TRP C 147 25.67 -47.04 14.68
N LYS C 148 24.77 -47.43 13.77
CA LYS C 148 24.32 -46.51 12.74
C LYS C 148 23.38 -45.47 13.34
N LYS C 149 22.56 -45.90 14.30
CA LYS C 149 21.69 -44.99 15.03
C LYS C 149 22.52 -44.11 15.96
N LYS C 150 23.51 -44.72 16.60
CA LYS C 150 24.42 -43.95 17.47
C LYS C 150 25.01 -42.71 16.77
N GLU C 151 25.18 -42.77 15.46
CA GLU C 151 25.71 -41.63 14.71
C GLU C 151 24.75 -40.44 14.73
N LYS C 152 23.46 -40.73 14.62
CA LYS C 152 22.43 -39.69 14.56
C LYS C 152 22.01 -39.23 15.95
N LEU C 153 21.76 -40.18 16.84
CA LEU C 153 21.19 -39.86 18.15
C LEU C 153 22.25 -39.67 19.23
N GLY C 154 23.50 -40.00 18.92
CA GLY C 154 24.58 -39.87 19.88
C GLY C 154 24.32 -40.70 21.13
N ASN C 155 23.75 -40.05 22.14
CA ASN C 155 23.29 -40.75 23.33
C ASN C 155 22.12 -40.01 23.97
N SER C 156 21.26 -39.47 23.12
CA SER C 156 20.07 -38.76 23.56
C SER C 156 18.98 -39.74 23.99
N MET C 157 18.68 -40.69 23.10
CA MET C 157 17.64 -41.68 23.35
C MET C 157 18.24 -43.04 23.68
N GLU C 158 17.51 -43.84 24.44
CA GLU C 158 17.90 -45.22 24.70
C GLU C 158 17.59 -46.08 23.49
N LEU C 159 18.62 -46.66 22.88
CA LEU C 159 18.43 -47.48 21.68
C LEU C 159 18.04 -48.91 22.04
N MET C 160 16.89 -49.35 21.51
CA MET C 160 16.43 -50.72 21.69
C MET C 160 16.27 -51.39 20.32
N ILE C 161 17.29 -52.14 19.92
CA ILE C 161 17.31 -52.77 18.60
C ILE C 161 16.91 -54.25 18.70
N PHE C 162 16.01 -54.68 17.82
CA PHE C 162 15.55 -56.06 17.78
C PHE C 162 15.55 -56.59 16.35
N SER C 163 15.65 -57.91 16.21
CA SER C 163 15.59 -58.56 14.90
C SER C 163 14.65 -59.75 14.94
N TYR C 164 14.44 -60.37 13.78
CA TYR C 164 13.55 -61.52 13.68
C TYR C 164 14.23 -62.81 14.10
N ASN C 165 15.54 -62.89 13.88
CA ASN C 165 16.29 -64.11 14.15
C ASN C 165 16.94 -64.12 15.53
N GLN C 166 16.18 -63.71 16.54
CA GLN C 166 16.62 -63.79 17.92
C GLN C 166 17.94 -63.04 18.18
N ASP C 167 18.14 -61.92 17.49
CA ASP C 167 19.31 -61.08 17.70
C ASP C 167 18.87 -59.66 18.08
N TYR C 168 19.47 -59.11 19.13
CA TYR C 168 19.05 -57.81 19.65
C TYR C 168 20.22 -57.03 20.25
N SER C 169 19.99 -55.73 20.46
CA SER C 169 20.99 -54.86 21.07
C SER C 169 20.32 -53.76 21.89
N LEU C 170 20.48 -53.84 23.20
CA LEU C 170 19.92 -52.85 24.12
C LEU C 170 21.00 -51.89 24.60
N SER C 171 20.71 -50.59 24.55
CA SER C 171 21.64 -49.59 25.03
C SER C 171 21.80 -49.72 26.55
N ASN C 172 20.67 -49.94 27.23
CA ASN C 172 20.68 -50.13 28.68
C ASN C 172 20.20 -51.54 29.01
N GLU C 173 20.85 -52.18 29.98
CA GLU C 173 20.55 -53.55 30.35
C GLU C 173 19.31 -53.64 31.23
N SER C 174 19.23 -52.75 32.23
CA SER C 174 18.16 -52.80 33.22
C SER C 174 16.86 -52.18 32.70
N SER C 175 16.90 -51.59 31.52
CA SER C 175 15.73 -50.94 30.94
C SER C 175 14.63 -51.94 30.61
N LEU C 176 15.02 -53.04 29.97
CA LEU C 176 14.09 -54.09 29.59
C LEU C 176 14.51 -55.43 30.18
N ASP C 177 13.74 -55.92 31.14
CA ASP C 177 14.07 -57.18 31.81
C ASP C 177 13.76 -58.37 30.90
N GLU C 178 14.40 -59.50 31.20
CA GLU C 178 14.27 -60.74 30.44
C GLU C 178 12.88 -60.99 29.88
N GLU C 179 10.47 -59.61 31.01
CA GLU C 179 9.60 -60.60 30.36
C GLU C 179 9.38 -60.23 28.90
N GLY C 180 9.21 -58.94 28.64
CA GLY C 180 8.91 -58.43 27.32
C GLY C 180 9.88 -58.90 26.24
N LYS C 181 11.16 -59.00 26.60
CA LYS C 181 12.19 -59.42 25.66
C LYS C 181 11.83 -60.75 25.00
N GLY C 182 11.12 -61.60 25.75
CA GLY C 182 10.66 -62.87 25.23
C GLY C 182 9.49 -62.70 24.28
N ARG C 183 8.50 -61.93 24.70
CA ARG C 183 7.30 -61.71 23.91
C ARG C 183 7.61 -61.01 22.58
N VAL C 184 8.53 -60.06 22.61
CA VAL C 184 8.90 -59.33 21.41
C VAL C 184 9.54 -60.25 20.38
N LEU C 185 10.57 -60.98 20.80
CA LEU C 185 11.26 -61.92 19.92
C LEU C 185 10.31 -63.02 19.46
N SER C 186 9.45 -63.47 20.37
CA SER C 186 8.44 -64.46 20.05
C SER C 186 7.50 -63.95 18.96
N ARG C 187 7.02 -62.73 19.13
CA ARG C 187 6.11 -62.11 18.17
C ARG C 187 6.80 -61.90 16.83
N LEU C 188 8.04 -61.41 16.87
CA LEU C 188 8.80 -61.17 15.65
C LEU C 188 9.06 -62.48 14.88
N THR C 189 9.51 -63.50 15.60
CA THR C 189 9.79 -64.80 14.99
C THR C 189 8.50 -65.44 14.48
N GLU C 190 7.42 -65.30 15.25
CA GLU C 190 6.13 -65.85 14.86
C GLU C 190 5.63 -65.16 13.59
N LEU C 191 5.73 -63.84 13.54
CA LEU C 191 5.33 -63.06 12.37
C LEU C 191 6.17 -63.45 11.15
N GLN C 192 7.49 -63.44 11.33
CA GLN C 192 8.41 -63.81 10.26
C GLN C 192 8.12 -65.22 9.76
N ALA C 193 7.78 -66.10 10.70
CA ALA C 193 7.38 -67.46 10.36
C ALA C 193 6.11 -67.43 9.52
N GLU C 194 5.09 -66.70 9.98
CA GLU C 194 3.84 -66.59 9.25
C GLU C 194 4.02 -65.99 7.86
N LEU C 195 4.96 -65.04 7.73
CA LEU C 195 5.25 -64.44 6.43
C LEU C 195 5.96 -65.44 5.52
N SER C 196 7.01 -66.07 6.04
CA SER C 196 7.76 -67.05 5.27
C SER C 196 6.90 -68.27 4.93
N LEU C 197 5.91 -68.54 5.78
CA LEU C 197 4.98 -69.64 5.55
C LEU C 197 4.10 -69.38 4.32
N LYS C 198 3.67 -68.14 4.14
CA LYS C 198 2.73 -67.80 3.07
C LYS C 198 3.40 -66.99 1.95
N ASN C 199 4.71 -67.09 1.86
CA ASN C 199 5.49 -66.48 0.79
C ASN C 199 5.31 -64.97 0.68
N LEU C 200 5.30 -64.29 1.83
CA LEU C 200 5.16 -62.84 1.88
C LEU C 200 6.48 -62.17 2.30
N TRP C 201 7.52 -62.98 2.46
CA TRP C 201 8.82 -62.47 2.89
C TRP C 201 9.60 -61.88 1.72
N GLN C 202 9.51 -62.54 0.57
CA GLN C 202 10.22 -62.12 -0.63
C GLN C 202 9.84 -60.70 -1.07
N VAL C 203 8.59 -60.34 -0.84
CA VAL C 203 8.11 -59.00 -1.19
C VAL C 203 8.69 -57.97 -0.22
N LEU C 204 8.89 -58.38 1.03
CA LEU C 204 9.46 -57.50 2.05
C LEU C 204 10.96 -57.33 1.83
N ILE C 205 11.63 -58.42 1.49
CA ILE C 205 13.07 -58.38 1.23
C ILE C 205 13.37 -57.65 -0.08
N GLY C 206 12.48 -57.79 -1.04
CA GLY C 206 12.62 -57.13 -2.33
C GLY C 206 12.56 -55.62 -2.20
N GLU C 207 13.16 -54.92 -3.16
CA GLU C 207 13.22 -53.47 -3.15
C GLU C 207 11.83 -52.87 -3.40
N GLU C 208 11.58 -51.70 -2.83
CA GLU C 208 10.29 -51.03 -2.97
C GLU C 208 10.43 -49.52 -2.87
N ASP C 209 10.67 -48.87 -4.00
CA ASP C 209 10.76 -47.42 -4.06
C ASP C 209 9.97 -46.90 -5.26
N VAL C 210 9.37 -45.72 -5.12
CA VAL C 210 8.56 -45.13 -6.17
C VAL C 210 8.66 -43.61 -6.15
N GLU C 211 8.52 -42.99 -7.31
CA GLU C 211 8.57 -41.54 -7.43
C GLU C 211 7.26 -40.91 -6.96
N LYS C 212 7.38 -39.77 -6.27
CA LYS C 212 6.23 -39.09 -5.69
C LYS C 212 5.79 -37.88 -6.53
N GLY C 213 5.05 -38.14 -7.60
CA GLY C 213 4.56 -37.08 -8.46
C GLY C 213 3.30 -36.43 -7.90
N ILE C 214 3.07 -35.17 -8.30
CA ILE C 214 1.87 -34.46 -7.89
C ILE C 214 0.66 -34.97 -8.68
N ASP C 215 -0.36 -35.40 -7.96
CA ASP C 215 -1.56 -35.95 -8.58
C ASP C 215 -2.61 -34.88 -8.80
N PHE C 216 -2.82 -34.49 -10.06
CA PHE C 216 -3.84 -33.52 -10.42
C PHE C 216 -4.22 -33.68 -11.88
N LYS C 217 -5.38 -34.32 -12.13
CA LYS C 217 -5.83 -34.61 -13.48
C LYS C 217 -7.27 -34.13 -13.70
N LEU C 218 -7.57 -33.77 -14.95
CA LEU C 218 -8.82 -33.14 -15.29
C LEU C 218 -9.92 -34.15 -15.67
N GLY C 219 -11.14 -33.88 -15.23
CA GLY C 219 -12.27 -34.74 -15.52
C GLY C 219 -12.87 -34.42 -16.87
N GLN C 220 -13.93 -35.15 -17.23
CA GLN C 220 -14.57 -34.99 -18.53
C GLN C 220 -15.23 -33.62 -18.68
N THR C 221 -15.87 -33.14 -17.62
CA THR C 221 -16.60 -31.88 -17.68
C THR C 221 -15.64 -30.71 -17.91
N ILE C 222 -14.67 -30.56 -17.01
CA ILE C 222 -13.73 -29.44 -17.08
C ILE C 222 -12.87 -29.54 -18.34
N SER C 223 -12.55 -30.77 -18.75
CA SER C 223 -11.81 -30.99 -19.98
C SER C 223 -12.65 -30.56 -21.17
N ARG C 224 -13.93 -30.94 -21.15
CA ARG C 224 -14.84 -30.60 -22.23
C ARG C 224 -15.04 -29.08 -22.28
N LEU C 225 -15.04 -28.45 -21.11
CA LEU C 225 -15.07 -26.99 -21.05
C LEU C 225 -13.83 -26.41 -21.68
N ARG C 226 -12.67 -26.93 -21.29
CA ARG C 226 -11.40 -26.46 -21.83
C ARG C 226 -11.34 -26.61 -23.35
N ASP C 227 -11.86 -27.73 -23.86
CA ASP C 227 -11.85 -27.99 -25.29
C ASP C 227 -12.59 -26.91 -26.10
N ILE C 228 -13.62 -26.29 -25.50
CA ILE C 228 -14.38 -25.25 -26.18
C ILE C 228 -14.01 -23.86 -25.69
N SER C 229 -12.84 -23.75 -25.07
CA SER C 229 -12.33 -22.47 -24.59
C SER C 229 -11.13 -22.03 -25.43
N VAL C 230 -11.18 -22.34 -26.72
CA VAL C 230 -10.04 -22.13 -27.61
C VAL C 230 -10.34 -21.07 -28.67
N PRO C 231 -9.28 -20.45 -29.23
CA PRO C 231 -9.49 -19.51 -30.33
C PRO C 231 -10.05 -20.17 -31.59
N ALA C 232 -10.56 -19.36 -32.51
CA ALA C 232 -11.11 -19.89 -33.75
C ALA C 232 -10.02 -20.55 -34.57
N GLY C 233 -10.35 -21.68 -35.17
CA GLY C 233 -9.40 -22.45 -35.97
C GLY C 233 -8.67 -23.48 -35.15
N PHE C 234 -9.36 -24.07 -34.19
CA PHE C 234 -8.80 -25.13 -33.35
C PHE C 234 -9.83 -26.19 -33.01
N SER C 235 -9.53 -27.43 -33.34
CA SER C 235 -10.46 -28.53 -33.11
C SER C 235 -10.64 -28.81 -31.62
N ASN C 236 -9.56 -28.69 -30.87
CA ASN C 236 -9.61 -28.89 -29.42
C ASN C 236 -8.44 -28.23 -28.72
N PHE C 237 -8.36 -28.40 -27.41
CA PHE C 237 -7.34 -27.75 -26.60
C PHE C 237 -5.94 -28.27 -26.90
N GLU C 238 -5.81 -29.58 -27.02
CA GLU C 238 -4.51 -30.21 -27.28
C GLU C 238 -3.86 -29.57 -28.50
N GLY C 239 -4.69 -29.24 -29.49
CA GLY C 239 -4.23 -28.55 -30.69
C GLY C 239 -3.58 -27.22 -30.34
N MET C 240 -4.26 -26.44 -29.51
CA MET C 240 -3.72 -25.14 -29.09
C MET C 240 -2.45 -25.34 -28.27
N ARG C 241 -2.44 -26.34 -27.40
CA ARG C 241 -1.28 -26.61 -26.56
C ARG C 241 -0.05 -26.93 -27.40
N SER C 242 -0.20 -27.90 -28.30
CA SER C 242 0.89 -28.27 -29.20
C SER C 242 1.29 -27.09 -30.07
N TYR C 243 0.30 -26.43 -30.66
CA TYR C 243 0.52 -25.25 -31.50
C TYR C 243 1.38 -24.22 -30.78
N ILE C 244 0.96 -23.84 -29.58
CA ILE C 244 1.71 -22.89 -28.78
C ILE C 244 3.10 -23.42 -28.44
N ASP C 245 3.17 -24.68 -28.03
CA ASP C 245 4.44 -25.27 -27.64
C ASP C 245 5.42 -25.42 -28.80
N ASN C 246 4.89 -25.60 -30.01
CA ASN C 246 5.72 -25.89 -31.18
C ASN C 246 6.00 -24.70 -32.11
N ILE C 247 4.96 -24.16 -32.74
CA ILE C 247 5.13 -23.24 -33.86
C ILE C 247 5.81 -21.92 -33.47
N ASP C 248 6.51 -21.32 -34.44
CA ASP C 248 7.20 -20.05 -34.24
C ASP C 248 6.51 -18.94 -35.03
N PRO C 249 5.94 -17.95 -34.33
CA PRO C 249 5.10 -16.95 -35.01
C PRO C 249 5.83 -15.69 -35.46
N LYS C 250 7.16 -15.65 -35.34
CA LYS C 250 7.91 -14.44 -35.65
C LYS C 250 7.58 -13.91 -37.04
N GLY C 251 7.17 -12.64 -37.10
CA GLY C 251 6.74 -12.01 -38.34
C GLY C 251 5.24 -11.76 -38.36
N ALA C 252 4.52 -12.42 -37.46
CA ALA C 252 3.06 -12.34 -37.41
C ALA C 252 2.56 -10.90 -37.22
N ILE C 253 3.16 -10.19 -36.26
CA ILE C 253 2.75 -8.83 -35.95
C ILE C 253 2.80 -7.97 -37.23
N GLU C 254 3.98 -7.87 -37.83
CA GLU C 254 4.15 -7.03 -39.01
C GLU C 254 3.29 -7.53 -40.16
N ARG C 255 3.18 -8.84 -40.31
CA ARG C 255 2.38 -9.44 -41.38
C ARG C 255 0.90 -9.10 -41.19
N ASN C 256 0.47 -8.97 -39.94
CA ASN C 256 -0.88 -8.51 -39.65
C ASN C 256 -1.03 -7.02 -39.91
N LEU C 257 -0.09 -6.25 -39.39
CA LEU C 257 -0.09 -4.79 -39.55
C LEU C 257 -0.09 -4.40 -41.03
N ALA C 258 0.55 -5.24 -41.85
CA ALA C 258 0.55 -5.02 -43.28
C ALA C 258 -0.87 -5.12 -43.85
N ARG C 259 -1.60 -6.15 -43.45
CA ARG C 259 -2.91 -6.44 -44.04
C ARG C 259 -4.05 -5.70 -43.36
N MET C 260 -3.78 -5.11 -42.20
CA MET C 260 -4.81 -4.36 -41.48
C MET C 260 -5.15 -3.08 -42.23
N SER C 261 -6.41 -2.64 -42.12
CA SER C 261 -6.89 -1.50 -42.89
C SER C 261 -6.22 -0.19 -42.43
N PRO C 262 -5.97 0.73 -43.37
CA PRO C 262 -5.38 2.02 -42.99
C PRO C 262 -6.31 2.85 -42.10
N LEU C 263 -7.60 2.62 -42.22
CA LEU C 263 -8.60 3.38 -41.46
C LEU C 263 -8.34 3.28 -39.96
N VAL C 264 -7.82 2.14 -39.52
CA VAL C 264 -7.41 1.98 -38.13
C VAL C 264 -6.14 2.79 -37.89
N SER C 265 -6.30 3.90 -37.18
CA SER C 265 -5.18 4.77 -36.86
C SER C 265 -5.50 5.57 -35.61
N VAL C 266 -4.61 6.50 -35.27
CA VAL C 266 -4.79 7.32 -34.08
C VAL C 266 -5.21 8.74 -34.50
N THR C 267 -5.05 9.05 -35.79
CA THR C 267 -5.42 10.35 -36.33
C THR C 267 -4.91 11.50 -35.49
N PRO C 268 -3.58 11.65 -35.38
CA PRO C 268 -2.98 12.66 -34.50
C PRO C 268 -3.01 14.07 -35.10
N LYS C 269 -3.08 15.07 -34.24
CA LYS C 269 -3.06 16.46 -34.68
C LYS C 269 -2.34 17.32 -33.65
N LYS C 270 -1.44 18.17 -34.11
CA LYS C 270 -0.71 19.05 -33.21
C LYS C 270 -1.64 20.14 -32.70
N LEU C 271 -1.65 20.33 -31.39
CA LEU C 271 -2.57 21.27 -30.75
C LEU C 271 -2.12 22.71 -30.94
N THR C 272 -3.04 23.54 -31.39
CA THR C 272 -2.83 24.98 -31.50
C THR C 272 -3.91 25.69 -30.70
N TRP C 273 -3.62 26.88 -30.22
CA TRP C 273 -4.51 27.57 -29.29
C TRP C 273 -5.90 27.80 -29.86
N GLU C 274 -6.01 28.10 -31.16
CA GLU C 274 -7.31 28.36 -31.74
C GLU C 274 -8.19 27.11 -31.78
N ASP C 275 -7.57 25.94 -31.62
CA ASP C 275 -8.32 24.69 -31.55
C ASP C 275 -9.05 24.58 -30.22
N LEU C 276 -8.57 25.31 -29.21
CA LEU C 276 -9.20 25.30 -27.90
C LEU C 276 -10.40 26.24 -27.87
N ARG C 277 -11.54 25.74 -28.34
CA ARG C 277 -12.79 26.49 -28.32
C ARG C 277 -13.33 26.54 -26.88
N PRO C 278 -13.96 27.67 -26.49
CA PRO C 278 -14.52 27.76 -25.14
C PRO C 278 -15.46 26.61 -24.78
N ILE C 279 -15.24 26.01 -23.61
CA ILE C 279 -16.04 24.86 -23.19
C ILE C 279 -17.41 25.29 -22.70
N GLY C 280 -18.41 24.46 -22.98
CA GLY C 280 -19.78 24.76 -22.57
C GLY C 280 -20.33 25.97 -23.28
N PRO C 281 -20.70 25.83 -24.56
CA PRO C 281 -21.23 26.96 -25.32
C PRO C 281 -22.64 27.37 -24.90
N HIS C 282 -23.33 26.50 -24.17
CA HIS C 282 -24.73 26.74 -23.83
C HIS C 282 -24.89 27.57 -22.56
N ILE C 283 -23.84 27.63 -21.73
CA ILE C 283 -23.96 28.34 -20.45
C ILE C 283 -24.13 29.84 -20.66
N TYR C 284 -23.83 30.31 -21.87
CA TYR C 284 -23.98 31.73 -22.18
C TYR C 284 -25.35 32.03 -22.80
N ASN C 285 -26.07 30.99 -23.19
CA ASN C 285 -27.37 31.14 -23.83
C ASN C 285 -28.46 31.60 -22.86
N HIS C 286 -29.04 32.76 -23.13
CA HIS C 286 -30.05 33.34 -22.26
C HIS C 286 -31.41 32.65 -22.38
N GLU C 287 -31.55 31.80 -23.39
CA GLU C 287 -32.78 31.06 -23.58
C GLU C 287 -32.97 30.02 -22.47
N LEU C 288 -31.88 29.70 -21.78
CA LEU C 288 -31.92 28.78 -20.65
C LEU C 288 -32.14 29.56 -19.35
N PRO C 289 -32.58 28.86 -18.28
CA PRO C 289 -32.72 29.49 -16.97
C PRO C 289 -31.39 29.54 -16.22
N GLU C 290 -31.07 30.68 -15.61
CA GLU C 290 -29.81 30.80 -14.89
C GLU C 290 -29.80 29.86 -13.68
N VAL C 291 -28.63 29.32 -13.37
CA VAL C 291 -28.51 28.29 -12.34
C VAL C 291 -28.91 28.87 -10.97
N PRO C 292 -29.80 28.15 -10.25
CA PRO C 292 -30.27 28.65 -8.95
C PRO C 292 -29.47 28.13 -7.76
N TYR C 293 -29.43 28.94 -6.71
CA TYR C 293 -28.78 28.56 -5.44
C TYR C 293 -29.37 27.26 -4.93
N ASN C 294 -28.52 26.28 -4.65
CA ASN C 294 -28.96 24.94 -4.31
C ASN C 294 -28.17 24.32 -3.17
N ALA C 295 -27.49 25.15 -2.39
CA ALA C 295 -26.73 24.64 -1.26
C ALA C 295 -27.65 24.23 -0.12
N PHE C 296 -27.05 23.74 0.96
CA PHE C 296 -27.81 23.29 2.11
C PHE C 296 -28.18 24.48 3.00
N LEU C 297 -27.18 25.29 3.32
CA LEU C 297 -27.38 26.51 4.09
C LEU C 297 -26.95 27.73 3.28
N LEU C 298 -27.25 28.92 3.80
CA LEU C 298 -26.79 30.16 3.20
C LEU C 298 -25.32 30.36 3.50
N MET C 299 -24.62 31.08 2.62
CA MET C 299 -23.20 31.32 2.79
C MET C 299 -22.89 32.81 2.99
N SER C 300 -22.92 33.58 1.90
CA SER C 300 -22.61 35.00 1.97
C SER C 300 -23.78 35.78 2.55
N ASP C 301 -24.98 35.35 2.23
CA ASP C 301 -26.18 36.07 2.63
C ASP C 301 -26.57 35.82 4.09
N GLU C 302 -25.77 35.03 4.79
CA GLU C 302 -26.09 34.65 6.16
C GLU C 302 -26.17 35.86 7.09
N LEU C 303 -27.02 35.76 8.10
CA LEU C 303 -27.13 36.79 9.13
C LEU C 303 -27.21 36.12 10.49
N GLY C 304 -26.18 36.32 11.30
CA GLY C 304 -26.09 35.67 12.59
C GLY C 304 -26.45 36.59 13.74
N LEU C 305 -27.42 36.15 14.53
CA LEU C 305 -27.78 36.88 15.75
C LEU C 305 -26.71 36.61 16.81
N ALA C 306 -26.04 37.67 17.22
CA ALA C 306 -24.89 37.56 18.13
C ALA C 306 -25.30 37.69 19.59
N ASN C 307 -24.78 36.79 20.42
CA ASN C 307 -24.99 36.85 21.87
C ASN C 307 -23.69 36.65 22.64
N MET C 308 -23.25 37.71 23.31
CA MET C 308 -22.00 37.65 24.08
C MET C 308 -22.14 36.70 25.26
N THR C 309 -21.15 35.83 25.43
CA THR C 309 -21.16 34.84 26.51
C THR C 309 -19.82 34.78 27.22
N GLU C 310 -19.71 33.85 28.17
CA GLU C 310 -18.44 33.57 28.83
C GLU C 310 -17.44 33.03 27.83
N GLY C 311 -17.96 32.30 26.83
CA GLY C 311 -17.14 31.68 25.81
C GLY C 311 -16.99 30.19 26.06
N LYS C 312 -18.02 29.59 26.66
CA LYS C 312 -18.01 28.18 26.98
C LYS C 312 -19.34 27.53 26.58
N SER C 313 -19.30 26.23 26.33
CA SER C 313 -20.44 25.50 25.79
C SER C 313 -21.66 25.56 26.71
N LYS C 314 -22.82 25.73 26.09
CA LYS C 314 -24.12 25.66 26.77
C LYS C 314 -25.03 24.78 25.93
N LYS C 315 -26.22 24.50 26.43
CA LYS C 315 -27.18 23.69 25.68
C LYS C 315 -27.73 24.52 24.52
N PRO C 316 -27.89 23.90 23.33
CA PRO C 316 -28.25 24.61 22.10
C PRO C 316 -29.59 25.35 22.21
N LYS C 317 -30.57 24.70 22.82
CA LYS C 317 -31.88 25.30 23.03
C LYS C 317 -31.74 26.55 23.89
N THR C 318 -31.00 26.42 24.99
CA THR C 318 -30.75 27.54 25.89
C THR C 318 -30.05 28.68 25.15
N LEU C 319 -29.09 28.32 24.31
CA LEU C 319 -28.36 29.30 23.52
C LEU C 319 -29.31 30.07 22.62
N ALA C 320 -30.06 29.34 21.78
CA ALA C 320 -30.99 29.98 20.86
C ALA C 320 -32.03 30.79 21.62
N LYS C 321 -32.44 30.28 22.78
CA LYS C 321 -33.40 30.95 23.64
C LYS C 321 -32.85 32.30 24.10
N GLU C 322 -31.63 32.30 24.63
CA GLU C 322 -31.02 33.53 25.11
C GLU C 322 -30.74 34.48 23.94
N CYS C 323 -30.33 33.95 22.81
CA CYS C 323 -30.10 34.78 21.62
C CYS C 323 -31.38 35.48 21.21
N LEU C 324 -32.46 34.71 21.10
CA LEU C 324 -33.77 35.25 20.76
C LEU C 324 -34.28 36.18 21.86
N GLU C 325 -33.89 35.88 23.10
CA GLU C 325 -34.20 36.77 24.22
C GLU C 325 -33.56 38.13 24.00
N LYS C 326 -32.29 38.15 23.61
CA LYS C 326 -31.62 39.39 23.24
C LYS C 326 -32.34 40.09 22.08
N TYR C 327 -32.60 39.35 21.00
CA TYR C 327 -33.28 39.91 19.83
C TYR C 327 -34.75 39.49 19.81
N SER C 328 -35.51 39.99 20.78
CA SER C 328 -36.91 39.61 20.95
C SER C 328 -37.81 40.13 19.84
N THR C 329 -37.51 41.33 19.34
CA THR C 329 -38.33 42.00 18.32
C THR C 329 -38.62 41.10 17.13
N LEU C 330 -37.66 40.27 16.76
CA LEU C 330 -37.82 39.35 15.64
C LEU C 330 -38.54 38.08 16.11
N ARG C 331 -38.22 37.66 17.32
CA ARG C 331 -38.78 36.43 17.89
C ARG C 331 -40.28 36.55 18.11
N ASP C 332 -40.71 37.73 18.50
CA ASP C 332 -42.12 37.96 18.81
C ASP C 332 -42.97 38.15 17.57
N GLN C 333 -42.33 38.46 16.44
CA GLN C 333 -43.05 38.71 15.19
C GLN C 333 -43.84 37.48 14.75
N THR C 334 -45.15 37.53 14.97
CA THR C 334 -46.05 36.46 14.54
C THR C 334 -46.80 36.86 13.28
N ASP C 335 -46.55 38.08 12.82
CA ASP C 335 -47.23 38.62 11.64
C ASP C 335 -46.39 38.42 10.39
N PRO C 336 -46.77 37.46 9.52
CA PRO C 336 -45.92 37.14 8.36
C PRO C 336 -46.03 38.16 7.23
N ILE C 337 -44.89 38.69 6.80
CA ILE C 337 -44.84 39.59 5.65
C ILE C 337 -44.13 38.88 4.50
N LEU C 338 -44.90 38.18 3.69
CA LEU C 338 -44.35 37.35 2.62
C LEU C 338 -43.81 38.17 1.46
N ILE C 339 -42.52 37.97 1.16
CA ILE C 339 -41.85 38.70 0.09
C ILE C 339 -41.76 37.85 -1.18
N MET C 340 -41.31 36.62 -1.02
CA MET C 340 -41.17 35.70 -2.15
C MET C 340 -41.52 34.27 -1.73
N LYS C 341 -42.01 33.48 -2.68
CA LYS C 341 -42.57 32.17 -2.36
C LYS C 341 -42.16 31.09 -3.36
N SER C 342 -41.50 30.06 -2.86
CA SER C 342 -41.11 28.91 -3.67
C SER C 342 -42.35 28.28 -4.30
N GLU C 343 -42.26 28.00 -5.60
CA GLU C 343 -43.39 27.53 -6.41
C GLU C 343 -44.33 26.56 -5.69
N LYS C 344 -43.76 25.48 -5.16
CA LYS C 344 -44.55 24.41 -4.55
C LYS C 344 -44.42 24.39 -3.03
N ALA C 345 -44.36 25.56 -2.42
CA ALA C 345 -44.30 25.68 -0.97
C ALA C 345 -45.67 26.06 -0.42
N ASN C 346 -45.79 26.08 0.91
CA ASN C 346 -47.03 26.42 1.59
C ASN C 346 -46.78 27.44 2.70
N GLU C 347 -47.03 28.71 2.39
CA GLU C 347 -46.76 29.82 3.32
C GLU C 347 -47.24 29.52 4.73
N ASN C 348 -48.50 29.11 4.84
CA ASN C 348 -49.12 28.82 6.13
C ASN C 348 -48.37 27.75 6.91
N PHE C 349 -48.12 26.61 6.27
CA PHE C 349 -47.42 25.52 6.91
C PHE C 349 -46.02 25.95 7.36
N LEU C 350 -45.30 26.63 6.46
CA LEU C 350 -43.95 27.06 6.75
C LEU C 350 -43.92 28.05 7.92
N TRP C 351 -44.81 29.03 7.89
CA TRP C 351 -44.82 30.01 8.97
C TRP C 351 -45.26 29.36 10.28
N LYS C 352 -46.23 28.46 10.19
CA LYS C 352 -46.66 27.70 11.36
C LYS C 352 -45.47 26.92 11.92
N LEU C 353 -44.70 26.35 11.01
CA LEU C 353 -43.51 25.58 11.38
C LEU C 353 -42.48 26.48 12.04
N TRP C 354 -42.27 27.67 11.47
CA TRP C 354 -41.35 28.65 12.02
C TRP C 354 -41.75 29.04 13.43
N ARG C 355 -43.02 29.38 13.60
CA ARG C 355 -43.54 29.77 14.90
C ARG C 355 -43.45 28.61 15.90
N ASP C 356 -43.74 27.40 15.43
CA ASP C 356 -43.61 26.22 16.27
C ASP C 356 -42.16 26.07 16.74
N CYS C 357 -41.22 26.24 15.82
CA CYS C 357 -39.80 26.22 16.18
C CYS C 357 -39.45 27.28 17.22
N VAL C 358 -39.72 28.54 16.87
CA VAL C 358 -39.41 29.66 17.76
C VAL C 358 -39.97 29.45 19.16
N ASN C 359 -41.26 29.13 19.23
CA ASN C 359 -41.92 28.94 20.51
C ASN C 359 -41.39 27.70 21.24
N THR C 360 -41.20 26.59 20.50
CA THR C 360 -40.72 25.36 21.10
C THR C 360 -39.36 25.58 21.75
N ILE C 361 -38.47 26.27 21.04
CA ILE C 361 -37.15 26.58 21.58
C ILE C 361 -37.27 27.57 22.73
N SER C 362 -38.12 28.57 22.56
CA SER C 362 -38.26 29.64 23.56
C SER C 362 -38.88 29.17 24.87
N ASN C 363 -39.50 28.00 24.88
CA ASN C 363 -40.24 27.55 26.06
C ASN C 363 -39.30 27.18 27.21
N GLU C 364 -39.89 26.70 28.30
CA GLU C 364 -39.16 26.48 29.54
C GLU C 364 -38.74 25.02 29.75
N GLU C 365 -39.23 24.12 28.91
CA GLU C 365 -38.93 22.70 29.07
C GLU C 365 -37.65 22.28 28.36
N MET C 366 -37.20 21.06 28.65
CA MET C 366 -35.94 20.56 28.13
C MET C 366 -36.03 20.17 26.66
N SER C 367 -37.04 19.38 26.33
CA SER C 367 -37.15 18.76 25.01
C SER C 367 -37.14 19.78 23.87
N ASN C 368 -36.48 19.40 22.78
CA ASN C 368 -36.49 20.18 21.55
C ASN C 368 -37.30 19.43 20.49
N GLU C 369 -38.30 18.68 20.93
CA GLU C 369 -39.14 17.91 20.02
C GLU C 369 -40.29 18.75 19.49
N LEU C 370 -40.64 18.55 18.22
CA LEU C 370 -41.78 19.22 17.62
C LEU C 370 -42.97 18.28 17.57
N GLN C 371 -44.17 18.83 17.73
CA GLN C 371 -45.38 18.06 17.60
C GLN C 371 -45.56 17.68 16.13
N LYS C 372 -45.95 16.44 15.89
CA LYS C 372 -46.03 15.91 14.53
C LYS C 372 -47.31 16.40 13.83
N THR C 373 -47.39 17.70 13.63
CA THR C 373 -48.58 18.33 13.07
C THR C 373 -48.72 18.02 11.58
N ASN C 374 -49.72 18.63 10.95
CA ASN C 374 -49.93 18.45 9.52
C ASN C 374 -48.92 19.25 8.71
N TYR C 375 -48.63 20.47 9.16
CA TYR C 375 -47.67 21.31 8.45
C TYR C 375 -46.28 20.71 8.59
N ALA C 376 -45.97 20.16 9.77
CA ALA C 376 -44.71 19.48 9.99
C ALA C 376 -44.64 18.22 9.13
N LYS C 377 -45.76 17.51 9.03
CA LYS C 377 -45.82 16.29 8.24
C LYS C 377 -45.67 16.60 6.76
N TRP C 378 -46.16 17.76 6.34
CA TRP C 378 -45.96 18.20 4.96
C TRP C 378 -44.52 18.60 4.70
N ALA C 379 -44.01 19.48 5.56
CA ALA C 379 -42.66 20.01 5.40
C ALA C 379 -41.62 18.90 5.52
N THR C 380 -41.90 17.90 6.36
CA THR C 380 -41.02 16.75 6.52
C THR C 380 -41.24 15.74 5.40
N GLY C 381 -42.47 15.65 4.93
CA GLY C 381 -42.83 14.72 3.87
C GLY C 381 -43.21 13.36 4.45
N ASP C 382 -44.22 13.34 5.29
CA ASP C 382 -44.64 12.13 5.97
C ASP C 382 -45.36 11.18 5.01
N GLY C 383 -45.09 9.89 5.15
CA GLY C 383 -45.78 8.86 4.39
C GLY C 383 -45.69 8.98 2.87
N LEU C 384 -44.72 9.75 2.40
CA LEU C 384 -44.61 9.99 0.95
C LEU C 384 -43.94 8.83 0.22
N THR C 385 -43.38 7.87 0.97
CA THR C 385 -42.78 6.70 0.33
C THR C 385 -43.85 5.84 -0.30
N TYR C 386 -43.52 5.21 -1.41
CA TYR C 386 -44.44 4.32 -2.10
C TYR C 386 -44.55 3.00 -1.33
N GLN C 387 -45.66 2.28 -1.52
CA GLN C 387 -45.85 1.00 -0.87
C GLN C 387 -45.27 -0.13 -1.70
N LYS C 388 -44.50 -0.99 -1.06
CA LYS C 388 -43.92 -2.14 -1.72
C LYS C 388 -44.97 -3.24 -1.86
N ILE C 389 -44.94 -3.96 -2.98
CA ILE C 389 -45.87 -5.04 -3.23
C ILE C 389 -45.18 -6.22 -3.92
N MET C 390 -45.90 -7.33 -4.02
CA MET C 390 -45.38 -8.54 -4.65
C MET C 390 -45.19 -8.34 -6.15
N LYS C 391 -44.14 -8.93 -6.69
CA LYS C 391 -43.88 -8.91 -8.11
C LYS C 391 -45.06 -9.50 -8.87
N GLU C 392 -45.68 -10.52 -8.28
CA GLU C 392 -46.81 -11.20 -8.89
C GLU C 392 -47.94 -10.22 -9.19
N VAL C 393 -48.13 -9.27 -8.29
CA VAL C 393 -49.14 -8.23 -8.47
C VAL C 393 -48.70 -7.24 -9.53
N ALA C 394 -47.52 -6.68 -9.34
CA ALA C 394 -46.99 -5.64 -10.22
C ALA C 394 -46.92 -6.10 -11.67
N ILE C 395 -46.65 -7.39 -11.86
CA ILE C 395 -46.60 -7.95 -13.21
C ILE C 395 -47.99 -7.91 -13.86
N ASP C 396 -49.03 -8.21 -13.09
CA ASP C 396 -50.39 -8.17 -13.58
C ASP C 396 -50.87 -6.74 -13.80
N ASP C 397 -50.48 -5.84 -12.90
CA ASP C 397 -50.87 -4.44 -12.99
C ASP C 397 -50.21 -3.79 -14.19
N GLU C 398 -51.02 -3.49 -15.20
CA GLU C 398 -50.51 -2.98 -16.47
C GLU C 398 -50.24 -1.49 -16.43
N THR C 399 -50.77 -0.81 -15.42
CA THR C 399 -50.57 0.63 -15.29
C THR C 399 -49.18 0.94 -14.77
N MET C 400 -48.57 -0.01 -14.07
CA MET C 400 -47.23 0.17 -13.51
C MET C 400 -46.17 0.13 -14.59
N CYS C 401 -45.25 1.09 -14.52
CA CYS C 401 -44.18 1.19 -15.51
C CYS C 401 -42.88 1.66 -14.86
N GLN C 402 -41.77 1.39 -15.54
CA GLN C 402 -40.48 1.90 -15.13
C GLN C 402 -40.43 3.40 -15.39
N GLU C 403 -40.12 4.18 -14.36
CA GLU C 403 -40.08 5.63 -14.49
C GLU C 403 -38.90 6.08 -15.32
N GLU C 404 -39.15 7.00 -16.24
CA GLU C 404 -38.07 7.65 -16.96
C GLU C 404 -37.24 8.46 -15.96
N PRO C 405 -35.91 8.31 -15.99
CA PRO C 405 -35.11 8.97 -14.95
C PRO C 405 -35.04 10.47 -15.11
N LYS C 406 -35.01 11.20 -13.99
CA LYS C 406 -34.87 12.64 -14.02
C LYS C 406 -33.43 13.03 -14.32
N ILE C 407 -33.24 13.77 -15.42
CA ILE C 407 -31.92 14.22 -15.83
C ILE C 407 -31.78 15.70 -15.47
N PRO C 408 -30.61 16.09 -14.92
CA PRO C 408 -30.36 17.49 -14.54
C PRO C 408 -30.68 18.47 -15.66
N ASN C 409 -31.27 19.61 -15.29
CA ASN C 409 -31.64 20.63 -16.26
C ASN C 409 -30.42 21.40 -16.75
N LYS C 410 -30.54 22.00 -17.93
CA LYS C 410 -29.45 22.76 -18.52
C LYS C 410 -29.54 24.23 -18.16
N CYS C 411 -28.85 24.61 -17.09
CA CYS C 411 -28.85 26.00 -16.63
C CYS C 411 -27.79 26.83 -17.33
N ARG C 412 -27.92 28.15 -17.25
CA ARG C 412 -26.93 29.10 -17.78
C ARG C 412 -26.22 29.77 -16.61
N VAL C 413 -25.23 30.61 -16.93
CA VAL C 413 -24.41 31.26 -15.90
C VAL C 413 -25.21 32.23 -15.05
N ALA C 414 -24.89 32.29 -13.75
CA ALA C 414 -25.52 33.23 -12.82
C ALA C 414 -24.47 33.95 -11.99
N ALA C 415 -24.69 35.24 -11.76
CA ALA C 415 -23.68 36.10 -11.14
C ALA C 415 -23.60 35.94 -9.63
N TRP C 416 -24.59 35.29 -9.03
CA TRP C 416 -24.61 35.13 -7.59
C TRP C 416 -23.45 34.23 -7.16
N VAL C 417 -23.05 33.33 -8.04
CA VAL C 417 -21.87 32.50 -7.78
C VAL C 417 -20.63 33.38 -7.74
N GLN C 418 -20.45 34.16 -8.80
CA GLN C 418 -19.34 35.09 -8.89
C GLN C 418 -19.26 35.95 -7.63
N THR C 419 -20.41 36.51 -7.23
CA THR C 419 -20.44 37.36 -6.03
C THR C 419 -20.13 36.54 -4.78
N GLU C 420 -20.66 35.33 -4.71
CA GLU C 420 -20.38 34.43 -3.59
C GLU C 420 -18.88 34.24 -3.47
N MET C 421 -18.23 34.05 -4.61
CA MET C 421 -16.77 33.89 -4.65
C MET C 421 -16.08 35.17 -4.21
N ASN C 422 -16.53 36.31 -4.76
CA ASN C 422 -15.96 37.60 -4.40
C ASN C 422 -16.06 37.89 -2.91
N LEU C 423 -17.17 37.49 -2.30
CA LEU C 423 -17.44 37.82 -0.90
C LEU C 423 -16.84 36.82 0.08
N LEU C 424 -17.02 35.52 -0.19
CA LEU C 424 -16.56 34.49 0.72
C LEU C 424 -15.05 34.54 0.93
N SER C 425 -14.35 35.12 -0.04
CA SER C 425 -12.89 35.19 0.01
C SER C 425 -12.39 36.43 0.74
N THR C 426 -13.32 37.27 1.18
CA THR C 426 -12.98 38.56 1.76
C THR C 426 -12.73 38.45 3.26
N LEU C 427 -12.02 39.42 3.81
CA LEU C 427 -11.68 39.42 5.24
C LEU C 427 -12.82 39.97 6.09
N THR C 428 -12.81 39.59 7.36
CA THR C 428 -13.73 40.14 8.35
C THR C 428 -12.96 40.43 9.62
N SER C 429 -13.65 40.86 10.67
CA SER C 429 -13.02 41.08 11.97
C SER C 429 -13.47 39.99 12.95
N LYS C 430 -13.98 38.89 12.40
CA LYS C 430 -14.59 37.83 13.19
C LYS C 430 -13.95 36.46 12.91
N ARG C 431 -13.38 35.86 13.96
CA ARG C 431 -12.77 34.53 13.86
C ARG C 431 -13.74 33.46 14.33
N ALA C 432 -13.84 32.37 13.57
CA ALA C 432 -14.85 31.35 13.81
C ALA C 432 -14.27 29.97 14.15
N LEU C 433 -13.00 29.75 13.80
CA LEU C 433 -12.40 28.42 13.95
C LEU C 433 -12.28 27.99 15.41
N ASP C 434 -12.32 26.67 15.62
CA ASP C 434 -12.28 26.07 16.96
C ASP C 434 -11.03 25.19 17.12
N LEU C 435 -9.90 25.66 16.63
CA LEU C 435 -8.69 24.85 16.59
C LEU C 435 -8.16 24.51 17.98
N PRO C 436 -8.06 23.20 18.31
CA PRO C 436 -7.63 22.77 19.65
C PRO C 436 -6.13 22.94 19.89
N GLU C 437 -5.67 22.58 21.08
CA GLU C 437 -4.27 22.75 21.47
C GLU C 437 -3.38 21.64 20.91
N ILE C 438 -2.07 21.89 20.89
CA ILE C 438 -1.09 20.89 20.51
C ILE C 438 0.06 20.90 21.51
N GLY C 439 0.99 19.98 21.35
CA GLY C 439 2.12 19.87 22.26
C GLY C 439 3.05 21.06 22.17
N PRO C 440 3.92 21.22 23.18
CA PRO C 440 4.84 22.36 23.20
C PRO C 440 5.93 22.21 22.14
N ASP C 441 6.40 23.33 21.60
CA ASP C 441 7.46 23.31 20.59
C ASP C 441 8.82 23.05 21.22
N VAL C 442 9.64 22.27 20.53
CA VAL C 442 10.99 21.97 20.97
C VAL C 442 11.95 22.12 19.80
N ALA C 443 11.73 21.34 18.74
CA ALA C 443 12.57 21.41 17.57
C ALA C 443 12.32 22.71 16.81
N PRO C 444 13.36 23.27 16.15
CA PRO C 444 13.20 24.49 15.35
C PRO C 444 12.09 24.41 14.32
N VAL C 445 11.94 23.24 13.70
CA VAL C 445 10.92 23.03 12.70
C VAL C 445 9.54 23.37 13.26
N GLU C 446 9.31 22.97 14.51
CA GLU C 446 8.04 23.21 15.18
C GLU C 446 7.82 24.69 15.45
N HIS C 447 8.90 25.40 15.75
CA HIS C 447 8.83 26.84 15.97
C HIS C 447 8.57 27.56 14.65
N VAL C 448 9.21 27.10 13.58
CA VAL C 448 8.98 27.67 12.26
C VAL C 448 7.54 27.44 11.83
N GLY C 449 7.05 26.23 12.04
CA GLY C 449 5.67 25.89 11.76
C GLY C 449 4.71 26.75 12.56
N SER C 450 4.93 26.80 13.87
CA SER C 450 4.09 27.60 14.76
C SER C 450 4.09 29.07 14.35
N GLU C 451 5.27 29.58 13.99
CA GLU C 451 5.39 30.96 13.53
C GLU C 451 4.71 31.15 12.18
N ARG C 452 4.74 30.11 11.35
CA ARG C 452 4.04 30.15 10.06
C ARG C 452 2.53 30.16 10.22
N ARG C 453 2.05 29.35 11.17
CA ARG C 453 0.60 29.24 11.40
C ARG C 453 0.00 30.61 11.72
N LYS C 454 0.72 31.43 12.48
CA LYS C 454 0.26 32.78 12.81
C LYS C 454 -0.07 33.58 11.55
N TYR C 455 0.65 33.32 10.48
CA TYR C 455 0.42 33.99 9.21
C TYR C 455 -0.63 33.26 8.39
N PHE C 456 -0.46 31.94 8.25
CA PHE C 456 -1.32 31.13 7.40
C PHE C 456 -2.73 30.98 7.95
N VAL C 457 -2.86 30.53 9.19
CA VAL C 457 -4.16 30.24 9.79
C VAL C 457 -5.02 31.50 9.88
N ASN C 458 -4.53 32.50 10.62
CA ASN C 458 -5.29 33.73 10.83
C ASN C 458 -5.78 34.38 9.55
N GLU C 459 -5.02 34.21 8.47
CA GLU C 459 -5.41 34.78 7.18
C GLU C 459 -6.71 34.16 6.68
N ILE C 460 -6.94 32.89 7.05
CA ILE C 460 -8.18 32.21 6.69
C ILE C 460 -9.24 32.43 7.76
N ASN C 461 -8.84 32.26 9.02
CA ASN C 461 -9.76 32.39 10.15
C ASN C 461 -10.53 33.71 10.15
N TYR C 462 -9.84 34.79 9.84
CA TYR C 462 -10.45 36.12 9.79
C TYR C 462 -11.36 36.31 8.59
N CYS C 463 -11.25 35.43 7.59
CA CYS C 463 -12.01 35.59 6.36
C CYS C 463 -13.41 34.98 6.51
N LYS C 464 -14.27 35.26 5.53
CA LYS C 464 -15.67 34.88 5.59
C LYS C 464 -15.89 33.36 5.54
N ALA C 465 -15.39 32.75 4.47
CA ALA C 465 -15.58 31.33 4.20
C ALA C 465 -15.35 30.44 5.43
N SER C 466 -14.47 30.88 6.33
CA SER C 466 -14.16 30.13 7.54
C SER C 466 -15.41 29.95 8.41
N THR C 467 -16.11 31.05 8.65
CA THR C 467 -17.31 31.04 9.46
C THR C 467 -18.40 30.16 8.83
N VAL C 468 -18.63 30.36 7.53
CA VAL C 468 -19.57 29.54 6.78
C VAL C 468 -19.23 28.06 6.96
N MET C 469 -17.97 27.72 6.76
CA MET C 469 -17.51 26.35 6.92
C MET C 469 -17.82 25.83 8.33
N MET C 470 -17.32 26.53 9.34
CA MET C 470 -17.54 26.14 10.72
C MET C 470 -19.03 25.95 11.01
N LYS C 471 -19.85 26.81 10.41
CA LYS C 471 -21.29 26.70 10.53
C LYS C 471 -21.75 25.34 9.98
N TYR C 472 -21.41 25.07 8.72
CA TYR C 472 -21.73 23.78 8.11
C TYR C 472 -21.29 22.60 9.00
N VAL C 473 -20.03 22.62 9.41
CA VAL C 473 -19.47 21.57 10.24
C VAL C 473 -20.27 21.36 11.52
N LEU C 474 -20.32 22.40 12.34
CA LEU C 474 -20.98 22.31 13.64
C LEU C 474 -22.46 21.96 13.48
N PHE C 475 -23.09 22.43 12.43
CA PHE C 475 -24.48 22.08 12.18
C PHE C 475 -24.61 20.59 11.88
N HIS C 476 -23.91 20.13 10.84
CA HIS C 476 -23.96 18.73 10.45
C HIS C 476 -23.62 17.80 11.61
N THR C 477 -22.67 18.24 12.44
CA THR C 477 -22.28 17.47 13.62
C THR C 477 -23.48 17.12 14.49
N SER C 478 -24.31 18.12 14.79
CA SER C 478 -25.47 17.92 15.65
C SER C 478 -26.61 17.25 14.90
N LEU C 479 -26.84 17.67 13.66
CA LEU C 479 -27.87 17.08 12.80
C LEU C 479 -27.70 15.58 12.69
N LEU C 480 -26.46 15.13 12.51
CA LEU C 480 -26.17 13.69 12.47
C LEU C 480 -26.52 13.03 13.79
N ASN C 481 -26.22 13.71 14.90
CA ASN C 481 -26.47 13.14 16.22
C ASN C 481 -27.96 12.99 16.47
N GLU C 482 -28.72 14.03 16.17
CA GLU C 482 -30.17 13.97 16.31
C GLU C 482 -30.73 12.91 15.37
N SER C 483 -30.21 12.84 14.16
CA SER C 483 -30.69 11.89 13.14
C SER C 483 -30.65 10.44 13.62
N ASN C 484 -29.70 10.11 14.49
CA ASN C 484 -29.54 8.76 14.99
C ASN C 484 -30.14 8.59 16.38
N ALA C 485 -29.96 9.60 17.22
CA ALA C 485 -30.43 9.55 18.61
C ALA C 485 -31.95 9.60 18.66
N SER C 486 -32.53 10.49 17.86
CA SER C 486 -33.97 10.68 17.82
C SER C 486 -34.52 10.47 16.41
N MET C 487 -34.66 9.20 16.03
CA MET C 487 -35.03 8.84 14.66
C MET C 487 -36.46 9.23 14.30
N GLY C 488 -37.41 8.76 15.09
CA GLY C 488 -38.82 8.97 14.81
C GLY C 488 -39.35 10.30 15.26
N LYS C 489 -38.55 11.04 16.03
CA LYS C 489 -38.98 12.32 16.58
C LYS C 489 -38.59 13.49 15.68
N TYR C 490 -39.59 14.29 15.30
CA TYR C 490 -39.30 15.56 14.66
C TYR C 490 -38.64 16.43 15.72
N LYS C 491 -37.46 16.97 15.43
CA LYS C 491 -36.76 17.82 16.38
C LYS C 491 -36.24 19.11 15.76
N VAL C 492 -36.20 20.15 16.57
CA VAL C 492 -35.73 21.46 16.13
C VAL C 492 -34.27 21.61 16.54
N ILE C 493 -33.45 22.01 15.55
CA ILE C 493 -32.01 22.15 15.76
C ILE C 493 -31.58 23.56 15.35
N PRO C 494 -30.86 24.27 16.23
CA PRO C 494 -30.42 25.62 15.89
C PRO C 494 -29.16 25.65 15.04
N ILE C 495 -29.07 26.64 14.15
CA ILE C 495 -27.89 26.84 13.32
C ILE C 495 -26.89 27.72 14.08
N THR C 496 -26.06 27.08 14.91
CA THR C 496 -25.22 27.78 15.87
C THR C 496 -23.78 27.91 15.39
N ASN C 497 -23.11 28.99 15.80
CA ASN C 497 -21.67 29.12 15.59
C ASN C 497 -21.04 30.14 16.53
N ARG C 498 -20.09 29.69 17.36
CA ARG C 498 -19.39 30.61 18.26
C ARG C 498 -18.34 31.40 17.49
N VAL C 499 -18.18 32.67 17.83
CA VAL C 499 -17.32 33.58 17.10
C VAL C 499 -16.58 34.53 18.04
N VAL C 500 -15.35 34.88 17.69
CA VAL C 500 -14.55 35.80 18.49
C VAL C 500 -14.13 37.01 17.66
N ASN C 501 -14.35 38.20 18.22
CA ASN C 501 -13.99 39.45 17.54
C ASN C 501 -12.56 39.85 17.90
N GLU C 502 -12.05 40.86 17.21
CA GLU C 502 -10.66 41.27 17.35
C GLU C 502 -10.31 41.68 18.78
N LYS C 503 -11.30 42.15 19.53
CA LYS C 503 -11.09 42.52 20.93
C LYS C 503 -10.94 41.29 21.83
N GLY C 504 -11.47 40.17 21.36
CA GLY C 504 -11.38 38.91 22.08
C GLY C 504 -12.58 38.66 22.98
N GLU C 505 -13.77 38.75 22.39
CA GLU C 505 -15.02 38.54 23.11
C GLU C 505 -15.84 37.47 22.40
N SER C 506 -16.26 36.45 23.13
CA SER C 506 -16.96 35.31 22.53
C SER C 506 -18.43 35.59 22.25
N PHE C 507 -18.77 35.85 20.99
CA PHE C 507 -20.15 36.01 20.58
C PHE C 507 -20.70 34.71 20.00
N ASP C 508 -21.79 34.21 20.57
CA ASP C 508 -22.50 33.08 19.99
C ASP C 508 -23.41 33.56 18.87
N MET C 509 -23.25 32.98 17.69
CA MET C 509 -24.02 33.37 16.51
C MET C 509 -25.11 32.35 16.19
N LEU C 510 -26.34 32.84 16.10
CA LEU C 510 -27.48 32.04 15.65
C LEU C 510 -27.97 32.52 14.29
N TYR C 511 -27.74 31.73 13.26
CA TYR C 511 -28.05 32.13 11.90
C TYR C 511 -29.48 31.77 11.50
N GLY C 512 -30.08 30.84 12.22
CA GLY C 512 -31.43 30.40 11.92
C GLY C 512 -31.81 29.13 12.66
N LEU C 513 -32.94 28.55 12.30
CA LEU C 513 -33.44 27.34 12.94
C LEU C 513 -33.83 26.30 11.89
N ALA C 514 -33.56 25.04 12.18
CA ALA C 514 -33.81 23.96 11.24
C ALA C 514 -34.68 22.86 11.83
N VAL C 515 -35.55 22.30 11.00
CA VAL C 515 -36.44 21.23 11.41
C VAL C 515 -35.96 19.91 10.85
N LYS C 516 -35.67 18.97 11.76
CA LYS C 516 -35.24 17.63 11.40
C LYS C 516 -36.43 16.74 11.12
N GLY C 517 -36.41 16.10 9.95
CA GLY C 517 -37.47 15.19 9.57
C GLY C 517 -37.34 13.84 10.24
N GLN C 518 -38.08 12.87 9.73
CA GLN C 518 -38.04 11.51 10.25
C GLN C 518 -36.80 10.81 9.71
N SER C 519 -35.94 10.34 10.61
CA SER C 519 -34.65 9.78 10.23
C SER C 519 -34.44 8.34 10.71
N HIS C 520 -35.19 7.42 10.11
CA HIS C 520 -34.90 6.00 10.24
C HIS C 520 -33.99 5.60 9.08
N LEU C 521 -32.76 6.10 9.12
CA LEU C 521 -31.83 5.94 8.02
C LEU C 521 -31.10 4.61 8.09
N ARG C 522 -31.43 3.72 7.15
CA ARG C 522 -30.77 2.42 7.05
C ARG C 522 -29.56 2.52 6.14
N GLY C 523 -29.80 2.56 4.84
CA GLY C 523 -28.73 2.72 3.87
C GLY C 523 -28.07 4.07 4.05
N ASP C 524 -26.80 4.16 3.69
CA ASP C 524 -26.04 5.39 3.84
C ASP C 524 -26.65 6.51 2.99
N THR C 525 -27.21 6.14 1.85
CA THR C 525 -27.77 7.10 0.91
C THR C 525 -29.18 7.53 1.28
N ASP C 526 -29.79 6.82 2.24
CA ASP C 526 -31.15 7.14 2.66
C ASP C 526 -31.24 8.59 3.13
N VAL C 527 -32.30 9.27 2.69
CA VAL C 527 -32.44 10.70 2.90
C VAL C 527 -33.26 11.06 4.13
N VAL C 528 -32.78 12.07 4.85
CA VAL C 528 -33.57 12.73 5.88
C VAL C 528 -33.86 14.16 5.42
N THR C 529 -35.14 14.52 5.44
CA THR C 529 -35.56 15.84 4.99
C THR C 529 -35.38 16.85 6.12
N VAL C 530 -34.70 17.94 5.82
CA VAL C 530 -34.43 18.98 6.81
C VAL C 530 -34.93 20.32 6.28
N VAL C 531 -35.71 21.02 7.09
CA VAL C 531 -36.29 22.30 6.69
C VAL C 531 -35.54 23.47 7.32
N THR C 532 -35.00 24.35 6.49
CA THR C 532 -34.17 25.45 6.96
C THR C 532 -34.93 26.77 7.05
N PHE C 533 -34.82 27.43 8.20
CA PHE C 533 -35.28 28.80 8.38
C PHE C 533 -34.10 29.68 8.77
N GLU C 534 -33.63 30.49 7.83
CA GLU C 534 -32.37 31.23 8.02
C GLU C 534 -32.52 32.74 7.88
N PHE C 535 -32.03 33.47 8.88
CA PHE C 535 -32.05 34.92 8.86
C PHE C 535 -31.22 35.46 7.71
N SER C 536 -31.64 36.59 7.13
CA SER C 536 -30.86 37.25 6.09
C SER C 536 -31.10 38.76 6.05
N SER C 537 -30.25 39.46 5.32
CA SER C 537 -30.41 40.89 5.07
C SER C 537 -30.57 41.17 3.58
N THR C 538 -30.73 40.09 2.81
CA THR C 538 -30.79 40.20 1.36
C THR C 538 -32.23 40.25 0.85
N ASP C 539 -32.52 41.24 0.03
CA ASP C 539 -33.84 41.39 -0.57
C ASP C 539 -33.92 40.52 -1.82
N PRO C 540 -34.61 39.37 -1.74
CA PRO C 540 -34.58 38.39 -2.84
C PRO C 540 -35.07 38.93 -4.17
N ARG C 541 -35.87 39.99 -4.14
CA ARG C 541 -36.39 40.60 -5.36
C ARG C 541 -35.26 41.13 -6.23
N VAL C 542 -34.13 41.44 -5.59
CA VAL C 542 -32.96 41.97 -6.30
C VAL C 542 -32.40 40.92 -7.26
N ASP C 543 -32.22 39.69 -6.76
CA ASP C 543 -31.68 38.60 -7.56
C ASP C 543 -32.58 37.37 -7.46
N SER C 544 -33.82 37.54 -7.94
CA SER C 544 -34.85 36.51 -7.83
C SER C 544 -34.42 35.17 -8.43
N GLY C 545 -33.65 35.21 -9.51
CA GLY C 545 -33.19 34.01 -10.18
C GLY C 545 -32.38 33.12 -9.27
N LYS C 546 -31.90 33.70 -8.17
CA LYS C 546 -31.07 32.97 -7.21
C LYS C 546 -31.91 32.10 -6.28
N TRP C 547 -33.16 32.50 -6.04
CA TRP C 547 -33.94 31.94 -4.94
C TRP C 547 -35.24 31.23 -5.35
N PRO C 548 -35.26 30.54 -6.50
CA PRO C 548 -36.54 29.91 -6.84
C PRO C 548 -36.90 28.74 -5.92
N LYS C 549 -35.92 28.25 -5.16
CA LYS C 549 -36.15 27.14 -4.25
C LYS C 549 -36.53 27.63 -2.85
N TYR C 550 -36.56 28.95 -2.66
CA TYR C 550 -36.75 29.53 -1.34
C TYR C 550 -38.09 30.26 -1.18
N THR C 551 -38.52 30.37 0.08
CA THR C 551 -39.69 31.16 0.45
C THR C 551 -39.26 32.18 1.49
N VAL C 552 -39.38 33.46 1.14
CA VAL C 552 -38.80 34.53 1.94
C VAL C 552 -39.84 35.39 2.64
N PHE C 553 -39.72 35.49 3.97
CA PHE C 553 -40.54 36.41 4.76
C PHE C 553 -39.72 37.64 5.15
N ARG C 554 -40.42 38.64 5.69
CA ARG C 554 -39.81 39.87 6.18
C ARG C 554 -40.25 40.07 7.62
N ILE C 555 -39.33 39.83 8.55
CA ILE C 555 -39.68 39.67 9.96
C ILE C 555 -39.11 40.75 10.89
N GLY C 556 -38.67 41.87 10.33
CA GLY C 556 -38.20 42.98 11.15
C GLY C 556 -37.01 43.73 10.57
N SER C 557 -36.26 44.38 11.46
CA SER C 557 -35.11 45.17 11.06
C SER C 557 -34.08 45.28 12.17
N LEU C 558 -32.83 45.55 11.80
CA LEU C 558 -31.75 45.67 12.77
C LEU C 558 -30.77 46.78 12.41
N PHE C 559 -30.19 47.41 13.42
CA PHE C 559 -29.12 48.39 13.22
C PHE C 559 -27.80 47.67 12.98
N VAL C 560 -27.56 47.29 11.72
CA VAL C 560 -26.41 46.48 11.35
C VAL C 560 -25.12 47.29 11.41
N SER C 561 -24.86 48.07 10.37
CA SER C 561 -23.67 48.91 10.31
C SER C 561 -24.01 50.35 10.68
N GLY C 562 -24.66 50.50 11.84
CA GLY C 562 -25.13 51.79 12.30
C GLY C 562 -26.55 52.06 11.81
N ARG C 563 -26.77 51.81 10.52
CA ARG C 563 -28.07 52.06 9.88
C ARG C 563 -28.99 50.85 9.95
N GLU C 564 -30.28 51.10 9.76
CA GLU C 564 -31.29 50.05 9.79
C GLU C 564 -31.23 49.16 8.54
N LYS C 565 -31.37 47.85 8.75
CA LYS C 565 -31.44 46.89 7.66
C LYS C 565 -32.58 45.91 7.89
N SER C 566 -33.32 45.61 6.83
CA SER C 566 -34.48 44.74 6.91
C SER C 566 -34.10 43.27 7.04
N VAL C 567 -34.56 42.64 8.10
CA VAL C 567 -34.27 41.23 8.37
C VAL C 567 -35.28 40.32 7.68
N TYR C 568 -34.82 39.52 6.73
CA TYR C 568 -35.67 38.55 6.05
C TYR C 568 -35.44 37.15 6.60
N LEU C 569 -36.47 36.31 6.50
CA LEU C 569 -36.37 34.90 6.89
C LEU C 569 -36.47 34.01 5.67
N TYR C 570 -35.38 33.36 5.32
CA TYR C 570 -35.36 32.45 4.19
C TYR C 570 -35.76 31.05 4.63
N CYS C 571 -36.92 30.61 4.12
CA CYS C 571 -37.50 29.32 4.48
C CYS C 571 -37.39 28.34 3.32
N ARG C 572 -36.86 27.14 3.58
CA ARG C 572 -36.72 26.15 2.53
C ARG C 572 -36.78 24.71 3.02
N VAL C 573 -37.43 23.85 2.22
CA VAL C 573 -37.43 22.41 2.45
C VAL C 573 -36.20 21.79 1.78
N ASN C 574 -35.36 21.15 2.60
CA ASN C 574 -34.11 20.58 2.12
C ASN C 574 -33.96 19.12 2.56
N GLY C 575 -32.83 18.51 2.25
CA GLY C 575 -32.59 17.12 2.62
C GLY C 575 -31.14 16.70 2.51
N THR C 576 -30.75 15.76 3.37
CA THR C 576 -29.37 15.27 3.38
C THR C 576 -29.35 13.78 3.75
N ASN C 577 -28.16 13.24 3.96
CA ASN C 577 -28.00 11.84 4.35
C ASN C 577 -26.71 11.60 5.11
N LYS C 578 -26.60 10.39 5.68
CA LYS C 578 -25.45 10.02 6.52
C LYS C 578 -24.11 10.37 5.89
N ILE C 579 -23.96 10.02 4.61
CA ILE C 579 -22.74 10.33 3.88
C ILE C 579 -22.41 11.82 3.94
N GLN C 580 -23.32 12.65 3.48
CA GLN C 580 -23.08 14.09 3.37
C GLN C 580 -22.93 14.77 4.73
N MET C 581 -23.58 14.21 5.74
CA MET C 581 -23.44 14.73 7.10
C MET C 581 -22.05 14.43 7.60
N LYS C 582 -21.60 13.19 7.38
CA LYS C 582 -20.24 12.81 7.74
C LYS C 582 -19.22 13.70 7.02
N TRP C 583 -19.37 13.81 5.69
CA TRP C 583 -18.48 14.64 4.91
C TRP C 583 -18.58 16.10 5.32
N GLY C 584 -19.74 16.50 5.83
CA GLY C 584 -19.88 17.79 6.46
C GLY C 584 -19.02 17.88 7.69
N MET C 585 -19.12 16.89 8.57
CA MET C 585 -18.32 16.88 9.79
C MET C 585 -16.82 16.92 9.48
N GLU C 586 -16.44 16.39 8.32
CA GLU C 586 -15.05 16.38 7.89
C GLU C 586 -14.82 17.41 6.79
N ALA C 587 -15.06 18.68 7.13
CA ALA C 587 -14.94 19.77 6.17
C ALA C 587 -13.90 20.80 6.60
N ARG C 588 -13.41 20.67 7.83
CA ARG C 588 -12.32 21.51 8.31
C ARG C 588 -11.08 21.34 7.43
N ARG C 589 -10.95 20.16 6.85
CA ARG C 589 -9.81 19.82 6.03
C ARG C 589 -9.62 20.80 4.87
N CYS C 590 -10.72 21.46 4.48
CA CYS C 590 -10.69 22.52 3.48
C CYS C 590 -9.56 23.51 3.74
N LEU C 591 -9.15 23.62 5.00
CA LEU C 591 -7.94 24.34 5.35
C LEU C 591 -6.72 23.70 4.67
N LEU C 592 -6.48 22.44 4.99
CA LEU C 592 -5.20 21.80 4.68
C LEU C 592 -4.88 21.87 3.20
N GLN C 593 -5.89 21.63 2.37
CA GLN C 593 -5.70 21.63 0.93
C GLN C 593 -5.26 22.99 0.42
N SER C 594 -5.65 24.06 1.11
CA SER C 594 -5.34 25.41 0.66
C SER C 594 -4.09 25.92 1.35
N MET C 595 -3.86 25.41 2.55
CA MET C 595 -2.73 25.84 3.35
C MET C 595 -1.43 25.19 2.86
N GLN C 596 -1.50 23.89 2.54
CA GLN C 596 -0.38 23.16 1.98
C GLN C 596 0.09 23.76 0.66
N GLN C 597 -0.88 24.01 -0.23
CA GLN C 597 -0.58 24.51 -1.58
C GLN C 597 0.24 25.80 -1.57
N MET C 598 0.04 26.62 -0.55
CA MET C 598 0.76 27.89 -0.46
C MET C 598 2.05 27.74 0.34
N GLU C 599 2.01 26.95 1.41
CA GLU C 599 3.21 26.69 2.19
C GLU C 599 4.26 26.04 1.31
N ALA C 600 3.80 25.36 0.25
CA ALA C 600 4.69 24.85 -0.78
C ALA C 600 5.44 26.00 -1.43
N ILE C 601 4.74 27.12 -1.66
CA ILE C 601 5.35 28.28 -2.30
C ILE C 601 6.26 29.02 -1.32
N VAL C 602 5.86 29.08 -0.07
CA VAL C 602 6.68 29.69 0.97
C VAL C 602 7.98 28.91 1.14
N GLU C 603 7.87 27.59 1.11
CA GLU C 603 9.05 26.73 1.23
C GLU C 603 9.94 26.85 -0.01
N GLN C 604 9.32 26.82 -1.20
CA GLN C 604 10.07 26.96 -2.44
C GLN C 604 10.81 28.29 -2.50
N GLU C 605 10.18 29.34 -1.99
CA GLU C 605 10.82 30.65 -1.95
C GLU C 605 11.95 30.65 -0.93
N SER C 606 11.66 30.14 0.26
CA SER C 606 12.66 30.04 1.32
C SER C 606 13.88 29.27 0.85
N SER C 607 13.67 28.34 -0.07
CA SER C 607 14.76 27.60 -0.68
C SER C 607 15.66 28.53 -1.50
N ILE C 608 15.03 29.51 -2.15
CA ILE C 608 15.74 30.37 -3.08
C ILE C 608 16.62 31.39 -2.36
N GLN C 609 16.17 31.84 -1.19
CA GLN C 609 16.87 32.90 -0.46
C GLN C 609 17.40 32.46 0.89
N GLY C 610 17.19 31.18 1.22
CA GLY C 610 17.85 30.57 2.36
C GLY C 610 17.40 31.03 3.74
N TYR C 611 16.19 31.54 3.85
CA TYR C 611 15.61 31.86 5.14
C TYR C 611 14.09 31.85 5.05
N ASP C 612 13.42 31.93 6.20
CA ASP C 612 11.96 31.86 6.25
C ASP C 612 11.33 33.04 5.52
N MET C 613 10.78 32.75 4.34
CA MET C 613 10.25 33.78 3.44
C MET C 613 8.76 34.00 3.65
N THR C 614 8.24 33.57 4.79
CA THR C 614 6.82 33.73 5.07
C THR C 614 6.46 35.22 5.16
N LYS C 615 7.04 35.91 6.14
CA LYS C 615 6.82 37.34 6.33
C LYS C 615 7.05 38.10 5.04
N ALA C 616 8.05 37.65 4.28
CA ALA C 616 8.37 38.26 3.00
C ALA C 616 7.22 38.07 2.01
N CYS C 617 6.75 36.84 1.88
CA CYS C 617 5.66 36.53 0.96
C CYS C 617 4.40 37.30 1.32
N PHE C 618 4.06 37.31 2.60
CA PHE C 618 2.86 37.99 3.06
C PHE C 618 2.99 39.50 3.00
N LYS C 619 3.91 40.05 3.80
CA LYS C 619 3.99 41.50 4.01
C LYS C 619 5.13 42.17 3.24
N GLY C 620 6.06 41.38 2.72
CA GLY C 620 7.30 41.93 2.18
C GLY C 620 8.25 42.16 3.34
N ASP C 621 9.47 42.55 3.03
CA ASP C 621 10.46 42.81 4.07
C ASP C 621 11.58 43.73 3.57
N ARG C 622 12.64 43.83 4.36
CA ARG C 622 13.77 44.70 4.05
C ARG C 622 14.31 44.46 2.64
N VAL C 623 14.46 43.20 2.28
CA VAL C 623 15.08 42.81 1.01
C VAL C 623 14.06 42.69 -0.12
N ASN C 624 12.98 41.95 0.15
CA ASN C 624 12.06 41.53 -0.90
C ASN C 624 10.70 42.23 -0.85
N SER C 625 10.03 42.28 -1.98
CA SER C 625 8.67 42.77 -2.06
C SER C 625 7.68 41.66 -1.71
N PRO C 626 6.43 42.02 -1.41
CA PRO C 626 5.45 40.98 -1.09
C PRO C 626 5.04 40.17 -2.32
N LYS C 627 4.66 38.92 -2.10
CA LYS C 627 4.19 38.06 -3.18
C LYS C 627 2.88 38.58 -3.76
N THR C 628 2.80 38.65 -5.08
CA THR C 628 1.58 39.10 -5.77
C THR C 628 1.17 38.11 -6.84
N PHE C 629 -0.12 37.78 -6.86
CA PHE C 629 -0.68 36.84 -7.82
C PHE C 629 -1.75 37.50 -8.68
N SER C 630 -1.95 36.98 -9.89
CA SER C 630 -3.10 37.38 -10.70
C SER C 630 -4.36 36.83 -10.06
N ILE C 631 -5.13 37.70 -9.41
CA ILE C 631 -6.21 37.27 -8.55
C ILE C 631 -7.56 37.23 -9.28
N GLY C 632 -7.75 38.12 -10.25
CA GLY C 632 -8.98 38.16 -11.01
C GLY C 632 -9.05 39.29 -12.02
N THR C 633 -10.24 39.49 -12.58
CA THR C 633 -10.45 40.49 -13.63
C THR C 633 -11.18 41.74 -13.14
N GLN C 634 -11.04 42.83 -13.89
CA GLN C 634 -11.71 44.08 -13.59
C GLN C 634 -11.82 44.91 -14.86
N GLU C 635 -13.06 45.15 -15.29
CA GLU C 635 -13.37 45.77 -16.57
C GLU C 635 -12.43 45.30 -17.69
N GLY C 636 -12.26 43.98 -17.78
CA GLY C 636 -11.51 43.38 -18.86
C GLY C 636 -10.00 43.47 -18.74
N LYS C 637 -9.50 43.54 -17.51
CA LYS C 637 -8.05 43.58 -17.28
C LYS C 637 -7.67 42.92 -15.96
N LEU C 638 -6.45 42.41 -15.89
CA LEU C 638 -5.97 41.66 -14.73
C LEU C 638 -5.94 42.51 -13.46
N VAL C 639 -5.84 41.84 -12.32
CA VAL C 639 -5.69 42.49 -11.03
C VAL C 639 -4.77 41.69 -10.12
N LYS C 640 -3.86 42.38 -9.44
CA LYS C 640 -2.88 41.73 -8.58
C LYS C 640 -3.33 41.64 -7.13
N GLY C 641 -3.51 40.41 -6.65
CA GLY C 641 -3.91 40.18 -5.27
C GLY C 641 -2.76 39.65 -4.45
N SER C 642 -2.82 39.86 -3.14
CA SER C 642 -1.73 39.45 -2.25
C SER C 642 -1.76 37.95 -1.97
N PHE C 643 -0.71 37.48 -1.30
CA PHE C 643 -0.57 36.08 -0.92
C PHE C 643 -1.79 35.59 -0.14
N GLY C 644 -2.19 36.38 0.86
CA GLY C 644 -3.33 36.05 1.69
C GLY C 644 -4.60 35.89 0.87
N LYS C 645 -4.80 36.76 -0.11
CA LYS C 645 -5.97 36.68 -0.97
C LYS C 645 -5.90 35.42 -1.83
N ALA C 646 -4.72 35.14 -2.38
CA ALA C 646 -4.52 33.94 -3.17
C ALA C 646 -4.76 32.69 -2.33
N LEU C 647 -4.41 32.76 -1.05
CA LEU C 647 -4.68 31.68 -0.11
C LEU C 647 -6.18 31.51 0.13
N ARG C 648 -6.82 32.62 0.51
CA ARG C 648 -8.23 32.62 0.81
C ARG C 648 -9.07 32.20 -0.39
N VAL C 649 -8.63 32.55 -1.59
CA VAL C 649 -9.31 32.15 -2.82
C VAL C 649 -9.31 30.63 -2.98
N ILE C 650 -8.17 30.03 -2.66
CA ILE C 650 -8.04 28.58 -2.75
C ILE C 650 -8.87 27.91 -1.65
N PHE C 651 -8.82 28.48 -0.44
CA PHE C 651 -9.62 27.95 0.66
C PHE C 651 -11.12 27.98 0.33
N THR C 652 -11.55 29.13 -0.18
CA THR C 652 -12.92 29.31 -0.64
C THR C 652 -13.25 28.27 -1.71
N LYS C 653 -12.42 28.17 -2.73
CA LYS C 653 -12.62 27.17 -3.77
C LYS C 653 -12.78 25.77 -3.19
N CYS C 654 -11.88 25.42 -2.25
CA CYS C 654 -11.93 24.11 -1.60
C CYS C 654 -13.21 23.92 -0.81
N LEU C 655 -13.69 25.00 -0.19
CA LEU C 655 -14.98 24.94 0.48
C LEU C 655 -16.10 24.70 -0.54
N MET C 656 -16.10 25.48 -1.62
CA MET C 656 -17.13 25.36 -2.65
C MET C 656 -17.11 23.98 -3.28
N HIS C 657 -15.93 23.38 -3.34
CA HIS C 657 -15.83 21.99 -3.81
C HIS C 657 -16.71 21.08 -2.98
N TYR C 658 -16.75 21.30 -1.68
CA TYR C 658 -17.62 20.51 -0.82
C TYR C 658 -19.07 20.94 -0.95
N VAL C 659 -19.31 22.23 -0.78
CA VAL C 659 -20.67 22.77 -0.74
C VAL C 659 -21.45 22.48 -2.03
N PHE C 660 -20.74 22.24 -3.12
CA PHE C 660 -21.38 21.91 -4.39
C PHE C 660 -20.83 20.60 -4.97
N GLY C 661 -20.27 19.77 -4.11
CA GLY C 661 -19.63 18.54 -4.53
C GLY C 661 -20.59 17.46 -4.98
N ASN C 662 -20.47 17.04 -6.24
CA ASN C 662 -21.25 15.91 -6.75
C ASN C 662 -20.64 15.37 -8.04
N ALA C 663 -21.31 14.39 -8.65
CA ALA C 663 -20.80 13.70 -9.84
C ALA C 663 -20.43 14.67 -10.97
N GLN C 664 -21.22 15.73 -11.12
CA GLN C 664 -20.93 16.73 -12.15
C GLN C 664 -19.58 17.38 -11.91
N LEU C 665 -19.31 17.72 -10.65
CA LEU C 665 -18.05 18.35 -10.27
C LEU C 665 -16.89 17.38 -10.48
N GLU C 666 -17.08 16.14 -10.06
CA GLU C 666 -16.07 15.10 -10.24
C GLU C 666 -15.71 14.94 -11.71
N GLY C 667 -16.73 14.67 -12.52
CA GLY C 667 -16.56 14.48 -13.95
C GLY C 667 -15.94 15.69 -14.62
N PHE C 668 -16.46 16.87 -14.31
CA PHE C 668 -15.96 18.12 -14.89
C PHE C 668 -14.49 18.35 -14.54
N SER C 669 -14.18 18.28 -13.24
CA SER C 669 -12.80 18.46 -12.78
C SER C 669 -11.88 17.46 -13.46
N ALA C 670 -12.20 16.17 -13.30
CA ALA C 670 -11.39 15.10 -13.84
C ALA C 670 -11.14 15.27 -15.34
N GLU C 671 -12.20 15.45 -16.10
CA GLU C 671 -12.10 15.54 -17.55
C GLU C 671 -11.46 16.85 -18.02
N SER C 672 -11.68 17.94 -17.27
CA SER C 672 -11.13 19.23 -17.66
C SER C 672 -9.65 19.35 -17.29
N ARG C 673 -9.25 18.65 -16.25
CA ARG C 673 -7.86 18.62 -15.83
C ARG C 673 -6.94 18.28 -17.00
N ARG C 674 -7.40 17.41 -17.89
CA ARG C 674 -6.62 17.05 -19.08
C ARG C 674 -6.39 18.27 -19.95
N LEU C 675 -7.47 18.96 -20.28
CA LEU C 675 -7.40 20.14 -21.13
C LEU C 675 -6.51 21.18 -20.47
N LEU C 676 -6.60 21.28 -19.14
CA LEU C 676 -5.68 22.11 -18.36
C LEU C 676 -4.23 21.73 -18.66
N LEU C 677 -3.91 20.46 -18.44
CA LEU C 677 -2.56 19.97 -18.69
C LEU C 677 -2.09 20.28 -20.11
N LEU C 678 -2.95 20.04 -21.11
CA LEU C 678 -2.63 20.40 -22.49
C LEU C 678 -2.30 21.89 -22.61
N ILE C 679 -3.15 22.74 -22.05
CA ILE C 679 -2.89 24.17 -22.05
C ILE C 679 -1.54 24.48 -21.41
N GLN C 680 -1.19 23.77 -20.34
CA GLN C 680 0.14 23.94 -19.75
C GLN C 680 1.23 23.55 -20.73
N ALA C 681 1.06 22.40 -21.38
CA ALA C 681 2.02 21.95 -22.40
C ALA C 681 2.19 23.01 -23.49
N LEU C 682 1.11 23.63 -23.91
CA LEU C 682 1.17 24.74 -24.86
C LEU C 682 1.89 25.96 -24.27
N LYS C 683 1.59 26.29 -23.02
CA LYS C 683 2.25 27.42 -22.37
C LYS C 683 3.75 27.23 -22.29
N ASP C 684 4.17 25.99 -22.11
CA ASP C 684 5.60 25.65 -21.99
C ASP C 684 6.23 25.40 -23.35
N ARG C 685 5.43 25.47 -24.41
CA ARG C 685 5.89 25.14 -25.76
C ARG C 685 6.53 23.76 -25.79
N LYS C 686 5.72 22.74 -25.53
CA LYS C 686 6.17 21.35 -25.56
C LYS C 686 5.45 20.59 -26.67
N GLY C 687 5.03 21.33 -27.70
CA GLY C 687 4.39 20.77 -28.88
C GLY C 687 3.47 19.59 -28.63
N PRO C 688 2.35 19.82 -27.94
CA PRO C 688 1.42 18.75 -27.58
C PRO C 688 0.50 18.33 -28.73
N TRP C 689 0.28 17.03 -28.87
CA TRP C 689 -0.58 16.47 -29.91
C TRP C 689 -1.84 15.86 -29.29
N VAL C 690 -2.92 15.85 -30.07
CA VAL C 690 -4.20 15.31 -29.61
C VAL C 690 -4.71 14.33 -30.65
N PHE C 691 -5.52 13.36 -30.20
CA PHE C 691 -5.97 12.28 -31.07
C PHE C 691 -7.47 12.39 -31.37
N ASP C 692 -8.25 12.82 -30.39
CA ASP C 692 -9.68 13.03 -30.57
C ASP C 692 -10.19 14.08 -29.59
N LEU C 693 -9.94 15.35 -29.91
CA LEU C 693 -10.24 16.46 -29.03
C LEU C 693 -11.75 16.58 -28.77
N GLU C 694 -12.55 16.32 -29.80
CA GLU C 694 -14.00 16.31 -29.68
C GLU C 694 -14.43 15.34 -28.60
N GLY C 695 -13.64 14.30 -28.39
CA GLY C 695 -13.89 13.33 -27.33
C GLY C 695 -13.68 13.94 -25.96
N MET C 696 -12.56 14.63 -25.79
CA MET C 696 -12.29 15.36 -24.55
C MET C 696 -13.43 16.30 -24.26
N TYR C 697 -13.74 17.15 -25.24
CA TYR C 697 -14.80 18.14 -25.10
C TYR C 697 -16.13 17.47 -24.75
N SER C 698 -16.55 16.51 -25.56
CA SER C 698 -17.78 15.77 -25.31
C SER C 698 -17.76 15.14 -23.92
N GLY C 699 -16.58 14.71 -23.48
CA GLY C 699 -16.42 14.15 -22.16
C GLY C 699 -16.62 15.19 -21.07
N ILE C 700 -16.06 16.38 -21.28
CA ILE C 700 -16.20 17.47 -20.32
C ILE C 700 -17.62 18.05 -20.27
N GLU C 701 -18.14 18.44 -21.43
CA GLU C 701 -19.34 19.27 -21.52
C GLU C 701 -20.62 18.59 -21.05
N GLU C 702 -20.62 17.26 -20.97
CA GLU C 702 -21.79 16.54 -20.48
C GLU C 702 -21.90 16.69 -18.96
N CYS C 703 -20.83 17.17 -18.34
CA CYS C 703 -20.80 17.36 -16.90
C CYS C 703 -21.25 18.76 -16.49
N ILE C 704 -21.63 19.57 -17.48
CA ILE C 704 -22.11 20.93 -17.23
C ILE C 704 -23.62 21.01 -17.44
N SER C 705 -24.37 20.92 -16.34
CA SER C 705 -25.83 20.91 -16.41
C SER C 705 -26.46 21.91 -15.43
N ASN C 706 -26.44 21.58 -14.14
CA ASN C 706 -27.04 22.46 -13.13
C ASN C 706 -26.26 22.50 -11.83
N ASN C 707 -24.94 22.45 -11.92
CA ASN C 707 -24.08 22.67 -10.78
C ASN C 707 -23.47 24.07 -10.88
N PRO C 708 -23.85 24.98 -9.97
CA PRO C 708 -23.34 26.37 -10.00
C PRO C 708 -21.83 26.48 -10.15
N TRP C 709 -21.09 25.73 -9.33
CA TRP C 709 -19.64 25.84 -9.32
C TRP C 709 -19.04 25.33 -10.62
N VAL C 710 -19.64 24.29 -11.20
CA VAL C 710 -19.23 23.78 -12.50
C VAL C 710 -19.48 24.82 -13.58
N ILE C 711 -20.70 25.33 -13.61
CA ILE C 711 -21.11 26.30 -14.63
C ILE C 711 -20.30 27.59 -14.52
N GLN C 712 -19.93 27.97 -13.30
CA GLN C 712 -19.09 29.14 -13.11
C GLN C 712 -17.64 28.83 -13.48
N SER C 713 -17.17 27.64 -13.06
CA SER C 713 -15.80 27.22 -13.36
C SER C 713 -15.56 27.15 -14.86
N ALA C 714 -16.59 26.74 -15.61
CA ALA C 714 -16.50 26.74 -17.06
C ALA C 714 -16.27 28.16 -17.59
N TYR C 715 -17.05 29.10 -17.08
CA TYR C 715 -16.96 30.51 -17.47
C TYR C 715 -15.58 31.07 -17.15
N TRP C 716 -15.17 30.90 -15.89
CA TRP C 716 -13.84 31.27 -15.44
C TRP C 716 -12.76 30.64 -16.31
N PHE C 717 -12.94 29.36 -16.60
CA PHE C 717 -12.00 28.63 -17.46
C PHE C 717 -11.90 29.26 -18.82
N ASN C 718 -13.04 29.60 -19.42
CA ASN C 718 -13.02 30.29 -20.70
C ASN C 718 -12.39 31.68 -20.63
N GLU C 719 -12.66 32.42 -19.55
CA GLU C 719 -12.05 33.73 -19.38
C GLU C 719 -10.53 33.61 -19.32
N TRP C 720 -10.06 32.72 -18.46
CA TRP C 720 -8.64 32.43 -18.31
C TRP C 720 -8.03 32.00 -19.66
N LEU C 721 -8.62 30.97 -20.25
CA LEU C 721 -8.24 30.50 -21.58
C LEU C 721 -8.19 31.65 -22.57
N GLY C 722 -9.10 32.60 -22.41
CA GLY C 722 -9.06 33.82 -23.19
C GLY C 722 -7.81 34.64 -22.91
N PHE C 723 -7.56 34.93 -21.64
CA PHE C 723 -6.40 35.75 -21.26
C PHE C 723 -5.04 35.10 -21.59
N GLU C 724 -4.98 33.77 -21.62
CA GLU C 724 -3.75 33.08 -22.00
C GLU C 724 -3.37 33.29 -23.47
N LYS C 725 -4.39 33.28 -24.33
CA LYS C 725 -4.19 33.43 -25.76
C LYS C 725 -3.60 34.79 -26.12
N GLU C 726 -3.79 35.77 -25.25
CA GLU C 726 -3.15 37.07 -25.42
C GLU C 726 -1.69 36.95 -25.03
N GLY C 727 -1.41 36.06 -24.07
CA GLY C 727 -0.05 35.81 -23.62
C GLY C 727 0.74 35.04 -24.65
N SER C 728 0.10 34.07 -25.30
CA SER C 728 0.73 33.29 -26.35
C SER C 728 1.33 34.16 -27.47
N LYS C 729 0.68 35.28 -27.77
CA LYS C 729 1.12 36.18 -28.82
C LYS C 729 2.53 36.73 -28.57
N VAL C 730 2.98 36.66 -27.32
CA VAL C 730 4.33 37.07 -26.96
C VAL C 730 5.35 36.02 -27.39
N LEU C 731 5.02 34.76 -27.17
CA LEU C 731 5.93 33.64 -27.46
C LEU C 731 5.96 33.28 -28.94
N GLU C 732 4.83 33.39 -29.60
CA GLU C 732 4.66 32.90 -30.97
C GLU C 732 5.69 33.46 -31.94
N SER C 733 6.19 34.67 -31.65
CA SER C 733 7.12 35.34 -32.55
C SER C 733 8.49 35.57 -31.92
N VAL C 734 8.86 34.73 -30.95
CA VAL C 734 10.17 34.80 -30.35
C VAL C 734 11.20 34.15 -31.28
N ASP C 735 12.39 34.73 -31.32
CA ASP C 735 13.45 34.31 -32.25
C ASP C 735 13.04 34.50 -33.70
N GLU C 736 12.04 33.75 -34.14
CA GLU C 736 11.56 33.87 -35.52
C GLU C 736 10.94 35.24 -35.76
N MET D 10 -14.47 44.08 -8.93
CA MET D 10 -13.30 43.22 -9.26
C MET D 10 -13.69 41.75 -9.11
N ASN D 11 -13.85 41.07 -10.24
CA ASN D 11 -14.25 39.68 -10.25
C ASN D 11 -13.09 38.72 -10.05
N ILE D 12 -13.10 38.01 -8.92
CA ILE D 12 -12.07 37.02 -8.62
C ILE D 12 -12.21 35.80 -9.52
N ASN D 13 -11.06 35.27 -9.95
CA ASN D 13 -11.01 34.08 -10.77
C ASN D 13 -9.93 33.14 -10.25
N PRO D 14 -10.33 32.02 -9.62
CA PRO D 14 -9.31 31.15 -9.02
C PRO D 14 -8.41 30.45 -10.04
N TYR D 15 -8.86 30.41 -11.30
CA TYR D 15 -8.03 29.83 -12.36
C TYR D 15 -6.80 30.68 -12.65
N PHE D 16 -6.90 31.99 -12.40
CA PHE D 16 -5.83 32.92 -12.74
C PHE D 16 -4.54 32.65 -11.96
N LEU D 17 -4.64 31.89 -10.87
CA LEU D 17 -3.44 31.41 -10.19
C LEU D 17 -2.55 30.72 -11.20
N PHE D 18 -3.17 29.98 -12.12
CA PHE D 18 -2.44 29.23 -13.12
C PHE D 18 -1.66 30.13 -14.08
N ILE D 19 -1.87 31.44 -13.99
CA ILE D 19 -1.03 32.37 -14.72
C ILE D 19 0.35 32.42 -14.06
N ASP D 20 0.36 32.35 -12.73
CA ASP D 20 1.58 32.47 -11.95
C ASP D 20 2.22 31.10 -11.72
N VAL D 21 1.46 30.23 -11.07
CA VAL D 21 1.94 28.89 -10.73
C VAL D 21 1.48 27.88 -11.79
N PRO D 22 2.39 27.05 -12.31
CA PRO D 22 1.97 26.10 -13.34
C PRO D 22 1.07 25.00 -12.79
N ILE D 23 0.35 24.34 -13.68
CA ILE D 23 -0.72 23.43 -13.30
C ILE D 23 -0.26 22.23 -12.48
N GLN D 24 0.89 21.67 -12.82
CA GLN D 24 1.46 20.57 -12.03
C GLN D 24 1.87 21.08 -10.65
N ALA D 25 2.43 22.28 -10.60
CA ALA D 25 2.91 22.84 -9.35
C ALA D 25 1.75 23.07 -8.38
N ALA D 26 0.58 23.38 -8.92
CA ALA D 26 -0.62 23.59 -8.12
C ALA D 26 -1.73 22.66 -8.59
N ILE D 27 -1.40 21.38 -8.69
CA ILE D 27 -2.35 20.39 -9.17
C ILE D 27 -3.34 20.01 -8.07
N SER D 28 -2.92 20.16 -6.82
CA SER D 28 -3.75 19.84 -5.67
C SER D 28 -5.09 20.59 -5.70
N THR D 29 -5.09 21.78 -6.29
CA THR D 29 -6.28 22.63 -6.32
C THR D 29 -7.29 22.24 -7.39
N THR D 30 -6.96 21.22 -8.18
CA THR D 30 -7.88 20.74 -9.23
C THR D 30 -8.55 19.44 -8.80
N PHE D 31 -8.32 19.03 -7.56
CA PHE D 31 -8.95 17.83 -7.00
C PHE D 31 -9.91 18.19 -5.87
N PRO D 32 -11.22 17.97 -6.09
CA PRO D 32 -12.22 18.37 -5.09
C PRO D 32 -12.48 17.28 -4.07
N TYR D 33 -11.42 16.85 -3.38
CA TYR D 33 -11.51 15.70 -2.48
C TYR D 33 -12.01 16.06 -1.10
N THR D 34 -12.30 17.35 -0.88
CA THR D 34 -13.01 17.79 0.31
C THR D 34 -14.51 17.54 0.11
N GLY D 35 -14.90 17.38 -1.15
CA GLY D 35 -16.30 17.14 -1.49
C GLY D 35 -16.74 15.71 -1.27
N VAL D 36 -17.96 15.41 -1.70
CA VAL D 36 -18.54 14.09 -1.51
C VAL D 36 -18.37 13.26 -2.77
N PRO D 37 -18.00 11.97 -2.61
CA PRO D 37 -17.92 11.09 -3.79
C PRO D 37 -19.30 10.52 -4.15
N PRO D 38 -19.55 10.26 -5.44
CA PRO D 38 -20.88 9.79 -5.85
C PRO D 38 -21.14 8.34 -5.45
N TYR D 39 -22.30 8.09 -4.83
CA TYR D 39 -22.72 6.74 -4.49
C TYR D 39 -23.81 6.26 -5.44
N SER D 40 -24.03 4.95 -5.48
CA SER D 40 -25.06 4.38 -6.32
C SER D 40 -26.41 4.44 -5.60
N HIS D 41 -27.48 4.19 -6.35
CA HIS D 41 -28.83 4.18 -5.80
C HIS D 41 -29.64 3.07 -6.43
N GLY D 42 -30.16 2.17 -5.61
CA GLY D 42 -31.02 1.10 -6.09
C GLY D 42 -30.28 0.03 -6.87
N THR D 43 -30.85 -0.37 -8.00
CA THR D 43 -30.32 -1.48 -8.79
C THR D 43 -29.14 -1.07 -9.66
N GLY D 44 -28.35 -2.05 -10.08
CA GLY D 44 -27.26 -1.86 -11.01
C GLY D 44 -27.44 -2.70 -12.26
N THR D 45 -28.61 -3.33 -12.37
CA THR D 45 -28.92 -4.23 -13.48
C THR D 45 -28.70 -3.55 -14.83
N GLY D 46 -29.03 -2.27 -14.92
CA GLY D 46 -28.85 -1.51 -16.14
C GLY D 46 -27.38 -1.42 -16.50
N TYR D 47 -26.56 -1.11 -15.50
CA TYR D 47 -25.13 -0.99 -15.68
C TYR D 47 -24.49 -2.33 -16.04
N THR D 48 -24.99 -3.41 -15.44
CA THR D 48 -24.51 -4.75 -15.74
C THR D 48 -24.88 -5.11 -17.19
N ILE D 49 -26.14 -4.91 -17.54
CA ILE D 49 -26.63 -5.19 -18.88
C ILE D 49 -25.85 -4.39 -19.93
N ASP D 50 -25.57 -3.12 -19.61
CA ASP D 50 -24.72 -2.29 -20.48
C ASP D 50 -23.41 -3.00 -20.80
N THR D 51 -22.74 -3.47 -19.75
CA THR D 51 -21.48 -4.19 -19.90
C THR D 51 -21.67 -5.46 -20.73
N VAL D 52 -22.71 -6.23 -20.42
CA VAL D 52 -22.99 -7.44 -21.20
C VAL D 52 -23.21 -7.13 -22.69
N ILE D 53 -23.94 -6.06 -22.99
CA ILE D 53 -24.22 -5.69 -24.37
C ILE D 53 -22.95 -5.21 -25.08
N ARG D 54 -22.23 -4.31 -24.43
CA ARG D 54 -21.02 -3.75 -25.02
C ARG D 54 -19.94 -4.80 -25.23
N THR D 55 -19.73 -5.66 -24.23
CA THR D 55 -18.71 -6.70 -24.30
C THR D 55 -18.89 -7.56 -25.54
N HIS D 56 -20.15 -7.85 -25.87
CA HIS D 56 -20.47 -8.61 -27.08
C HIS D 56 -20.45 -7.71 -28.31
N GLU D 57 -20.82 -6.45 -28.12
CA GLU D 57 -20.80 -5.47 -29.20
C GLU D 57 -19.42 -5.36 -29.82
N TYR D 58 -18.40 -5.59 -29.00
CA TYR D 58 -17.00 -5.46 -29.43
C TYR D 58 -16.45 -6.74 -30.03
N SER D 59 -17.28 -7.78 -30.09
CA SER D 59 -16.82 -9.09 -30.56
C SER D 59 -17.87 -9.83 -31.38
N ASN D 60 -18.93 -9.13 -31.77
CA ASN D 60 -20.05 -9.78 -32.44
C ASN D 60 -19.73 -10.22 -33.87
N LYS D 61 -18.61 -9.75 -34.41
CA LYS D 61 -18.17 -10.17 -35.75
C LYS D 61 -17.26 -11.39 -35.66
N GLY D 62 -17.11 -11.94 -34.47
CA GLY D 62 -16.33 -13.14 -34.27
C GLY D 62 -17.12 -14.39 -34.61
N LYS D 63 -16.97 -15.42 -33.77
CA LYS D 63 -17.65 -16.69 -33.97
C LYS D 63 -18.68 -16.94 -32.86
N GLN D 64 -19.94 -17.04 -33.27
CA GLN D 64 -21.02 -17.39 -32.34
C GLN D 64 -21.23 -18.89 -32.33
N TYR D 65 -21.35 -19.46 -31.13
CA TYR D 65 -21.64 -20.89 -31.01
C TYR D 65 -22.26 -21.23 -29.67
N ILE D 66 -23.13 -22.23 -29.67
CA ILE D 66 -23.82 -22.67 -28.46
C ILE D 66 -22.99 -23.70 -27.70
N SER D 67 -22.71 -23.41 -26.43
CA SER D 67 -21.95 -24.33 -25.59
C SER D 67 -22.79 -25.57 -25.27
N ASP D 68 -22.27 -26.74 -25.61
CA ASP D 68 -23.00 -27.99 -25.40
C ASP D 68 -23.03 -28.37 -23.92
N VAL D 69 -22.15 -27.77 -23.13
CA VAL D 69 -22.09 -28.05 -21.70
C VAL D 69 -23.18 -27.27 -20.95
N THR D 70 -23.11 -25.94 -21.04
CA THR D 70 -24.03 -25.07 -20.32
C THR D 70 -25.33 -24.85 -21.08
N GLY D 71 -25.24 -24.79 -22.41
CA GLY D 71 -26.38 -24.49 -23.25
C GLY D 71 -26.48 -22.99 -23.49
N CYS D 72 -25.36 -22.29 -23.28
CA CYS D 72 -25.33 -20.83 -23.36
C CYS D 72 -24.79 -20.35 -24.71
N THR D 73 -25.09 -19.11 -25.05
CA THR D 73 -24.61 -18.50 -26.29
C THR D 73 -23.20 -17.92 -26.10
N MET D 74 -22.25 -18.47 -26.85
CA MET D 74 -20.85 -18.07 -26.73
C MET D 74 -20.40 -17.29 -27.96
N VAL D 75 -19.58 -16.27 -27.73
CA VAL D 75 -18.99 -15.48 -28.81
C VAL D 75 -17.48 -15.51 -28.70
N ASP D 76 -16.80 -15.74 -29.83
CA ASP D 76 -15.34 -15.86 -29.86
C ASP D 76 -14.70 -14.90 -30.86
N PRO D 77 -14.05 -13.83 -30.38
CA PRO D 77 -13.40 -12.86 -31.27
C PRO D 77 -11.99 -13.24 -31.68
N THR D 78 -11.27 -13.95 -30.80
CA THR D 78 -9.87 -14.28 -31.02
C THR D 78 -9.65 -14.93 -32.38
N ASN D 79 -8.58 -14.50 -33.05
CA ASN D 79 -8.28 -14.93 -34.43
C ASN D 79 -9.46 -14.66 -35.35
N GLY D 80 -10.16 -13.56 -35.09
CA GLY D 80 -11.26 -13.12 -35.92
C GLY D 80 -10.81 -12.04 -36.89
N PRO D 81 -11.76 -11.49 -37.67
CA PRO D 81 -11.43 -10.45 -38.64
C PRO D 81 -10.94 -9.17 -37.97
N LEU D 82 -9.85 -8.61 -38.48
CA LEU D 82 -9.29 -7.38 -37.92
C LEU D 82 -10.27 -6.22 -38.08
N PRO D 83 -10.19 -5.23 -37.19
CA PRO D 83 -11.09 -4.07 -37.28
C PRO D 83 -10.75 -3.15 -38.44
N GLU D 84 -11.76 -2.48 -38.97
CA GLU D 84 -11.59 -1.48 -40.02
C GLU D 84 -12.04 -0.12 -39.51
N ASP D 85 -11.96 0.06 -38.20
CA ASP D 85 -12.41 1.28 -37.55
C ASP D 85 -11.83 1.39 -36.15
N ASN D 86 -12.09 2.52 -35.48
CA ASN D 86 -11.54 2.78 -34.16
C ASN D 86 -12.48 2.40 -33.03
N GLU D 87 -13.57 1.71 -33.36
CA GLU D 87 -14.46 1.17 -32.34
C GLU D 87 -13.71 0.07 -31.58
N PRO D 88 -13.78 0.08 -30.24
CA PRO D 88 -13.06 -0.90 -29.40
C PRO D 88 -13.10 -2.33 -29.96
N SER D 89 -11.93 -2.82 -30.36
CA SER D 89 -11.81 -4.16 -30.94
C SER D 89 -11.35 -5.17 -29.89
N ALA D 90 -12.02 -6.31 -29.85
CA ALA D 90 -11.63 -7.41 -28.99
C ALA D 90 -11.04 -8.54 -29.82
N TYR D 91 -10.91 -8.31 -31.12
CA TYR D 91 -10.40 -9.31 -32.04
C TYR D 91 -8.87 -9.35 -31.97
N ALA D 92 -8.36 -10.04 -30.97
CA ALA D 92 -6.93 -10.23 -30.81
C ALA D 92 -6.45 -11.35 -31.73
N GLN D 93 -5.16 -11.33 -32.05
CA GLN D 93 -4.55 -12.33 -32.91
C GLN D 93 -3.51 -13.13 -32.10
N LEU D 94 -3.79 -14.42 -31.92
CA LEU D 94 -2.98 -15.30 -31.10
C LEU D 94 -1.49 -15.25 -31.43
N ASP D 95 -1.18 -15.40 -32.71
CA ASP D 95 0.19 -15.39 -33.18
C ASP D 95 0.96 -14.16 -32.69
N CYS D 96 0.32 -12.99 -32.81
CA CYS D 96 0.95 -11.74 -32.41
C CYS D 96 1.21 -11.72 -30.90
N VAL D 97 0.28 -12.26 -30.13
CA VAL D 97 0.45 -12.37 -28.69
C VAL D 97 1.63 -13.28 -28.39
N LEU D 98 1.66 -14.41 -29.08
CA LEU D 98 2.73 -15.38 -28.90
C LEU D 98 4.09 -14.79 -29.27
N GLU D 99 4.12 -13.98 -30.33
CA GLU D 99 5.36 -13.30 -30.73
C GLU D 99 5.77 -12.29 -29.65
N ALA D 100 4.81 -11.48 -29.24
CA ALA D 100 5.04 -10.49 -28.20
C ALA D 100 5.57 -11.17 -26.94
N LEU D 101 5.07 -12.37 -26.66
CA LEU D 101 5.57 -13.17 -25.55
C LEU D 101 6.98 -13.66 -25.80
N ASP D 102 7.22 -14.22 -26.99
CA ASP D 102 8.52 -14.72 -27.38
C ASP D 102 9.59 -13.65 -27.22
N ARG D 103 9.26 -12.43 -27.63
CA ARG D 103 10.16 -11.29 -27.46
C ARG D 103 10.51 -11.10 -25.99
N MET D 104 9.49 -11.11 -25.15
CA MET D 104 9.65 -10.90 -23.72
C MET D 104 10.52 -12.00 -23.12
N ASP D 105 10.28 -13.24 -23.54
CA ASP D 105 11.05 -14.38 -23.07
C ASP D 105 12.49 -14.29 -23.55
N GLU D 106 12.66 -13.84 -24.79
CA GLU D 106 13.99 -13.68 -25.37
C GLU D 106 14.77 -12.60 -24.62
N GLU D 107 14.10 -11.51 -24.27
CA GLU D 107 14.77 -10.43 -23.54
C GLU D 107 14.77 -10.67 -22.03
N HIS D 108 13.90 -11.56 -21.55
CA HIS D 108 13.88 -11.96 -20.15
C HIS D 108 13.85 -13.48 -20.02
N PRO D 109 14.94 -14.13 -20.43
CA PRO D 109 15.01 -15.59 -20.36
C PRO D 109 15.20 -16.11 -18.94
N GLY D 110 14.55 -17.21 -18.61
CA GLY D 110 14.66 -17.82 -17.29
C GLY D 110 13.53 -17.39 -16.38
N LEU D 111 13.06 -16.16 -16.57
CA LEU D 111 11.96 -15.63 -15.76
C LEU D 111 10.70 -16.46 -15.91
N PHE D 112 10.36 -16.79 -17.15
CA PHE D 112 9.12 -17.51 -17.45
C PHE D 112 9.01 -18.84 -16.69
N GLN D 113 10.10 -19.60 -16.62
CA GLN D 113 10.08 -20.89 -15.94
C GLN D 113 10.33 -20.72 -14.44
N ALA D 114 11.17 -19.76 -14.09
CA ALA D 114 11.51 -19.51 -12.69
C ALA D 114 10.27 -19.09 -11.90
N ALA D 115 9.52 -18.14 -12.48
CA ALA D 115 8.29 -17.68 -11.86
C ALA D 115 7.31 -18.83 -11.70
N SER D 116 7.23 -19.67 -12.72
CA SER D 116 6.34 -20.82 -12.71
C SER D 116 6.74 -21.80 -11.62
N GLN D 117 8.05 -22.02 -11.47
CA GLN D 117 8.56 -22.91 -10.43
C GLN D 117 8.27 -22.34 -9.05
N ASN D 118 8.49 -21.03 -8.89
CA ASN D 118 8.18 -20.37 -7.62
C ASN D 118 6.69 -20.49 -7.28
N ALA D 119 5.85 -20.19 -8.27
CA ALA D 119 4.41 -20.28 -8.11
C ALA D 119 3.97 -21.70 -7.80
N MET D 120 4.61 -22.66 -8.47
CA MET D 120 4.32 -24.07 -8.24
C MET D 120 4.71 -24.50 -6.82
N GLU D 121 5.93 -24.17 -6.44
CA GLU D 121 6.44 -24.50 -5.11
C GLU D 121 5.66 -23.75 -4.02
N THR D 122 5.12 -22.59 -4.37
CA THR D 122 4.21 -21.89 -3.47
C THR D 122 2.89 -22.66 -3.35
N LEU D 123 2.30 -22.98 -4.50
CA LEU D 123 1.03 -23.72 -4.58
C LEU D 123 1.08 -24.97 -3.74
N MET D 124 2.13 -25.77 -3.92
CA MET D 124 2.30 -27.01 -3.19
C MET D 124 2.22 -26.81 -1.67
N VAL D 125 2.70 -25.66 -1.20
CA VAL D 125 2.68 -25.36 0.24
C VAL D 125 1.35 -24.73 0.65
N THR D 126 0.69 -24.07 -0.30
CA THR D 126 -0.55 -23.35 -0.02
C THR D 126 -1.65 -24.28 0.49
N THR D 127 -2.20 -23.94 1.65
CA THR D 127 -3.29 -24.70 2.27
C THR D 127 -4.65 -24.17 1.84
N VAL D 128 -5.72 -24.72 2.41
CA VAL D 128 -7.08 -24.31 2.05
C VAL D 128 -7.47 -22.99 2.72
N ASP D 129 -7.08 -22.82 3.98
CA ASP D 129 -7.45 -21.65 4.77
C ASP D 129 -7.09 -20.34 4.05
N LYS D 130 -6.10 -20.43 3.18
CA LYS D 130 -5.69 -19.30 2.33
C LYS D 130 -6.87 -18.59 1.68
N LEU D 131 -7.92 -19.34 1.37
CA LEU D 131 -9.07 -18.79 0.66
C LEU D 131 -9.93 -17.87 1.53
N THR D 132 -9.71 -17.90 2.85
CA THR D 132 -10.56 -17.14 3.76
C THR D 132 -10.34 -15.62 3.67
N GLN D 133 -9.26 -15.20 3.01
CA GLN D 133 -8.92 -13.79 2.93
C GLN D 133 -9.26 -13.20 1.57
N GLY D 134 -10.43 -13.57 1.05
CA GLY D 134 -10.89 -13.07 -0.23
C GLY D 134 -12.05 -12.09 -0.10
N ARG D 135 -12.33 -11.65 1.12
CA ARG D 135 -13.42 -10.73 1.42
C ARG D 135 -14.78 -11.27 0.94
N GLN D 136 -15.48 -10.53 0.09
CA GLN D 136 -16.81 -10.93 -0.37
C GLN D 136 -16.72 -11.99 -1.46
N THR D 137 -17.41 -13.11 -1.25
CA THR D 137 -17.39 -14.23 -2.17
C THR D 137 -18.80 -14.73 -2.48
N PHE D 138 -19.04 -15.08 -3.74
CA PHE D 138 -20.33 -15.58 -4.16
C PHE D 138 -20.54 -17.01 -3.67
N ASP D 139 -21.46 -17.18 -2.73
CA ASP D 139 -21.78 -18.49 -2.19
C ASP D 139 -22.80 -19.18 -3.09
N TRP D 140 -22.39 -20.29 -3.69
CA TRP D 140 -23.22 -20.96 -4.69
C TRP D 140 -24.35 -21.77 -4.05
N THR D 141 -24.23 -22.06 -2.76
CA THR D 141 -25.24 -22.82 -2.06
C THR D 141 -26.50 -21.99 -1.79
N VAL D 142 -26.30 -20.73 -1.42
CA VAL D 142 -27.39 -19.83 -1.09
C VAL D 142 -27.57 -18.75 -2.16
N CYS D 143 -26.66 -18.74 -3.13
CA CYS D 143 -26.67 -17.76 -4.21
C CYS D 143 -26.70 -16.32 -3.69
N ARG D 144 -25.78 -16.02 -2.78
CA ARG D 144 -25.63 -14.68 -2.22
C ARG D 144 -24.16 -14.38 -1.96
N ASN D 145 -23.81 -13.10 -1.93
CA ASN D 145 -22.47 -12.68 -1.52
C ASN D 145 -22.30 -12.85 -0.01
N GLN D 146 -21.33 -13.68 0.36
CA GLN D 146 -21.08 -14.00 1.77
C GLN D 146 -19.61 -13.75 2.09
N PRO D 147 -19.27 -13.73 3.39
CA PRO D 147 -17.86 -13.73 3.80
C PRO D 147 -17.13 -14.95 3.23
N ALA D 148 -15.91 -14.75 2.74
CA ALA D 148 -15.15 -15.81 2.10
C ALA D 148 -15.07 -17.07 2.97
N ALA D 149 -14.86 -16.86 4.27
CA ALA D 149 -14.73 -17.96 5.22
C ALA D 149 -16.01 -18.79 5.26
N THR D 150 -17.15 -18.11 5.32
CA THR D 150 -18.43 -18.78 5.35
C THR D 150 -18.71 -19.46 4.00
N ALA D 151 -18.43 -18.73 2.92
CA ALA D 151 -18.63 -19.26 1.57
C ALA D 151 -17.78 -20.49 1.34
N LEU D 152 -16.59 -20.49 1.94
CA LEU D 152 -15.71 -21.65 1.88
C LEU D 152 -16.25 -22.79 2.73
N ASN D 153 -16.58 -22.48 3.98
CA ASN D 153 -17.06 -23.48 4.91
C ASN D 153 -18.30 -24.21 4.38
N THR D 154 -19.24 -23.45 3.82
CA THR D 154 -20.43 -24.04 3.22
C THR D 154 -20.06 -24.97 2.08
N THR D 155 -19.07 -24.55 1.30
CA THR D 155 -18.62 -25.34 0.15
C THR D 155 -17.94 -26.63 0.59
N ILE D 156 -17.17 -26.56 1.67
CA ILE D 156 -16.54 -27.76 2.23
C ILE D 156 -17.60 -28.70 2.80
N THR D 157 -18.46 -28.18 3.67
CA THR D 157 -19.51 -28.98 4.27
C THR D 157 -20.42 -29.57 3.19
N SER D 158 -20.61 -28.81 2.11
CA SER D 158 -21.38 -29.32 0.97
C SER D 158 -20.62 -30.43 0.24
N PHE D 159 -19.35 -30.18 -0.03
CA PHE D 159 -18.52 -31.17 -0.70
C PHE D 159 -18.48 -32.48 0.09
N ARG D 160 -18.46 -32.36 1.41
CA ARG D 160 -18.43 -33.54 2.27
C ARG D 160 -19.62 -34.47 2.03
N LEU D 161 -20.76 -33.89 1.66
CA LEU D 161 -21.97 -34.67 1.40
C LEU D 161 -21.89 -35.41 0.07
N ASN D 162 -21.02 -34.93 -0.81
CA ASN D 162 -20.80 -35.56 -2.11
C ASN D 162 -19.54 -36.41 -2.11
N ASP D 163 -19.08 -36.77 -0.91
CA ASP D 163 -17.90 -37.62 -0.74
C ASP D 163 -16.66 -36.99 -1.39
N LEU D 164 -16.38 -35.75 -1.01
CA LEU D 164 -15.21 -35.02 -1.47
C LEU D 164 -14.48 -34.40 -0.29
N ASN D 165 -13.46 -35.09 0.21
CA ASN D 165 -12.79 -34.69 1.45
C ASN D 165 -11.38 -34.16 1.22
N GLY D 166 -11.15 -33.53 0.07
CA GLY D 166 -9.85 -32.97 -0.24
C GLY D 166 -9.37 -31.96 0.79
N ALA D 167 -10.32 -31.20 1.33
CA ALA D 167 -10.03 -30.19 2.33
C ALA D 167 -9.41 -30.79 3.59
N ASP D 168 -9.81 -32.01 3.92
CA ASP D 168 -9.34 -32.67 5.14
C ASP D 168 -7.83 -32.91 5.10
N LYS D 169 -7.26 -32.97 3.90
CA LYS D 169 -5.83 -33.14 3.74
C LYS D 169 -5.08 -31.85 4.07
N GLY D 170 -5.76 -30.72 3.87
CA GLY D 170 -5.22 -29.42 4.24
C GLY D 170 -4.69 -28.61 3.07
N GLY D 171 -4.09 -29.29 2.10
CA GLY D 171 -3.50 -28.62 0.95
C GLY D 171 -4.55 -28.09 -0.01
N LEU D 172 -4.14 -27.16 -0.86
CA LEU D 172 -5.04 -26.54 -1.83
C LEU D 172 -5.32 -27.45 -3.02
N ILE D 173 -4.29 -28.18 -3.44
CA ILE D 173 -4.36 -29.05 -4.61
C ILE D 173 -5.51 -30.07 -4.55
N PRO D 174 -5.64 -30.82 -3.44
CA PRO D 174 -6.76 -31.77 -3.36
C PRO D 174 -8.11 -31.07 -3.40
N PHE D 175 -8.20 -29.88 -2.81
CA PHE D 175 -9.42 -29.10 -2.84
C PHE D 175 -9.77 -28.71 -4.27
N CYS D 176 -8.81 -28.13 -4.98
CA CYS D 176 -8.99 -27.76 -6.38
C CYS D 176 -9.38 -28.99 -7.20
N GLN D 177 -8.73 -30.11 -6.90
CA GLN D 177 -9.07 -31.38 -7.55
C GLN D 177 -10.54 -31.70 -7.32
N ASP D 178 -10.96 -31.63 -6.06
CA ASP D 178 -12.36 -31.84 -5.71
C ASP D 178 -13.26 -30.84 -6.42
N ILE D 179 -12.79 -29.61 -6.61
CA ILE D 179 -13.56 -28.61 -7.34
C ILE D 179 -13.76 -29.03 -8.79
N ILE D 180 -12.70 -29.34 -9.52
CA ILE D 180 -12.87 -29.74 -10.92
C ILE D 180 -13.57 -31.10 -11.01
N ASP D 181 -13.45 -31.91 -9.97
CA ASP D 181 -14.16 -33.19 -9.92
C ASP D 181 -15.66 -33.00 -9.69
N SER D 182 -16.01 -32.05 -8.84
CA SER D 182 -17.41 -31.81 -8.50
C SER D 182 -18.24 -31.42 -9.73
N LEU D 183 -17.56 -31.01 -10.79
CA LEU D 183 -18.23 -30.68 -12.04
C LEU D 183 -18.79 -31.93 -12.70
N ASP D 184 -18.16 -33.07 -12.44
CA ASP D 184 -18.55 -34.34 -13.05
C ASP D 184 -19.73 -34.98 -12.32
N ARG D 185 -19.94 -34.58 -11.07
CA ARG D 185 -21.04 -35.11 -10.26
C ARG D 185 -22.38 -34.90 -10.96
N PRO D 186 -23.20 -35.96 -11.04
CA PRO D 186 -24.50 -35.84 -11.72
C PRO D 186 -25.51 -34.98 -10.95
N GLU D 187 -25.53 -35.14 -9.64
CA GLU D 187 -26.38 -34.32 -8.78
C GLU D 187 -25.62 -33.87 -7.55
N MET D 188 -25.46 -32.55 -7.40
CA MET D 188 -24.72 -32.00 -6.28
C MET D 188 -25.65 -31.74 -5.11
N THR D 189 -25.34 -32.35 -3.98
CA THR D 189 -26.13 -32.19 -2.77
C THR D 189 -25.52 -31.13 -1.86
N PHE D 190 -26.36 -30.41 -1.14
CA PHE D 190 -25.88 -29.37 -0.23
C PHE D 190 -26.89 -29.09 0.87
N PHE D 191 -26.42 -28.55 1.99
CA PHE D 191 -27.28 -28.27 3.13
C PHE D 191 -28.14 -27.03 2.92
N SER D 192 -29.35 -27.06 3.48
CA SER D 192 -30.19 -25.88 3.57
C SER D 192 -31.01 -25.96 4.86
N VAL D 193 -30.96 -24.90 5.65
CA VAL D 193 -31.55 -24.93 6.99
C VAL D 193 -33.04 -24.60 6.98
N LYS D 194 -33.81 -25.32 7.79
CA LYS D 194 -35.23 -25.06 7.96
C LYS D 194 -35.63 -25.28 9.42
N ASN D 195 -36.63 -24.53 9.87
CA ASN D 195 -36.94 -24.45 11.30
C ASN D 195 -37.90 -25.52 11.81
N ILE D 196 -37.84 -25.76 13.12
CA ILE D 196 -38.72 -26.72 13.78
C ILE D 196 -39.16 -26.19 15.14
N LYS D 197 -40.47 -26.25 15.40
CA LYS D 197 -41.01 -25.92 16.72
C LYS D 197 -40.73 -27.06 17.69
N LYS D 198 -40.36 -26.72 18.91
CA LYS D 198 -40.22 -27.71 19.97
C LYS D 198 -40.66 -27.11 21.31
N LYS D 199 -41.53 -27.84 22.02
CA LYS D 199 -41.99 -27.41 23.33
C LYS D 199 -40.92 -27.60 24.38
N LEU D 200 -40.24 -26.51 24.74
CA LEU D 200 -39.29 -26.54 25.84
C LEU D 200 -40.01 -26.24 27.13
N PRO D 201 -39.60 -26.90 28.23
CA PRO D 201 -40.30 -26.69 29.50
C PRO D 201 -40.22 -25.24 29.95
N ALA D 202 -41.26 -24.75 30.62
CA ALA D 202 -41.30 -23.35 31.03
C ALA D 202 -42.17 -23.14 32.26
N LYS D 203 -41.92 -22.03 32.94
CA LYS D 203 -42.73 -21.60 34.08
C LYS D 203 -43.61 -20.45 33.63
N ASN D 204 -44.61 -20.78 32.81
CA ASN D 204 -45.27 -19.79 31.98
C ASN D 204 -46.78 -19.99 31.89
N ARG D 205 -47.45 -20.02 33.04
CA ARG D 205 -48.87 -20.37 33.09
C ARG D 205 -49.09 -21.70 32.39
N LYS D 206 -49.03 -21.67 31.06
CA LYS D 206 -48.93 -22.88 30.28
C LYS D 206 -47.48 -23.36 30.34
N GLY D 207 -47.26 -24.48 31.02
CA GLY D 207 -45.91 -24.92 31.34
C GLY D 207 -45.06 -25.34 30.16
N PHE D 208 -44.89 -24.45 29.18
CA PHE D 208 -44.03 -24.75 28.03
C PHE D 208 -43.78 -23.50 27.18
N LEU D 209 -42.78 -23.60 26.31
CA LEU D 209 -42.47 -22.53 25.36
C LEU D 209 -42.04 -23.10 24.01
N ILE D 210 -42.49 -22.46 22.94
CA ILE D 210 -42.15 -22.86 21.59
C ILE D 210 -40.99 -22.01 21.07
N LYS D 211 -39.83 -22.65 20.90
CA LYS D 211 -38.67 -22.02 20.28
C LYS D 211 -38.37 -22.75 18.97
N ARG D 212 -38.24 -21.99 17.89
CA ARG D 212 -38.02 -22.59 16.57
C ARG D 212 -36.58 -23.04 16.40
N ILE D 213 -36.34 -24.32 16.68
CA ILE D 213 -35.01 -24.90 16.55
C ILE D 213 -34.71 -25.14 15.06
N PRO D 214 -33.58 -24.62 14.57
CA PRO D 214 -33.27 -24.85 13.16
C PRO D 214 -32.66 -26.23 12.93
N MET D 215 -32.88 -26.80 11.75
CA MET D 215 -32.27 -28.08 11.40
C MET D 215 -31.88 -28.09 9.93
N LYS D 216 -30.79 -28.78 9.63
CA LYS D 216 -30.24 -28.80 8.27
C LYS D 216 -30.93 -29.85 7.41
N VAL D 217 -31.21 -29.47 6.16
CA VAL D 217 -31.88 -30.35 5.20
C VAL D 217 -31.01 -30.52 3.97
N LYS D 218 -30.95 -31.76 3.47
CA LYS D 218 -30.19 -32.06 2.25
C LYS D 218 -30.99 -31.65 1.02
N ASP D 219 -30.35 -30.86 0.15
CA ASP D 219 -31.00 -30.33 -1.04
C ASP D 219 -30.11 -30.62 -2.26
N LYS D 220 -30.74 -30.92 -3.40
CA LYS D 220 -30.02 -31.36 -4.58
C LYS D 220 -30.07 -30.36 -5.74
N ILE D 221 -28.99 -30.31 -6.52
CA ILE D 221 -28.95 -29.55 -7.75
C ILE D 221 -28.39 -30.43 -8.86
N THR D 222 -28.97 -30.33 -10.05
CA THR D 222 -28.52 -31.13 -11.18
C THR D 222 -27.21 -30.59 -11.74
N LYS D 223 -26.42 -31.51 -12.31
CA LYS D 223 -25.09 -31.21 -12.84
C LYS D 223 -24.99 -29.88 -13.58
N VAL D 224 -25.86 -29.67 -14.55
CA VAL D 224 -25.84 -28.45 -15.36
C VAL D 224 -26.13 -27.21 -14.51
N GLU D 225 -27.17 -27.28 -13.70
CA GLU D 225 -27.54 -26.14 -12.85
C GLU D 225 -26.44 -25.83 -11.84
N TYR D 226 -25.67 -26.86 -11.45
CA TYR D 226 -24.54 -26.65 -10.55
C TYR D 226 -23.39 -25.97 -11.30
N ILE D 227 -23.04 -26.54 -12.44
CA ILE D 227 -21.98 -26.00 -13.27
C ILE D 227 -22.26 -24.54 -13.62
N LYS D 228 -23.52 -24.23 -13.87
CA LYS D 228 -23.91 -22.85 -14.19
C LYS D 228 -23.63 -21.92 -13.02
N ARG D 229 -23.88 -22.39 -11.80
CA ARG D 229 -23.59 -21.59 -10.61
C ARG D 229 -22.09 -21.48 -10.38
N ALA D 230 -21.39 -22.59 -10.60
CA ALA D 230 -19.95 -22.62 -10.43
C ALA D 230 -19.27 -21.64 -11.39
N LEU D 231 -19.91 -21.42 -12.55
CA LEU D 231 -19.39 -20.51 -13.57
C LEU D 231 -19.94 -19.09 -13.43
N SER D 232 -20.81 -18.87 -12.45
CA SER D 232 -21.50 -17.59 -12.30
C SER D 232 -20.68 -16.55 -11.56
N LEU D 233 -20.87 -15.29 -11.92
CA LEU D 233 -20.26 -14.16 -11.24
C LEU D 233 -21.33 -13.15 -10.83
N ASN D 234 -21.28 -12.71 -9.58
CA ASN D 234 -22.28 -11.76 -9.07
C ASN D 234 -21.90 -10.36 -9.52
N THR D 235 -22.84 -9.41 -9.46
CA THR D 235 -22.59 -8.05 -9.93
C THR D 235 -23.21 -7.00 -9.01
N MET D 236 -22.59 -5.82 -8.98
CA MET D 236 -23.08 -4.71 -8.17
C MET D 236 -22.45 -3.37 -8.59
N THR D 237 -23.19 -2.28 -8.44
CA THR D 237 -22.70 -0.96 -8.81
C THR D 237 -21.56 -0.53 -7.89
N LYS D 238 -20.54 0.10 -8.47
CA LYS D 238 -19.39 0.56 -7.69
C LYS D 238 -19.65 1.93 -7.06
N ASP D 239 -19.62 1.98 -5.74
CA ASP D 239 -19.90 3.20 -4.99
C ASP D 239 -18.64 4.03 -4.76
N ALA D 240 -18.84 5.34 -4.61
CA ALA D 240 -17.78 6.25 -4.19
C ALA D 240 -16.63 6.33 -5.20
N GLU D 241 -16.88 5.98 -6.46
CA GLU D 241 -15.86 6.07 -7.49
C GLU D 241 -15.63 7.54 -7.88
N ARG D 242 -14.42 8.03 -7.63
CA ARG D 242 -14.11 9.45 -7.82
C ARG D 242 -13.91 9.82 -9.29
N GLY D 243 -13.90 11.11 -9.56
CA GLY D 243 -13.57 11.64 -10.88
C GLY D 243 -14.37 11.07 -12.03
N LYS D 244 -15.62 10.73 -11.80
CA LYS D 244 -16.49 10.23 -12.86
C LYS D 244 -17.94 10.62 -12.65
N LEU D 245 -18.60 10.94 -13.76
CA LEU D 245 -20.00 11.35 -13.72
C LEU D 245 -20.92 10.15 -13.52
N LYS D 246 -20.99 9.29 -14.52
CA LYS D 246 -21.89 8.14 -14.50
C LYS D 246 -21.29 6.96 -13.75
N ARG D 247 -22.15 6.14 -13.15
CA ARG D 247 -21.72 4.97 -12.38
C ARG D 247 -21.49 3.77 -13.30
N ARG D 248 -20.93 2.71 -12.74
CA ARG D 248 -20.69 1.49 -13.50
C ARG D 248 -20.66 0.26 -12.58
N ALA D 249 -20.67 -0.92 -13.19
CA ALA D 249 -20.82 -2.16 -12.46
C ALA D 249 -19.49 -2.87 -12.19
N ILE D 250 -19.45 -3.63 -11.10
CA ILE D 250 -18.31 -4.48 -10.76
C ILE D 250 -18.83 -5.84 -10.31
N ALA D 251 -18.00 -6.87 -10.44
CA ALA D 251 -18.44 -8.24 -10.22
C ALA D 251 -17.76 -8.92 -9.03
N THR D 252 -18.32 -10.03 -8.61
CA THR D 252 -17.76 -10.84 -7.52
C THR D 252 -17.78 -12.31 -7.91
N ALA D 253 -16.70 -13.01 -7.59
CA ALA D 253 -16.49 -14.38 -8.05
C ALA D 253 -16.85 -15.43 -7.01
N GLY D 254 -17.00 -16.67 -7.47
CA GLY D 254 -17.34 -17.78 -6.60
C GLY D 254 -16.11 -18.33 -5.89
N ILE D 255 -16.33 -19.37 -5.09
CA ILE D 255 -15.25 -19.94 -4.29
C ILE D 255 -14.38 -20.85 -5.14
N GLN D 256 -14.96 -21.42 -6.19
CA GLN D 256 -14.26 -22.37 -7.05
C GLN D 256 -13.03 -21.77 -7.71
N ILE D 257 -13.20 -20.62 -8.35
CA ILE D 257 -12.17 -20.05 -9.22
C ILE D 257 -11.03 -19.37 -8.45
N ARG D 258 -11.30 -19.02 -7.20
CA ARG D 258 -10.33 -18.31 -6.36
C ARG D 258 -8.95 -18.99 -6.31
N GLY D 259 -8.94 -20.29 -5.99
CA GLY D 259 -7.71 -21.04 -5.91
C GLY D 259 -6.95 -21.05 -7.22
N PHE D 260 -7.69 -21.11 -8.33
CA PHE D 260 -7.07 -21.17 -9.65
C PHE D 260 -6.58 -19.80 -10.10
N VAL D 261 -7.26 -18.74 -9.68
CA VAL D 261 -6.81 -17.38 -9.98
C VAL D 261 -5.57 -17.02 -9.17
N LEU D 262 -5.58 -17.37 -7.88
CA LEU D 262 -4.45 -17.10 -6.99
C LEU D 262 -3.12 -17.50 -7.62
N VAL D 263 -3.07 -18.72 -8.14
CA VAL D 263 -1.86 -19.25 -8.75
C VAL D 263 -1.46 -18.42 -9.98
N VAL D 264 -2.42 -18.14 -10.84
CA VAL D 264 -2.16 -17.37 -12.06
C VAL D 264 -1.65 -15.97 -11.75
N GLU D 265 -2.26 -15.33 -10.77
CA GLU D 265 -1.85 -13.99 -10.36
C GLU D 265 -0.51 -14.04 -9.63
N ASN D 266 -0.27 -15.12 -8.90
CA ASN D 266 1.02 -15.31 -8.24
C ASN D 266 2.13 -15.45 -9.29
N LEU D 267 1.82 -16.22 -10.33
CA LEU D 267 2.73 -16.38 -11.46
C LEU D 267 2.98 -15.03 -12.15
N ALA D 268 1.88 -14.37 -12.51
CA ALA D 268 1.97 -13.07 -13.17
C ALA D 268 2.67 -12.05 -12.29
N LYS D 269 2.53 -12.19 -10.98
CA LYS D 269 3.26 -11.34 -10.03
C LYS D 269 4.74 -11.65 -10.09
N ASN D 270 5.08 -12.92 -9.96
CA ASN D 270 6.47 -13.37 -10.02
C ASN D 270 7.15 -12.94 -11.32
N ILE D 271 6.38 -12.91 -12.41
CA ILE D 271 6.88 -12.35 -13.66
C ILE D 271 7.06 -10.83 -13.56
N CYS D 272 5.96 -10.14 -13.28
CA CYS D 272 5.94 -8.68 -13.25
C CYS D 272 7.01 -8.07 -12.36
N GLU D 273 7.27 -8.70 -11.21
CA GLU D 273 8.28 -8.22 -10.28
C GLU D 273 9.63 -7.97 -10.96
N ASN D 274 9.97 -8.83 -11.92
CA ASN D 274 11.27 -8.77 -12.58
C ASN D 274 11.27 -7.94 -13.86
N LEU D 275 10.10 -7.47 -14.28
CA LEU D 275 10.00 -6.57 -15.42
C LEU D 275 10.29 -5.13 -15.00
N GLU D 276 10.91 -4.37 -15.89
CA GLU D 276 11.31 -3.00 -15.59
C GLU D 276 10.29 -1.99 -16.13
N GLN D 277 9.38 -2.46 -16.97
CA GLN D 277 8.35 -1.60 -17.55
C GLN D 277 6.96 -2.00 -17.08
N SER D 278 6.89 -2.62 -15.91
CA SER D 278 5.62 -2.91 -15.24
C SER D 278 5.55 -2.18 -13.91
N GLY D 279 4.46 -1.44 -13.71
CA GLY D 279 4.24 -0.72 -12.46
C GLY D 279 3.32 -1.49 -11.54
N LEU D 280 3.68 -2.74 -11.26
CA LEU D 280 2.85 -3.63 -10.47
C LEU D 280 3.65 -4.86 -10.06
N PRO D 281 3.65 -5.22 -8.76
CA PRO D 281 3.02 -4.61 -7.59
C PRO D 281 3.94 -3.57 -6.94
N VAL D 282 4.30 -2.54 -7.70
CA VAL D 282 5.21 -1.52 -7.22
C VAL D 282 4.47 -0.51 -6.34
N GLY D 283 4.99 -0.29 -5.14
CA GLY D 283 4.42 0.69 -4.23
C GLY D 283 4.50 2.08 -4.83
N GLY D 284 3.50 2.91 -4.54
CA GLY D 284 3.40 4.24 -5.10
C GLY D 284 4.65 5.07 -4.95
N ASN D 285 5.37 4.85 -3.85
CA ASN D 285 6.61 5.55 -3.61
C ASN D 285 7.72 5.08 -4.55
N GLU D 286 7.72 3.77 -4.79
CA GLU D 286 8.71 3.15 -5.67
C GLU D 286 8.39 3.39 -7.15
N LYS D 287 7.12 3.60 -7.46
CA LYS D 287 6.70 3.86 -8.84
C LYS D 287 7.39 5.09 -9.40
N LYS D 288 7.69 6.05 -8.53
CA LYS D 288 8.44 7.23 -8.93
C LYS D 288 9.88 6.86 -9.19
N ALA D 289 10.45 6.05 -8.29
CA ALA D 289 11.81 5.56 -8.45
C ALA D 289 11.96 4.84 -9.77
N LYS D 290 10.92 4.11 -10.17
CA LYS D 290 10.91 3.49 -11.49
C LYS D 290 10.75 4.52 -12.61
N LEU D 291 9.71 5.34 -12.51
CA LEU D 291 9.34 6.26 -13.58
C LEU D 291 10.39 7.31 -13.90
N SER D 292 10.84 8.04 -12.88
CA SER D 292 11.82 9.11 -13.09
C SER D 292 13.10 8.57 -13.74
N ASN D 293 13.51 7.38 -13.33
CA ASN D 293 14.67 6.74 -13.93
C ASN D 293 14.38 6.32 -15.37
N ALA D 294 13.23 5.68 -15.58
CA ALA D 294 12.80 5.28 -16.91
C ALA D 294 12.75 6.49 -17.85
N VAL D 295 12.41 7.64 -17.31
CA VAL D 295 12.43 8.89 -18.07
C VAL D 295 13.87 9.34 -18.31
N ALA D 296 14.65 9.35 -17.24
CA ALA D 296 16.05 9.75 -17.31
C ALA D 296 16.80 8.96 -18.38
N LYS D 297 16.49 7.68 -18.51
CA LYS D 297 17.07 6.86 -19.57
C LYS D 297 16.67 7.37 -20.96
N MET D 298 15.38 7.60 -21.15
CA MET D 298 14.86 8.00 -22.45
C MET D 298 15.31 9.42 -22.82
N LEU D 299 15.58 10.23 -21.81
CA LEU D 299 16.08 11.59 -22.05
C LEU D 299 17.45 11.57 -22.74
N SER D 300 18.44 11.02 -22.04
CA SER D 300 19.79 10.92 -22.58
C SER D 300 19.95 9.66 -23.43
N ASN D 301 19.29 9.64 -24.59
CA ASN D 301 19.41 8.53 -25.52
C ASN D 301 19.64 9.00 -26.95
N CYS D 302 18.90 10.03 -27.36
CA CYS D 302 19.10 10.63 -28.68
C CYS D 302 19.31 12.14 -28.56
N PRO D 303 20.58 12.56 -28.43
CA PRO D 303 20.96 13.99 -28.39
C PRO D 303 20.66 14.78 -29.67
N PRO D 304 21.05 14.24 -30.85
CA PRO D 304 20.98 15.07 -32.06
C PRO D 304 19.56 15.28 -32.56
N GLY D 305 18.93 16.38 -32.12
CA GLY D 305 17.58 16.71 -32.53
C GLY D 305 16.58 15.61 -32.22
N GLY D 306 16.96 14.71 -31.32
CA GLY D 306 16.12 13.58 -30.97
C GLY D 306 14.94 14.00 -30.12
N ILE D 307 13.74 13.97 -30.72
CA ILE D 307 12.55 14.43 -30.03
C ILE D 307 11.95 13.31 -29.20
N SER D 308 12.22 13.35 -27.91
CA SER D 308 11.63 12.39 -27.00
C SER D 308 10.24 12.89 -26.59
N MET D 309 9.22 12.16 -27.00
CA MET D 309 7.85 12.52 -26.67
C MET D 309 7.27 11.54 -25.65
N THR D 310 6.51 12.08 -24.71
CA THR D 310 5.81 11.27 -23.70
C THR D 310 4.32 11.24 -24.01
N VAL D 311 3.73 10.06 -23.91
CA VAL D 311 2.31 9.89 -24.17
C VAL D 311 1.61 9.45 -22.89
N THR D 312 0.68 10.29 -22.44
CA THR D 312 -0.10 10.05 -21.22
C THR D 312 -1.24 9.12 -21.58
N GLY D 313 -1.04 7.83 -21.34
CA GLY D 313 -1.92 6.81 -21.84
C GLY D 313 -3.09 6.46 -20.94
N ASP D 314 -4.12 5.90 -21.54
CA ASP D 314 -5.27 5.37 -20.83
C ASP D 314 -6.07 4.51 -21.80
N ASN D 315 -6.51 3.33 -21.36
CA ASN D 315 -7.21 2.38 -22.22
C ASN D 315 -8.71 2.40 -22.03
N THR D 316 -9.44 2.17 -23.12
CA THR D 316 -10.89 2.11 -23.09
C THR D 316 -11.37 0.66 -23.16
N LYS D 317 -12.43 0.35 -22.41
CA LYS D 317 -13.02 -0.98 -22.43
C LYS D 317 -11.97 -2.05 -22.13
N TRP D 318 -11.02 -1.70 -21.27
CA TRP D 318 -9.91 -2.56 -20.92
C TRP D 318 -10.35 -3.97 -20.56
N ASN D 319 -11.31 -4.06 -19.64
CA ASN D 319 -11.81 -5.36 -19.20
C ASN D 319 -12.72 -6.00 -20.25
N GLU D 320 -13.45 -5.17 -20.98
CA GLU D 320 -14.48 -5.67 -21.89
C GLU D 320 -13.94 -6.13 -23.24
N CYS D 321 -12.65 -5.90 -23.48
CA CYS D 321 -12.03 -6.29 -24.75
C CYS D 321 -11.08 -7.48 -24.58
N LEU D 322 -10.36 -7.50 -23.47
CA LEU D 322 -9.44 -8.61 -23.19
C LEU D 322 -10.21 -9.91 -23.01
N ASN D 323 -9.76 -10.95 -23.71
CA ASN D 323 -10.45 -12.23 -23.73
C ASN D 323 -9.70 -13.31 -22.95
N PRO D 324 -10.43 -14.15 -22.19
CA PRO D 324 -9.82 -15.28 -21.48
C PRO D 324 -9.01 -16.21 -22.39
N ARG D 325 -9.50 -16.42 -23.60
CA ARG D 325 -8.87 -17.34 -24.55
C ARG D 325 -7.42 -16.94 -24.83
N ILE D 326 -7.12 -15.66 -24.70
CA ILE D 326 -5.74 -15.19 -24.80
C ILE D 326 -4.96 -15.55 -23.55
N PHE D 327 -5.55 -15.25 -22.39
CA PHE D 327 -4.91 -15.54 -21.11
C PHE D 327 -4.56 -17.02 -20.99
N LEU D 328 -5.43 -17.86 -21.53
CA LEU D 328 -5.16 -19.30 -21.58
C LEU D 328 -3.87 -19.58 -22.36
N ALA D 329 -3.76 -18.97 -23.54
CA ALA D 329 -2.55 -19.10 -24.35
C ALA D 329 -1.34 -18.55 -23.60
N MET D 330 -1.55 -17.44 -22.88
CA MET D 330 -0.47 -16.85 -22.09
C MET D 330 0.01 -17.81 -21.02
N THR D 331 -0.91 -18.44 -20.30
CA THR D 331 -0.53 -19.45 -19.32
C THR D 331 0.18 -20.61 -20.00
N GLU D 332 -0.37 -21.08 -21.12
CA GLU D 332 0.19 -22.20 -21.84
C GLU D 332 1.62 -21.93 -22.32
N ARG D 333 1.87 -20.69 -22.75
CA ARG D 333 3.21 -20.30 -23.17
C ARG D 333 4.14 -20.16 -21.95
N ILE D 334 3.71 -19.35 -20.98
CA ILE D 334 4.51 -19.07 -19.80
C ILE D 334 4.91 -20.33 -19.02
N THR D 335 4.06 -21.35 -19.07
CA THR D 335 4.28 -22.59 -18.32
C THR D 335 4.96 -23.67 -19.17
N ARG D 336 5.67 -23.24 -20.22
CA ARG D 336 6.31 -24.16 -21.15
C ARG D 336 7.15 -25.24 -20.47
N ASP D 337 8.07 -24.82 -19.62
CA ASP D 337 9.03 -25.73 -19.01
C ASP D 337 8.46 -26.49 -17.81
N SER D 338 7.33 -26.01 -17.28
CA SER D 338 6.71 -26.64 -16.13
C SER D 338 6.09 -27.99 -16.50
N PRO D 339 5.96 -28.89 -15.51
CA PRO D 339 5.32 -30.19 -15.77
C PRO D 339 3.87 -30.05 -16.18
N ILE D 340 3.25 -31.16 -16.57
CA ILE D 340 1.90 -31.12 -17.15
C ILE D 340 0.82 -30.74 -16.14
N TRP D 341 0.89 -31.33 -14.95
CA TRP D 341 -0.15 -31.09 -13.95
C TRP D 341 -0.29 -29.60 -13.62
N PHE D 342 0.84 -28.90 -13.57
CA PHE D 342 0.84 -27.47 -13.25
C PHE D 342 0.26 -26.66 -14.40
N ARG D 343 0.52 -27.09 -15.63
CA ARG D 343 -0.06 -26.45 -16.80
C ARG D 343 -1.57 -26.64 -16.78
N ASP D 344 -1.99 -27.89 -16.56
CA ASP D 344 -3.41 -28.20 -16.42
C ASP D 344 -4.04 -27.40 -15.29
N PHE D 345 -3.29 -27.25 -14.21
CA PHE D 345 -3.77 -26.46 -13.07
C PHE D 345 -3.96 -24.99 -13.45
N CYS D 346 -2.94 -24.42 -14.07
CA CYS D 346 -2.97 -23.01 -14.45
C CYS D 346 -3.98 -22.71 -15.55
N SER D 347 -4.21 -23.69 -16.42
CA SER D 347 -5.12 -23.51 -17.55
C SER D 347 -6.58 -23.34 -17.16
N ILE D 348 -6.93 -23.73 -15.94
CA ILE D 348 -8.35 -23.82 -15.56
C ILE D 348 -9.07 -22.48 -15.44
N ALA D 349 -8.50 -21.54 -14.70
CA ALA D 349 -9.18 -20.27 -14.44
C ALA D 349 -9.57 -19.54 -15.74
N PRO D 350 -8.64 -19.46 -16.71
CA PRO D 350 -9.04 -18.89 -17.99
C PRO D 350 -10.18 -19.67 -18.65
N VAL D 351 -10.13 -21.00 -18.57
CA VAL D 351 -11.16 -21.84 -19.17
C VAL D 351 -12.51 -21.53 -18.53
N LEU D 352 -12.50 -21.31 -17.23
CA LEU D 352 -13.72 -20.95 -16.52
C LEU D 352 -14.21 -19.57 -16.96
N PHE D 353 -13.30 -18.60 -16.95
CA PHE D 353 -13.65 -17.25 -17.37
C PHE D 353 -14.07 -17.18 -18.84
N SER D 354 -13.59 -18.15 -19.63
CA SER D 354 -13.99 -18.23 -21.03
C SER D 354 -15.44 -18.69 -21.17
N ASN D 355 -15.93 -19.40 -20.17
CA ASN D 355 -17.30 -19.93 -20.19
C ASN D 355 -18.13 -19.41 -19.01
N LYS D 356 -17.76 -18.24 -18.50
CA LYS D 356 -18.41 -17.69 -17.31
C LYS D 356 -19.85 -17.24 -17.59
N ILE D 357 -20.61 -17.09 -16.51
CA ILE D 357 -21.96 -16.54 -16.57
C ILE D 357 -22.05 -15.31 -15.66
N ALA D 358 -22.86 -14.34 -16.05
CA ALA D 358 -22.99 -13.09 -15.30
C ALA D 358 -24.40 -12.95 -14.72
N ARG D 359 -24.48 -12.72 -13.41
CA ARG D 359 -25.73 -12.46 -12.73
C ARG D 359 -26.07 -10.98 -12.89
N LEU D 360 -27.36 -10.66 -12.94
CA LEU D 360 -27.81 -9.31 -13.28
C LEU D 360 -28.40 -8.54 -12.10
N GLY D 361 -27.86 -8.77 -10.91
CA GLY D 361 -28.24 -8.00 -9.74
C GLY D 361 -29.69 -8.15 -9.33
N LYS D 362 -30.26 -7.09 -8.78
CA LYS D 362 -31.64 -7.10 -8.29
C LYS D 362 -32.64 -7.22 -9.44
N GLY D 363 -32.63 -6.22 -10.32
CA GLY D 363 -33.54 -6.17 -11.45
C GLY D 363 -33.92 -4.75 -11.79
N PHE D 364 -35.22 -4.52 -12.02
CA PHE D 364 -35.74 -3.19 -12.28
C PHE D 364 -37.01 -2.94 -11.47
N MET D 365 -37.13 -1.73 -10.95
CA MET D 365 -38.29 -1.35 -10.14
C MET D 365 -39.35 -0.64 -10.99
N ILE D 366 -40.54 -1.21 -11.06
CA ILE D 366 -41.66 -0.57 -11.77
C ILE D 366 -42.61 0.03 -10.75
N THR D 367 -43.23 1.15 -11.12
CA THR D 367 -44.05 1.92 -10.19
C THR D 367 -45.30 2.51 -10.83
N SER D 368 -46.22 2.93 -9.98
CA SER D 368 -47.36 3.74 -10.40
C SER D 368 -47.48 4.94 -9.45
N LYS D 369 -47.39 6.14 -10.03
CA LYS D 369 -47.43 7.38 -9.27
C LYS D 369 -48.85 7.68 -8.82
N THR D 370 -49.81 7.28 -9.65
CA THR D 370 -51.22 7.44 -9.34
C THR D 370 -51.56 6.70 -8.05
N LYS D 371 -51.19 5.43 -7.99
CA LYS D 371 -51.48 4.58 -6.84
C LYS D 371 -50.39 4.69 -5.78
N ARG D 372 -49.29 5.35 -6.11
CA ARG D 372 -48.12 5.41 -5.24
C ARG D 372 -47.65 4.01 -4.87
N LEU D 373 -47.37 3.20 -5.90
CA LEU D 373 -46.94 1.83 -5.67
C LEU D 373 -45.64 1.55 -6.41
N LYS D 374 -44.82 0.66 -5.84
CA LYS D 374 -43.56 0.27 -6.47
C LYS D 374 -43.29 -1.21 -6.27
N ALA D 375 -42.56 -1.82 -7.22
CA ALA D 375 -42.17 -3.21 -7.08
C ALA D 375 -40.93 -3.56 -7.91
N GLN D 376 -40.06 -4.37 -7.31
CA GLN D 376 -38.87 -4.89 -7.98
C GLN D 376 -39.23 -6.12 -8.82
N ILE D 377 -38.74 -6.14 -10.07
CA ILE D 377 -38.93 -7.28 -10.95
C ILE D 377 -37.64 -8.09 -11.05
N PRO D 378 -37.59 -9.26 -10.39
CA PRO D 378 -36.38 -10.10 -10.47
C PRO D 378 -35.95 -10.40 -11.89
N CYS D 379 -34.66 -10.70 -12.07
CA CYS D 379 -34.11 -10.96 -13.39
C CYS D 379 -34.78 -12.14 -14.09
N PRO D 380 -35.23 -13.15 -13.31
CA PRO D 380 -36.03 -14.21 -13.96
C PRO D 380 -37.32 -13.68 -14.58
N ASP D 381 -38.02 -12.83 -13.84
CA ASP D 381 -39.29 -12.27 -14.30
C ASP D 381 -39.08 -11.06 -15.19
N LEU D 382 -37.82 -10.77 -15.51
CA LEU D 382 -37.45 -9.60 -16.29
C LEU D 382 -38.27 -9.45 -17.57
N PHE D 383 -38.56 -10.58 -18.23
CA PHE D 383 -39.26 -10.56 -19.51
C PHE D 383 -40.73 -10.96 -19.37
N SER D 384 -41.18 -11.17 -18.14
CA SER D 384 -42.57 -11.50 -17.88
C SER D 384 -43.41 -10.23 -17.81
N ILE D 385 -43.34 -9.43 -18.87
CA ILE D 385 -43.96 -8.11 -18.88
C ILE D 385 -43.77 -7.48 -20.26
N PRO D 386 -44.77 -6.74 -20.74
CA PRO D 386 -44.58 -6.04 -22.02
C PRO D 386 -43.43 -5.06 -21.97
N LEU D 387 -42.54 -5.12 -22.96
CA LEU D 387 -41.34 -4.29 -22.98
C LEU D 387 -41.69 -2.80 -23.02
N GLU D 388 -42.90 -2.47 -23.43
CA GLU D 388 -43.35 -1.09 -23.49
C GLU D 388 -43.49 -0.48 -22.10
N ARG D 389 -43.64 -1.34 -21.09
CA ARG D 389 -43.83 -0.88 -19.72
C ARG D 389 -42.49 -0.46 -19.09
N TYR D 390 -41.39 -0.91 -19.68
CA TYR D 390 -40.06 -0.43 -19.30
C TYR D 390 -39.81 0.92 -19.95
N ASN D 391 -38.79 1.64 -19.48
CA ASN D 391 -38.49 2.95 -20.04
C ASN D 391 -37.81 2.81 -21.41
N GLU D 392 -37.51 3.94 -22.05
CA GLU D 392 -37.05 3.93 -23.43
C GLU D 392 -35.69 3.25 -23.62
N GLU D 393 -34.76 3.50 -22.70
CA GLU D 393 -33.42 2.94 -22.79
C GLU D 393 -33.41 1.45 -22.41
N THR D 394 -34.05 1.13 -21.30
CA THR D 394 -34.13 -0.24 -20.82
C THR D 394 -34.81 -1.12 -21.86
N ARG D 395 -35.78 -0.55 -22.58
CA ARG D 395 -36.47 -1.27 -23.64
C ARG D 395 -35.48 -1.64 -24.74
N ALA D 396 -34.56 -0.73 -25.03
CA ALA D 396 -33.53 -0.97 -26.03
C ALA D 396 -32.53 -2.01 -25.53
N LYS D 397 -32.12 -1.87 -24.27
CA LYS D 397 -31.18 -2.82 -23.68
C LYS D 397 -31.72 -4.26 -23.66
N LEU D 398 -32.91 -4.43 -23.10
CA LEU D 398 -33.51 -5.75 -22.92
C LEU D 398 -33.64 -6.50 -24.24
N LYS D 399 -33.94 -5.78 -25.32
CA LYS D 399 -34.02 -6.38 -26.64
C LYS D 399 -32.66 -6.90 -27.06
N LYS D 400 -31.61 -6.13 -26.77
CA LYS D 400 -30.25 -6.50 -27.14
C LYS D 400 -29.71 -7.60 -26.23
N LEU D 401 -30.21 -7.66 -25.00
CA LEU D 401 -29.79 -8.70 -24.06
C LEU D 401 -30.27 -10.09 -24.43
N LYS D 402 -31.43 -10.16 -25.11
CA LYS D 402 -32.10 -11.43 -25.41
C LYS D 402 -31.19 -12.59 -25.83
N PRO D 403 -30.41 -12.42 -26.92
CA PRO D 403 -29.60 -13.52 -27.43
C PRO D 403 -28.62 -14.11 -26.41
N PHE D 404 -28.26 -13.33 -25.40
CA PHE D 404 -27.32 -13.78 -24.38
C PHE D 404 -28.02 -14.03 -23.04
N PHE D 405 -29.35 -14.01 -23.05
CA PHE D 405 -30.15 -14.17 -21.84
C PHE D 405 -30.49 -15.64 -21.57
N ASN D 406 -30.47 -16.01 -20.29
CA ASN D 406 -30.76 -17.37 -19.87
C ASN D 406 -32.10 -17.45 -19.14
N GLU D 407 -32.73 -18.62 -19.21
CA GLU D 407 -34.03 -18.86 -18.60
C GLU D 407 -34.06 -18.46 -17.12
N GLU D 408 -33.02 -18.85 -16.38
CA GLU D 408 -32.99 -18.64 -14.94
C GLU D 408 -32.68 -17.19 -14.56
N GLY D 409 -32.56 -16.32 -15.56
CA GLY D 409 -32.36 -14.91 -15.32
C GLY D 409 -30.90 -14.51 -15.15
N THR D 410 -30.05 -15.04 -16.04
CA THR D 410 -28.63 -14.69 -16.05
C THR D 410 -28.18 -14.42 -17.47
N ALA D 411 -27.03 -13.78 -17.61
CA ALA D 411 -26.50 -13.42 -18.92
C ALA D 411 -25.21 -14.17 -19.21
N SER D 412 -25.20 -14.91 -20.32
CA SER D 412 -23.99 -15.57 -20.79
C SER D 412 -22.99 -14.51 -21.25
N LEU D 413 -21.72 -14.74 -20.94
CA LEU D 413 -20.69 -13.75 -21.23
C LEU D 413 -19.32 -14.42 -21.42
N SER D 414 -19.13 -15.00 -22.60
CA SER D 414 -17.89 -15.68 -22.93
C SER D 414 -16.69 -14.72 -22.99
N PRO D 415 -16.82 -13.63 -23.77
CA PRO D 415 -15.67 -12.74 -23.90
C PRO D 415 -15.55 -11.77 -22.73
N GLY D 416 -14.45 -11.02 -22.68
CA GLY D 416 -14.26 -9.97 -21.70
C GLY D 416 -13.88 -10.47 -20.32
N MET D 417 -13.37 -9.55 -19.50
CA MET D 417 -13.04 -9.82 -18.11
C MET D 417 -13.89 -8.93 -17.22
N MET D 418 -13.89 -9.23 -15.92
CA MET D 418 -14.58 -8.39 -14.94
C MET D 418 -13.62 -7.37 -14.33
N MET D 419 -14.19 -6.34 -13.71
CA MET D 419 -13.40 -5.27 -13.11
C MET D 419 -12.50 -5.79 -11.99
N GLY D 420 -11.20 -5.89 -12.27
CA GLY D 420 -10.24 -6.35 -11.30
C GLY D 420 -10.25 -7.86 -11.11
N MET D 421 -9.62 -8.58 -12.03
CA MET D 421 -9.52 -10.02 -11.95
C MET D 421 -8.09 -10.48 -12.23
N PHE D 422 -7.67 -10.34 -13.48
CA PHE D 422 -6.30 -10.67 -13.87
C PHE D 422 -5.49 -9.40 -14.11
N ASN D 423 -5.33 -8.61 -13.05
CA ASN D 423 -4.58 -7.35 -13.15
C ASN D 423 -3.12 -7.58 -13.56
N MET D 424 -2.45 -8.47 -12.84
CA MET D 424 -1.07 -8.85 -13.13
C MET D 424 -0.93 -9.39 -14.56
N LEU D 425 -1.68 -10.45 -14.84
CA LEU D 425 -1.55 -11.14 -16.12
C LEU D 425 -1.90 -10.25 -17.31
N SER D 426 -2.74 -9.25 -17.09
CA SER D 426 -3.07 -8.28 -18.13
C SER D 426 -1.96 -7.23 -18.24
N THR D 427 -1.45 -6.80 -17.09
CA THR D 427 -0.30 -5.91 -17.06
C THR D 427 0.86 -6.51 -17.85
N VAL D 428 1.04 -7.82 -17.69
CA VAL D 428 2.03 -8.56 -18.48
C VAL D 428 1.77 -8.39 -19.98
N LEU D 429 0.51 -8.56 -20.38
CA LEU D 429 0.13 -8.42 -21.78
C LEU D 429 0.41 -6.99 -22.28
N GLY D 430 0.22 -6.00 -21.41
CA GLY D 430 0.59 -4.63 -21.76
C GLY D 430 2.08 -4.44 -21.95
N VAL D 431 2.84 -4.91 -20.97
CA VAL D 431 4.29 -4.86 -21.06
C VAL D 431 4.75 -5.55 -22.34
N ALA D 432 4.08 -6.65 -22.68
CA ALA D 432 4.39 -7.38 -23.91
C ALA D 432 4.24 -6.47 -25.12
N ALA D 433 3.27 -5.56 -25.06
CA ALA D 433 3.13 -4.56 -26.10
C ALA D 433 4.29 -3.60 -26.03
N LEU D 434 4.63 -3.17 -24.82
CA LEU D 434 5.78 -2.28 -24.66
C LEU D 434 7.11 -2.92 -25.04
N GLY D 435 7.15 -4.25 -25.16
CA GLY D 435 8.40 -4.95 -25.41
C GLY D 435 8.90 -4.93 -26.85
N ILE D 436 8.01 -4.61 -27.78
CA ILE D 436 8.35 -4.60 -29.21
C ILE D 436 9.29 -3.43 -29.53
N LYS D 437 8.91 -2.23 -29.08
CA LYS D 437 9.74 -1.02 -29.17
C LYS D 437 9.90 -0.45 -30.59
N ASN D 438 9.75 -1.28 -31.61
CA ASN D 438 9.95 -0.83 -32.97
C ASN D 438 9.26 -1.74 -33.98
N ILE D 439 8.97 -1.21 -35.16
CA ILE D 439 8.37 -2.01 -36.24
C ILE D 439 8.94 -1.59 -37.60
N GLY D 440 9.46 -2.57 -38.33
CA GLY D 440 9.95 -2.35 -39.68
C GLY D 440 11.23 -1.54 -39.72
N ASN D 441 11.95 -1.54 -38.61
CA ASN D 441 13.23 -0.83 -38.51
C ASN D 441 13.10 0.66 -38.85
N LYS D 442 11.96 1.25 -38.51
CA LYS D 442 11.75 2.68 -38.71
C LYS D 442 12.56 3.46 -37.68
N GLU D 443 12.85 4.72 -37.99
CA GLU D 443 13.76 5.52 -37.17
C GLU D 443 13.09 6.06 -35.91
N TYR D 444 12.69 5.15 -35.03
CA TYR D 444 12.18 5.52 -33.71
C TYR D 444 12.31 4.35 -32.74
N LEU D 445 12.15 4.64 -31.46
CA LEU D 445 12.14 3.60 -30.43
C LEU D 445 11.20 3.98 -29.30
N TRP D 446 10.26 3.10 -28.97
CA TRP D 446 9.34 3.38 -27.86
C TRP D 446 9.61 2.51 -26.65
N ASP D 447 9.33 3.07 -25.49
CA ASP D 447 9.41 2.34 -24.22
C ASP D 447 8.28 2.90 -23.38
N GLY D 448 8.12 2.39 -22.17
CA GLY D 448 7.07 2.90 -21.31
C GLY D 448 6.81 2.11 -20.05
N LEU D 449 5.80 2.53 -19.30
CA LEU D 449 5.40 1.85 -18.07
C LEU D 449 3.91 1.50 -18.14
N GLN D 450 3.58 0.29 -17.71
CA GLN D 450 2.21 -0.23 -17.79
C GLN D 450 1.62 -0.45 -16.40
N SER D 451 0.33 -0.22 -16.28
CA SER D 451 -0.40 -0.56 -15.05
C SER D 451 -1.89 -0.77 -15.35
N SER D 452 -2.24 -2.02 -15.62
CA SER D 452 -3.62 -2.39 -15.98
C SER D 452 -4.13 -1.56 -17.16
N ASP D 453 -5.13 -0.71 -16.92
CA ASP D 453 -5.73 0.10 -17.98
C ASP D 453 -4.98 1.42 -18.16
N ASP D 454 -4.05 1.71 -17.24
CA ASP D 454 -3.30 2.95 -17.28
C ASP D 454 -1.86 2.69 -17.73
N PHE D 455 -1.38 3.45 -18.71
CA PHE D 455 -0.03 3.29 -19.24
C PHE D 455 0.60 4.63 -19.60
N ALA D 456 1.93 4.64 -19.63
CA ALA D 456 2.70 5.82 -20.03
C ALA D 456 3.71 5.41 -21.10
N LEU D 457 3.64 6.04 -22.27
CA LEU D 457 4.46 5.61 -23.41
C LEU D 457 5.45 6.67 -23.85
N PHE D 458 6.74 6.35 -23.75
CA PHE D 458 7.79 7.22 -24.24
C PHE D 458 8.19 6.81 -25.65
N VAL D 459 8.42 7.81 -26.51
CA VAL D 459 8.80 7.56 -27.90
C VAL D 459 9.93 8.50 -28.34
N ASN D 460 11.07 7.91 -28.69
CA ASN D 460 12.22 8.68 -29.15
C ASN D 460 12.43 8.54 -30.66
N ALA D 461 12.64 9.66 -31.33
CA ALA D 461 12.90 9.68 -32.76
C ALA D 461 13.52 10.99 -33.21
N LYS D 462 13.87 11.08 -34.49
CA LYS D 462 14.60 12.22 -35.02
C LYS D 462 13.69 13.42 -35.28
N ASP D 463 12.50 13.16 -35.80
CA ASP D 463 11.50 14.20 -36.01
C ASP D 463 10.13 13.71 -35.55
N GLU D 464 9.31 14.63 -35.07
CA GLU D 464 8.04 14.27 -34.44
C GLU D 464 7.11 13.51 -35.40
N GLU D 465 7.19 13.84 -36.68
CA GLU D 465 6.41 13.14 -37.70
C GLU D 465 6.63 11.63 -37.60
N THR D 466 7.83 11.24 -37.19
CA THR D 466 8.16 9.83 -36.99
C THR D 466 7.59 9.33 -35.67
N CYS D 467 7.75 10.15 -34.62
CA CYS D 467 7.21 9.82 -33.30
C CYS D 467 5.75 9.47 -33.38
N MET D 468 4.97 10.32 -34.04
CA MET D 468 3.55 10.10 -34.17
C MET D 468 3.25 8.78 -34.89
N GLU D 469 4.08 8.44 -35.87
CA GLU D 469 3.92 7.18 -36.60
C GLU D 469 4.31 6.02 -35.70
N GLY D 470 5.27 6.25 -34.81
CA GLY D 470 5.62 5.26 -33.81
C GLY D 470 4.46 5.01 -32.86
N ILE D 471 3.86 6.09 -32.38
CA ILE D 471 2.67 6.00 -31.55
C ILE D 471 1.54 5.29 -32.30
N ASN D 472 1.36 5.64 -33.56
CA ASN D 472 0.35 4.99 -34.40
C ASN D 472 0.64 3.50 -34.55
N ASP D 473 1.91 3.18 -34.72
CA ASP D 473 2.34 1.79 -34.79
C ASP D 473 2.01 1.07 -33.48
N PHE D 474 2.28 1.74 -32.36
CA PHE D 474 1.98 1.18 -31.05
C PHE D 474 0.48 0.92 -30.89
N TYR D 475 -0.33 1.90 -31.29
CA TYR D 475 -1.78 1.77 -31.30
C TYR D 475 -2.21 0.55 -32.11
N ARG D 476 -1.82 0.56 -33.39
CA ARG D 476 -2.18 -0.50 -34.31
C ARG D 476 -1.66 -1.85 -33.84
N THR D 477 -0.55 -1.84 -33.11
CA THR D 477 -0.01 -3.05 -32.49
C THR D 477 -0.95 -3.52 -31.39
N CYS D 478 -1.25 -2.61 -30.47
CA CYS D 478 -2.09 -2.92 -29.32
C CYS D 478 -3.44 -3.48 -29.76
N LYS D 479 -3.99 -2.94 -30.83
CA LYS D 479 -5.21 -3.50 -31.42
C LYS D 479 -5.12 -5.02 -31.62
N LEU D 480 -3.95 -5.50 -32.04
CA LEU D 480 -3.77 -6.92 -32.31
C LEU D 480 -3.71 -7.76 -31.03
N LEU D 481 -3.50 -7.10 -29.89
CA LEU D 481 -3.49 -7.77 -28.59
C LEU D 481 -4.85 -7.66 -27.90
N GLY D 482 -5.78 -6.96 -28.55
CA GLY D 482 -7.08 -6.71 -27.95
C GLY D 482 -7.03 -5.56 -26.97
N ILE D 483 -5.93 -4.81 -26.99
CA ILE D 483 -5.76 -3.63 -26.14
C ILE D 483 -6.13 -2.38 -26.94
N ASN D 484 -7.05 -1.58 -26.38
CA ASN D 484 -7.58 -0.42 -27.08
C ASN D 484 -7.24 0.87 -26.36
N MET D 485 -6.49 1.73 -27.04
CA MET D 485 -6.09 3.01 -26.50
C MET D 485 -7.23 4.01 -26.58
N SER D 486 -7.34 4.86 -25.55
CA SER D 486 -8.39 5.88 -25.51
C SER D 486 -7.96 7.14 -26.24
N LYS D 487 -8.38 7.26 -27.51
CA LYS D 487 -8.08 8.44 -28.30
C LYS D 487 -8.65 9.70 -27.65
N LYS D 488 -9.72 9.52 -26.88
CA LYS D 488 -10.41 10.65 -26.27
C LYS D 488 -9.71 11.14 -25.00
N LYS D 489 -9.22 10.21 -24.18
CA LYS D 489 -8.63 10.57 -22.89
C LYS D 489 -7.11 10.65 -22.92
N SER D 490 -6.49 9.97 -23.88
CA SER D 490 -5.02 9.97 -23.99
C SER D 490 -4.53 11.16 -24.80
N TYR D 491 -3.37 11.67 -24.42
CA TYR D 491 -2.73 12.78 -25.13
C TYR D 491 -1.20 12.69 -25.06
N CYS D 492 -0.55 13.30 -26.04
CA CYS D 492 0.89 13.23 -26.20
C CYS D 492 1.54 14.61 -26.12
N ASN D 493 2.77 14.64 -25.61
CA ASN D 493 3.52 15.88 -25.54
C ASN D 493 5.02 15.64 -25.52
N GLU D 494 5.79 16.71 -25.68
CA GLU D 494 7.24 16.61 -25.62
C GLU D 494 7.66 16.24 -24.20
N THR D 495 8.58 15.28 -24.10
CA THR D 495 8.98 14.74 -22.80
C THR D 495 9.51 15.81 -21.87
N GLY D 496 9.18 15.67 -20.60
CA GLY D 496 9.52 16.65 -19.58
C GLY D 496 8.45 16.64 -18.50
N MET D 497 7.20 16.56 -18.92
CA MET D 497 6.08 16.44 -17.99
C MET D 497 5.01 15.48 -18.49
N PHE D 498 4.36 14.79 -17.56
CA PHE D 498 3.29 13.86 -17.91
C PHE D 498 2.48 13.46 -16.68
N GLU D 499 1.44 12.66 -16.91
CA GLU D 499 0.58 12.16 -15.82
C GLU D 499 0.48 10.64 -15.87
N PHE D 500 0.52 10.01 -14.71
CA PHE D 500 0.40 8.55 -14.62
C PHE D 500 -0.26 8.14 -13.31
N THR D 501 -1.43 7.52 -13.44
CA THR D 501 -2.23 7.08 -12.29
C THR D 501 -2.30 8.17 -11.23
N SER D 502 -2.71 9.37 -11.66
CA SER D 502 -2.85 10.53 -10.78
C SER D 502 -1.54 10.88 -10.08
N MET D 503 -0.42 10.56 -10.73
CA MET D 503 0.88 11.07 -10.31
C MET D 503 1.42 11.94 -11.43
N PHE D 504 1.80 13.17 -11.08
CA PHE D 504 2.14 14.19 -12.06
C PHE D 504 3.63 14.48 -12.09
N TYR D 505 4.25 14.20 -13.23
CA TYR D 505 5.66 14.47 -13.45
C TYR D 505 5.82 15.79 -14.20
N ARG D 506 6.73 16.63 -13.71
CA ARG D 506 7.12 17.85 -14.39
C ARG D 506 8.57 18.15 -14.04
N ASP D 507 9.49 17.56 -14.82
CA ASP D 507 10.91 17.63 -14.52
C ASP D 507 11.13 17.13 -13.10
N GLY D 508 10.35 16.12 -12.73
CA GLY D 508 10.32 15.61 -11.37
C GLY D 508 8.89 15.51 -10.90
N PHE D 509 8.55 14.42 -10.21
CA PHE D 509 7.20 14.22 -9.73
C PHE D 509 6.81 15.24 -8.65
N VAL D 510 5.73 15.97 -8.90
CA VAL D 510 5.22 16.95 -7.95
C VAL D 510 4.32 16.26 -6.92
N SER D 511 4.02 16.97 -5.82
CA SER D 511 3.12 16.44 -4.81
C SER D 511 1.67 16.64 -5.20
N ASN D 512 0.81 15.76 -4.71
CA ASN D 512 -0.63 15.82 -4.97
C ASN D 512 -1.38 15.61 -3.66
N PHE D 513 -1.14 16.51 -2.71
CA PHE D 513 -1.64 16.39 -1.34
C PHE D 513 -3.13 16.09 -1.25
N ALA D 514 -3.90 16.58 -2.23
CA ALA D 514 -5.35 16.36 -2.26
C ALA D 514 -5.71 14.88 -2.20
N MET D 515 -5.02 14.08 -3.01
CA MET D 515 -5.28 12.66 -3.13
C MET D 515 -5.44 11.95 -1.79
N GLU D 516 -4.59 12.29 -0.83
CA GLU D 516 -4.58 11.59 0.46
C GLU D 516 -5.43 12.30 1.50
N LEU D 517 -6.02 13.44 1.13
CA LEU D 517 -6.68 14.29 2.12
C LEU D 517 -7.84 13.59 2.84
N PRO D 518 -8.66 12.80 2.12
CA PRO D 518 -9.74 12.07 2.79
C PRO D 518 -9.25 11.14 3.92
N SER D 519 -8.01 10.68 3.84
CA SER D 519 -7.49 9.74 4.83
C SER D 519 -7.22 10.41 6.17
N PHE D 520 -7.11 11.73 6.16
CA PHE D 520 -6.76 12.48 7.37
C PHE D 520 -7.85 12.36 8.43
N GLY D 521 -9.09 12.17 8.00
CA GLY D 521 -10.21 12.07 8.92
C GLY D 521 -10.08 10.87 9.84
N VAL D 522 -11.02 10.75 10.78
CA VAL D 522 -11.03 9.64 11.73
C VAL D 522 -11.39 8.36 10.98
N ALA D 523 -10.57 7.33 11.15
CA ALA D 523 -10.66 6.12 10.33
C ALA D 523 -11.91 5.30 10.63
N GLY D 524 -12.15 5.04 11.90
CA GLY D 524 -13.33 4.31 12.34
C GLY D 524 -13.04 2.89 12.78
N VAL D 525 -11.87 2.70 13.40
CA VAL D 525 -11.53 1.43 14.03
C VAL D 525 -11.92 1.49 15.50
N ASN D 526 -11.27 2.39 16.24
CA ASN D 526 -11.67 2.75 17.60
C ASN D 526 -10.83 3.90 18.13
N GLU D 527 -11.11 4.33 19.35
CA GLU D 527 -10.44 5.47 19.96
C GLU D 527 -8.92 5.29 19.99
N SER D 528 -8.49 4.09 20.38
CA SER D 528 -7.06 3.80 20.51
C SER D 528 -6.37 3.86 19.15
N ALA D 529 -6.89 3.09 18.20
CA ALA D 529 -6.27 2.98 16.87
C ALA D 529 -6.32 4.28 16.08
N ASP D 530 -7.51 4.87 16.01
CA ASP D 530 -7.74 6.03 15.14
C ASP D 530 -6.80 7.19 15.46
N MET D 531 -6.38 7.30 16.72
CA MET D 531 -5.39 8.30 17.10
C MET D 531 -4.06 7.99 16.41
N ALA D 532 -3.53 6.80 16.67
CA ALA D 532 -2.28 6.35 16.07
C ALA D 532 -2.32 6.54 14.56
N ILE D 533 -3.38 6.03 13.94
CA ILE D 533 -3.60 6.20 12.51
C ILE D 533 -3.59 7.68 12.14
N GLY D 534 -4.33 8.47 12.91
CA GLY D 534 -4.47 9.89 12.63
C GLY D 534 -3.16 10.63 12.63
N MET D 535 -2.30 10.33 13.60
CA MET D 535 -1.00 10.98 13.66
C MET D 535 -0.06 10.42 12.58
N THR D 536 -0.07 9.09 12.44
CA THR D 536 0.78 8.41 11.46
C THR D 536 0.51 8.91 10.04
N ILE D 537 -0.75 9.18 9.71
CA ILE D 537 -1.08 9.71 8.39
C ILE D 537 -0.43 11.08 8.15
N ILE D 538 -0.45 11.94 9.16
CA ILE D 538 0.21 13.23 9.08
C ILE D 538 1.71 13.03 8.91
N LYS D 539 2.28 12.21 9.79
CA LYS D 539 3.70 11.87 9.76
C LYS D 539 4.13 11.41 8.37
N ASN D 540 3.37 10.50 7.78
CA ASN D 540 3.68 9.98 6.46
C ASN D 540 3.49 11.02 5.36
N ASN D 541 2.38 11.75 5.40
CA ASN D 541 2.10 12.75 4.37
C ASN D 541 3.10 13.90 4.41
N MET D 542 3.67 14.15 5.58
CA MET D 542 4.77 15.12 5.70
C MET D 542 5.96 14.66 4.87
N ILE D 543 6.27 13.38 4.99
CA ILE D 543 7.39 12.78 4.28
C ILE D 543 7.12 12.71 2.78
N ASN D 544 6.10 11.94 2.39
CA ASN D 544 5.87 11.62 0.98
C ASN D 544 5.16 12.69 0.16
N ASN D 545 4.07 13.25 0.68
CA ASN D 545 3.18 14.08 -0.13
C ASN D 545 3.42 15.59 0.03
N GLY D 546 4.52 15.96 0.67
CA GLY D 546 4.92 17.35 0.73
C GLY D 546 3.99 18.24 1.53
N MET D 547 3.86 17.93 2.83
CA MET D 547 3.10 18.77 3.75
C MET D 547 4.05 19.46 4.71
N GLY D 548 4.04 20.79 4.70
CA GLY D 548 4.93 21.56 5.55
C GLY D 548 4.59 21.39 7.02
N PRO D 549 5.47 21.89 7.91
CA PRO D 549 5.29 21.75 9.37
C PRO D 549 4.08 22.52 9.91
N ALA D 550 3.78 23.67 9.30
CA ALA D 550 2.62 24.46 9.71
C ALA D 550 1.33 23.73 9.37
N THR D 551 1.20 23.30 8.12
CA THR D 551 0.02 22.57 7.66
C THR D 551 -0.12 21.26 8.43
N ALA D 552 1.01 20.61 8.70
CA ALA D 552 1.02 19.39 9.49
C ALA D 552 0.52 19.67 10.91
N GLN D 553 1.06 20.71 11.54
CA GLN D 553 0.63 21.10 12.88
C GLN D 553 -0.84 21.52 12.88
N THR D 554 -1.31 22.06 11.76
CA THR D 554 -2.73 22.36 11.61
C THR D 554 -3.53 21.07 11.56
N ALA D 555 -3.08 20.11 10.74
CA ALA D 555 -3.74 18.81 10.64
C ALA D 555 -3.77 18.10 11.99
N ILE D 556 -2.70 18.26 12.77
CA ILE D 556 -2.64 17.73 14.12
C ILE D 556 -3.82 18.28 14.93
N GLN D 557 -4.14 19.55 14.71
CA GLN D 557 -5.26 20.18 15.40
C GLN D 557 -6.60 19.67 14.86
N LEU D 558 -6.77 19.77 13.54
CA LEU D 558 -8.02 19.36 12.90
C LEU D 558 -8.40 17.92 13.24
N PHE D 559 -7.41 17.03 13.27
CA PHE D 559 -7.71 15.64 13.60
C PHE D 559 -8.24 15.50 15.02
N ILE D 560 -7.64 16.21 15.97
CA ILE D 560 -8.10 16.16 17.35
C ILE D 560 -9.52 16.76 17.42
N ALA D 561 -9.73 17.82 16.65
CA ALA D 561 -11.07 18.42 16.56
C ALA D 561 -12.09 17.39 16.11
N ASP D 562 -11.80 16.70 15.01
CA ASP D 562 -12.69 15.66 14.51
C ASP D 562 -12.81 14.51 15.51
N TYR D 563 -11.68 14.17 16.14
CA TYR D 563 -11.58 13.05 17.07
C TYR D 563 -12.45 13.27 18.30
N ARG D 564 -12.41 14.48 18.84
CA ARG D 564 -13.13 14.80 20.07
C ARG D 564 -14.64 14.89 19.86
N TYR D 565 -15.06 15.37 18.68
CA TYR D 565 -16.48 15.41 18.35
C TYR D 565 -17.00 14.02 18.03
N THR D 566 -16.28 13.30 17.18
CA THR D 566 -16.69 11.95 16.78
C THR D 566 -16.87 11.05 17.99
N TYR D 567 -15.86 11.01 18.86
CA TYR D 567 -15.88 10.15 20.03
C TYR D 567 -16.38 10.86 21.28
N LYS D 568 -16.85 12.09 21.11
CA LYS D 568 -17.46 12.85 22.20
C LYS D 568 -16.60 12.81 23.46
N CYS D 569 -15.37 13.31 23.35
CA CYS D 569 -14.43 13.30 24.46
C CYS D 569 -13.65 14.60 24.54
N HIS D 570 -14.36 15.70 24.78
CA HIS D 570 -13.73 17.01 24.86
C HIS D 570 -12.97 17.15 26.17
N ARG D 571 -12.18 18.22 26.28
CA ARG D 571 -11.35 18.46 27.45
C ARG D 571 -12.13 18.39 28.75
N GLY D 572 -11.57 17.70 29.74
CA GLY D 572 -12.21 17.57 31.04
C GLY D 572 -12.44 18.90 31.72
N ASP D 573 -11.62 19.89 31.39
CA ASP D 573 -11.77 21.23 31.95
C ASP D 573 -12.82 22.03 31.18
N SER D 574 -13.08 21.63 29.94
CA SER D 574 -14.11 22.32 29.15
C SER D 574 -15.49 22.00 29.70
N LYS D 575 -16.50 22.73 29.23
CA LYS D 575 -17.86 22.61 29.75
C LYS D 575 -18.84 22.13 28.68
N VAL D 576 -18.36 21.26 27.79
CA VAL D 576 -19.20 20.66 26.78
C VAL D 576 -19.99 19.51 27.41
N GLU D 577 -21.31 19.53 27.24
CA GLU D 577 -22.16 18.56 27.91
C GLU D 577 -22.37 17.30 27.08
N GLY D 578 -22.62 16.19 27.78
CA GLY D 578 -22.79 14.89 27.14
C GLY D 578 -22.73 13.79 28.18
N LYS D 579 -23.27 12.63 27.85
CA LYS D 579 -23.31 11.50 28.78
C LYS D 579 -21.90 11.11 29.22
N ARG D 580 -20.99 11.02 28.25
CA ARG D 580 -19.60 10.69 28.55
C ARG D 580 -18.91 11.85 29.26
N MET D 581 -19.10 13.06 28.73
CA MET D 581 -18.47 14.27 29.28
C MET D 581 -18.75 14.44 30.77
N LYS D 582 -19.95 14.04 31.20
CA LYS D 582 -20.34 14.13 32.59
C LYS D 582 -19.40 13.32 33.47
N ILE D 583 -18.93 12.19 32.94
CA ILE D 583 -17.98 11.34 33.67
C ILE D 583 -16.54 11.82 33.44
N ILE D 584 -16.26 12.26 32.22
CA ILE D 584 -14.95 12.82 31.89
C ILE D 584 -14.57 13.95 32.83
N LYS D 585 -15.52 14.85 33.08
CA LYS D 585 -15.29 15.97 33.99
C LYS D 585 -14.96 15.46 35.40
N GLU D 586 -15.67 14.43 35.85
CA GLU D 586 -15.38 13.82 37.14
C GLU D 586 -13.97 13.27 37.15
N LEU D 587 -13.63 12.53 36.11
CA LEU D 587 -12.28 11.98 35.97
C LEU D 587 -11.24 13.10 35.99
N TRP D 588 -11.58 14.21 35.36
CA TRP D 588 -10.71 15.38 35.35
C TRP D 588 -10.52 15.92 36.77
N GLU D 589 -11.63 16.06 37.50
CA GLU D 589 -11.56 16.50 38.89
C GLU D 589 -10.81 15.51 39.79
N ASN D 590 -11.00 14.21 39.55
CA ASN D 590 -10.38 13.19 40.40
C ASN D 590 -8.88 13.01 40.15
N THR D 591 -8.51 12.95 38.88
CA THR D 591 -7.13 12.67 38.50
C THR D 591 -6.21 13.85 38.86
N LYS D 592 -5.00 13.51 39.32
CA LYS D 592 -4.00 14.50 39.64
C LYS D 592 -3.15 14.81 38.42
N GLY D 593 -2.59 13.77 37.82
CA GLY D 593 -1.80 13.90 36.60
C GLY D 593 -2.70 14.02 35.39
N ARG D 594 -3.29 15.20 35.23
CA ARG D 594 -4.25 15.44 34.14
C ARG D 594 -3.61 15.34 32.78
N ASP D 595 -2.37 15.82 32.65
CA ASP D 595 -1.63 15.73 31.40
C ASP D 595 -1.35 14.28 31.03
N GLY D 596 -1.53 13.37 31.98
CA GLY D 596 -1.37 11.95 31.76
C GLY D 596 -2.58 11.32 31.11
N LEU D 597 -3.73 12.00 31.22
CA LEU D 597 -4.97 11.51 30.64
C LEU D 597 -4.94 11.54 29.12
N LEU D 598 -5.46 10.48 28.51
CA LEU D 598 -5.61 10.43 27.07
C LEU D 598 -6.73 11.37 26.62
N VAL D 599 -6.69 11.77 25.36
CA VAL D 599 -7.73 12.64 24.81
C VAL D 599 -9.10 11.96 24.90
N ALA D 600 -9.12 10.65 24.73
CA ALA D 600 -10.35 9.87 24.83
C ALA D 600 -10.99 10.02 26.21
N ASP D 601 -10.15 10.29 27.21
CA ASP D 601 -10.62 10.51 28.57
C ASP D 601 -10.59 12.00 28.92
N GLY D 602 -10.85 12.82 27.90
CA GLY D 602 -10.90 14.26 28.07
C GLY D 602 -9.56 14.84 28.49
N GLY D 603 -8.48 14.17 28.11
CA GLY D 603 -7.14 14.63 28.41
C GLY D 603 -6.65 15.59 27.35
N PRO D 604 -5.54 16.28 27.62
CA PRO D 604 -4.98 17.30 26.72
C PRO D 604 -4.14 16.67 25.62
N ASN D 605 -4.21 17.23 24.41
CA ASN D 605 -3.40 16.75 23.29
C ASN D 605 -1.94 17.17 23.45
N ILE D 606 -1.06 16.20 23.57
CA ILE D 606 0.35 16.46 23.83
C ILE D 606 1.21 16.24 22.58
N TYR D 607 0.56 15.84 21.47
CA TYR D 607 1.26 15.55 20.24
C TYR D 607 1.81 16.79 19.53
N ASN D 608 2.91 16.61 18.82
CA ASN D 608 3.47 17.64 17.96
C ASN D 608 4.20 16.97 16.81
N LEU D 609 4.91 17.74 16.00
CA LEU D 609 5.59 17.20 14.82
C LEU D 609 6.56 16.09 15.19
N ARG D 610 7.29 16.26 16.29
CA ARG D 610 8.42 15.39 16.60
C ARG D 610 8.05 14.03 17.20
N ASN D 611 6.86 13.94 17.80
CA ASN D 611 6.45 12.70 18.46
C ASN D 611 5.18 12.10 17.87
N LEU D 612 4.99 12.28 16.56
CA LEU D 612 3.88 11.65 15.86
C LEU D 612 4.01 10.13 15.88
N HIS D 613 5.26 9.65 15.88
CA HIS D 613 5.53 8.23 15.75
C HIS D 613 5.48 7.49 17.08
N ILE D 614 5.09 8.19 18.15
CA ILE D 614 5.04 7.60 19.48
C ILE D 614 3.59 7.43 19.96
N PRO D 615 3.21 6.20 20.38
CA PRO D 615 1.85 6.00 20.91
C PRO D 615 1.55 6.90 22.11
N GLU D 616 0.31 7.37 22.19
CA GLU D 616 -0.09 8.34 23.20
C GLU D 616 0.09 7.79 24.62
N ILE D 617 -0.29 6.53 24.81
CA ILE D 617 -0.14 5.87 26.10
C ILE D 617 1.33 5.86 26.51
N VAL D 618 2.20 5.47 25.57
CA VAL D 618 3.63 5.40 25.83
C VAL D 618 4.19 6.80 26.14
N LEU D 619 3.72 7.80 25.40
CA LEU D 619 4.09 9.18 25.68
C LEU D 619 3.71 9.57 27.10
N LYS D 620 2.44 9.40 27.43
CA LYS D 620 1.90 9.93 28.67
C LYS D 620 2.06 9.00 29.88
N TYR D 621 2.47 7.76 29.66
CA TYR D 621 2.59 6.75 30.72
C TYR D 621 3.14 7.27 32.05
N ASN D 622 4.30 7.94 32.01
CA ASN D 622 4.92 8.44 33.23
C ASN D 622 4.12 9.56 33.91
N LEU D 623 3.23 10.19 33.15
CA LEU D 623 2.41 11.29 33.68
C LEU D 623 1.09 10.80 34.29
N MET D 624 0.79 9.51 34.12
CA MET D 624 -0.45 8.95 34.61
C MET D 624 -0.39 8.64 36.10
N ASP D 625 -1.57 8.54 36.72
CA ASP D 625 -1.68 8.08 38.10
C ASP D 625 -1.74 6.55 38.08
N PRO D 626 -1.25 5.90 39.14
CA PRO D 626 -1.22 4.43 39.19
C PRO D 626 -2.59 3.79 38.99
N GLU D 627 -3.61 4.34 39.64
CA GLU D 627 -4.96 3.81 39.50
C GLU D 627 -5.51 4.04 38.10
N TYR D 628 -5.18 5.17 37.51
CA TYR D 628 -5.65 5.50 36.18
C TYR D 628 -5.03 4.61 35.11
N LYS D 629 -3.71 4.39 35.22
CA LYS D 629 -3.03 3.51 34.27
C LYS D 629 -3.42 2.06 34.56
N GLY D 630 -3.66 1.76 35.84
CA GLY D 630 -4.12 0.43 36.22
C GLY D 630 -5.48 0.10 35.62
N ARG D 631 -6.41 1.03 35.75
CA ARG D 631 -7.74 0.87 35.16
C ARG D 631 -7.66 0.91 33.64
N LEU D 632 -6.89 1.85 33.11
CA LEU D 632 -6.78 2.06 31.68
C LEU D 632 -6.15 0.85 30.98
N LEU D 633 -5.27 0.15 31.69
CA LEU D 633 -4.52 -0.95 31.12
C LEU D 633 -4.75 -2.24 31.89
N HIS D 634 -5.91 -2.34 32.54
CA HIS D 634 -6.25 -3.53 33.30
C HIS D 634 -6.16 -4.74 32.36
N PRO D 635 -5.26 -5.70 32.67
CA PRO D 635 -5.02 -6.86 31.78
C PRO D 635 -6.28 -7.57 31.33
N GLN D 636 -7.20 -7.85 32.25
CA GLN D 636 -8.40 -8.61 31.92
C GLN D 636 -9.63 -7.73 31.77
N ASN D 637 -9.44 -6.51 31.26
CA ASN D 637 -10.58 -5.62 31.05
C ASN D 637 -11.52 -6.21 30.00
N PRO D 638 -12.82 -5.93 30.12
CA PRO D 638 -13.83 -6.58 29.28
C PRO D 638 -13.98 -5.95 27.89
N PHE D 639 -13.39 -4.79 27.69
CA PHE D 639 -13.59 -4.03 26.46
C PHE D 639 -12.83 -4.60 25.27
N VAL D 640 -11.63 -5.14 25.52
CA VAL D 640 -10.83 -5.75 24.47
C VAL D 640 -11.17 -7.22 24.32
N GLY D 641 -11.45 -7.65 23.09
CA GLY D 641 -11.87 -9.01 22.83
C GLY D 641 -10.71 -9.96 22.62
N HIS D 642 -11.03 -11.17 22.15
CA HIS D 642 -10.00 -12.16 21.86
C HIS D 642 -9.30 -11.80 20.55
N LEU D 643 -8.15 -11.14 20.68
CA LEU D 643 -7.41 -10.64 19.52
C LEU D 643 -6.69 -11.77 18.77
N SER D 644 -6.42 -11.54 17.50
CA SER D 644 -5.70 -12.49 16.67
C SER D 644 -4.78 -11.75 15.69
N ILE D 645 -3.51 -12.13 15.67
CA ILE D 645 -2.51 -11.45 14.85
C ILE D 645 -2.63 -11.87 13.38
N LYS D 662 -4.39 -1.57 2.69
CA LYS D 662 -4.24 -1.98 4.08
C LYS D 662 -2.96 -1.44 4.70
N MET D 663 -3.07 -0.90 5.90
CA MET D 663 -1.91 -0.44 6.67
C MET D 663 -2.07 -0.80 8.13
N ASP D 664 -0.94 -1.08 8.80
CA ASP D 664 -0.94 -1.40 10.22
C ASP D 664 -0.40 -0.22 11.02
N TYR D 665 -0.73 -0.19 12.31
CA TYR D 665 -0.39 0.93 13.17
C TYR D 665 0.24 0.45 14.48
N ASP D 666 0.88 1.38 15.19
CA ASP D 666 1.46 1.09 16.50
C ASP D 666 0.58 1.64 17.61
N ALA D 667 -0.01 0.74 18.38
CA ALA D 667 -0.89 1.14 19.47
C ALA D 667 -0.82 0.14 20.63
N VAL D 668 -1.20 0.61 21.82
CA VAL D 668 -1.17 -0.21 23.02
C VAL D 668 -2.58 -0.73 23.34
N SER D 669 -2.67 -2.00 23.71
CA SER D 669 -3.94 -2.61 24.04
C SER D 669 -4.45 -2.14 25.40
N GLY D 670 -5.36 -1.16 25.38
CA GLY D 670 -5.97 -0.64 26.58
C GLY D 670 -7.48 -0.65 26.45
N THR D 671 -8.16 -0.04 27.41
CA THR D 671 -9.63 -0.06 27.45
C THR D 671 -10.25 0.68 26.26
N HIS D 672 -9.51 1.61 25.68
CA HIS D 672 -9.99 2.34 24.51
C HIS D 672 -9.87 1.51 23.24
N SER D 673 -9.28 0.32 23.37
CA SER D 673 -9.10 -0.57 22.23
C SER D 673 -10.27 -1.54 22.12
N TRP D 674 -11.48 -0.98 22.04
CA TRP D 674 -12.70 -1.79 22.07
C TRP D 674 -13.22 -2.12 20.67
N ARG D 675 -14.24 -2.98 20.63
CA ARG D 675 -14.93 -3.34 19.39
C ARG D 675 -16.43 -3.07 19.52
N THR D 676 -17.05 -2.71 18.41
CA THR D 676 -18.45 -2.32 18.40
C THR D 676 -19.39 -3.53 18.37
N LYS D 677 -20.67 -3.27 18.53
CA LYS D 677 -21.68 -4.33 18.49
C LYS D 677 -21.86 -4.87 17.07
N ARG D 678 -22.32 -6.11 16.97
CA ARG D 678 -22.60 -6.71 15.67
C ARG D 678 -23.87 -6.09 15.09
N ASN D 679 -23.93 -6.00 13.77
CA ASN D 679 -25.13 -5.55 13.08
C ASN D 679 -26.29 -6.50 13.36
N ARG D 680 -27.40 -5.97 13.88
CA ARG D 680 -28.46 -6.78 14.45
C ARG D 680 -29.60 -7.06 13.47
N SER D 681 -29.52 -6.48 12.27
CA SER D 681 -30.57 -6.67 11.27
C SER D 681 -30.81 -8.14 10.93
N ILE D 682 -29.82 -8.99 11.21
CA ILE D 682 -29.93 -10.41 10.91
C ILE D 682 -30.94 -11.10 11.84
N LEU D 683 -31.15 -10.54 13.02
CA LEU D 683 -32.00 -11.16 14.04
C LEU D 683 -33.42 -11.44 13.54
N ASN D 684 -33.99 -10.51 12.77
CA ASN D 684 -35.34 -10.67 12.24
C ASN D 684 -35.32 -11.01 10.75
N THR D 685 -34.46 -11.96 10.39
CA THR D 685 -34.48 -12.60 9.09
C THR D 685 -34.26 -14.09 9.27
N ASP D 686 -34.26 -14.85 8.18
CA ASP D 686 -34.17 -16.30 8.28
C ASP D 686 -32.74 -16.80 8.47
N GLN D 687 -31.80 -15.87 8.60
CA GLN D 687 -30.39 -16.22 8.75
C GLN D 687 -29.97 -16.32 10.22
N ARG D 688 -30.95 -16.26 11.12
CA ARG D 688 -30.69 -16.41 12.56
C ARG D 688 -29.77 -17.59 12.85
N ASN D 689 -30.00 -18.68 12.13
CA ASN D 689 -29.23 -19.91 12.25
C ASN D 689 -27.74 -19.64 12.42
N MET D 690 -27.20 -18.87 11.47
CA MET D 690 -25.77 -18.60 11.41
C MET D 690 -25.21 -18.06 12.73
N ILE D 691 -26.07 -17.51 13.58
CA ILE D 691 -25.63 -17.05 14.89
C ILE D 691 -25.30 -18.26 15.76
N LEU D 692 -26.15 -19.28 15.69
CA LEU D 692 -25.95 -20.48 16.48
C LEU D 692 -24.84 -21.31 15.85
N GLU D 693 -24.83 -21.33 14.52
CA GLU D 693 -23.80 -22.03 13.77
C GLU D 693 -22.44 -21.41 14.08
N GLU D 694 -22.39 -20.09 14.12
CA GLU D 694 -21.18 -19.36 14.49
C GLU D 694 -20.74 -19.74 15.91
N GLN D 695 -21.53 -19.30 16.90
CA GLN D 695 -21.22 -19.53 18.30
C GLN D 695 -20.89 -20.98 18.61
N CYS D 696 -21.46 -21.90 17.84
CA CYS D 696 -21.15 -23.31 18.01
C CYS D 696 -19.68 -23.56 17.70
N TYR D 697 -19.19 -22.91 16.65
CA TYR D 697 -17.78 -23.00 16.33
C TYR D 697 -16.99 -22.26 17.39
N ALA D 698 -17.36 -21.00 17.60
CA ALA D 698 -16.70 -20.10 18.54
C ALA D 698 -16.39 -20.79 19.88
N LYS D 699 -17.32 -21.59 20.38
CA LYS D 699 -17.10 -22.32 21.61
C LYS D 699 -15.97 -23.33 21.45
N CYS D 700 -15.96 -24.02 20.32
CA CYS D 700 -14.97 -25.07 20.10
C CYS D 700 -13.59 -24.46 19.90
N CYS D 701 -13.56 -23.34 19.18
CA CYS D 701 -12.30 -22.65 18.92
C CYS D 701 -11.79 -21.96 20.18
N ASN D 702 -12.69 -21.37 20.96
CA ASN D 702 -12.31 -20.74 22.21
C ASN D 702 -11.72 -21.75 23.19
N LEU D 703 -12.23 -22.98 23.14
CA LEU D 703 -11.71 -24.05 23.97
C LEU D 703 -10.39 -24.54 23.41
N PHE D 704 -10.38 -24.84 22.12
CA PHE D 704 -9.17 -25.30 21.43
C PHE D 704 -8.01 -24.34 21.64
N GLU D 705 -8.32 -23.05 21.75
CA GLU D 705 -7.31 -22.02 22.02
C GLU D 705 -6.82 -22.12 23.46
N ALA D 706 -7.68 -22.61 24.35
CA ALA D 706 -7.30 -22.76 25.76
C ALA D 706 -6.41 -23.99 25.90
N CYS D 707 -6.66 -24.98 25.05
CA CYS D 707 -5.84 -26.18 25.03
C CYS D 707 -4.50 -25.90 24.35
N PHE D 708 -4.55 -25.10 23.29
CA PHE D 708 -3.36 -24.75 22.52
C PHE D 708 -3.23 -23.24 22.39
N ASN D 709 -2.55 -22.62 23.35
CA ASN D 709 -2.46 -21.17 23.44
C ASN D 709 -1.87 -20.51 22.18
N SER D 710 -1.03 -21.25 21.47
CA SER D 710 -0.35 -20.72 20.29
C SER D 710 -1.28 -20.62 19.07
N ALA D 711 -2.46 -21.22 19.17
CA ALA D 711 -3.40 -21.28 18.06
C ALA D 711 -3.79 -19.89 17.57
N SER D 712 -3.82 -18.93 18.50
CA SER D 712 -4.16 -17.55 18.15
C SER D 712 -3.07 -16.93 17.30
N TYR D 713 -1.81 -17.24 17.61
CA TYR D 713 -0.67 -16.70 16.88
C TYR D 713 -0.38 -17.51 15.63
N ARG D 714 0.03 -18.76 15.83
CA ARG D 714 0.43 -19.64 14.73
C ARG D 714 -0.73 -20.53 14.28
N LYS D 715 -0.84 -20.74 12.98
CA LYS D 715 -1.86 -21.62 12.42
C LYS D 715 -1.59 -23.07 12.81
N PRO D 716 -2.52 -23.70 13.56
CA PRO D 716 -2.31 -25.12 13.86
C PRO D 716 -2.35 -25.98 12.61
N VAL D 717 -1.57 -27.06 12.59
CA VAL D 717 -1.51 -27.94 11.42
C VAL D 717 -1.86 -29.37 11.84
N GLY D 718 -2.54 -30.09 10.95
CA GLY D 718 -2.89 -31.48 11.21
C GLY D 718 -4.14 -31.92 10.46
N GLN D 719 -4.10 -33.14 9.96
CA GLN D 719 -5.25 -33.73 9.28
C GLN D 719 -6.04 -34.61 10.25
N HIS D 720 -5.56 -34.70 11.49
CA HIS D 720 -6.23 -35.52 12.50
C HIS D 720 -7.40 -34.75 13.12
N SER D 721 -8.11 -35.42 14.02
CA SER D 721 -9.31 -34.85 14.63
C SER D 721 -8.99 -33.69 15.57
N MET D 722 -9.84 -32.67 15.53
CA MET D 722 -9.69 -31.49 16.37
C MET D 722 -9.88 -31.86 17.85
N LEU D 723 -10.68 -32.89 18.10
CA LEU D 723 -10.92 -33.35 19.46
C LEU D 723 -9.73 -34.16 19.99
N GLU D 724 -9.21 -35.03 19.15
CA GLU D 724 -8.08 -35.88 19.51
C GLU D 724 -6.92 -35.07 20.10
N ALA D 725 -6.57 -33.99 19.43
CA ALA D 725 -5.49 -33.11 19.89
C ALA D 725 -5.76 -32.61 21.31
N MET D 726 -6.98 -32.15 21.54
CA MET D 726 -7.36 -31.63 22.85
C MET D 726 -7.33 -32.73 23.90
N ALA D 727 -7.82 -33.92 23.52
CA ALA D 727 -7.83 -35.07 24.43
C ALA D 727 -6.40 -35.41 24.86
N HIS D 728 -5.54 -35.64 23.87
CA HIS D 728 -4.14 -35.96 24.16
C HIS D 728 -3.48 -34.87 24.99
N ARG D 729 -3.59 -33.63 24.52
CA ARG D 729 -2.95 -32.50 25.20
C ARG D 729 -3.42 -32.38 26.65
N LEU D 730 -4.72 -32.53 26.87
CA LEU D 730 -5.27 -32.45 28.22
C LEU D 730 -4.85 -33.65 29.05
N ARG D 731 -4.73 -34.81 28.40
CA ARG D 731 -4.26 -36.01 29.10
C ARG D 731 -2.83 -35.79 29.60
N MET D 732 -1.98 -35.29 28.72
CA MET D 732 -0.59 -35.00 29.07
C MET D 732 -0.52 -33.92 30.14
N ASP D 733 -1.31 -32.86 29.97
CA ASP D 733 -1.40 -31.79 30.95
C ASP D 733 -1.76 -32.38 32.31
N ALA D 734 -2.75 -33.27 32.32
CA ALA D 734 -3.17 -33.93 33.55
C ALA D 734 -2.03 -34.75 34.16
N ARG D 735 -1.46 -35.65 33.36
CA ARG D 735 -0.39 -36.53 33.83
C ARG D 735 0.78 -35.74 34.40
N LEU D 736 1.22 -34.73 33.68
CA LEU D 736 2.34 -33.91 34.11
C LEU D 736 1.97 -33.06 35.32
N ASP D 737 0.76 -32.52 35.33
CA ASP D 737 0.31 -31.73 36.47
C ASP D 737 0.19 -32.61 37.71
N TYR D 738 -0.11 -33.89 37.52
CA TYR D 738 -0.13 -34.85 38.63
C TYR D 738 1.28 -35.17 39.10
N GLU D 739 2.08 -35.73 38.20
CA GLU D 739 3.41 -36.21 38.56
C GLU D 739 4.35 -35.09 39.01
N SER D 740 4.12 -33.88 38.51
CA SER D 740 4.92 -32.73 38.93
C SER D 740 4.56 -32.32 40.35
N GLY D 741 3.29 -32.50 40.70
CA GLY D 741 2.79 -32.19 42.03
C GLY D 741 1.94 -30.93 42.05
N ARG D 742 1.09 -30.77 41.03
CA ARG D 742 0.13 -29.68 41.01
C ARG D 742 -1.25 -30.19 41.38
N MET D 743 -1.74 -31.17 40.60
CA MET D 743 -3.03 -31.79 40.86
C MET D 743 -2.90 -32.89 41.90
N SER D 744 -3.96 -33.10 42.66
CA SER D 744 -4.01 -34.18 43.65
C SER D 744 -4.55 -35.45 43.00
N LYS D 745 -4.40 -36.57 43.71
CA LYS D 745 -4.87 -37.86 43.21
C LYS D 745 -6.35 -37.82 42.85
N ASP D 746 -7.13 -37.06 43.63
CA ASP D 746 -8.54 -36.87 43.34
C ASP D 746 -8.74 -36.23 41.96
N ASP D 747 -8.06 -35.10 41.76
CA ASP D 747 -8.19 -34.36 40.51
C ASP D 747 -7.65 -35.16 39.32
N PHE D 748 -6.56 -35.89 39.54
CA PHE D 748 -5.97 -36.70 38.47
C PHE D 748 -6.88 -37.85 38.09
N GLU D 749 -7.37 -38.57 39.10
CA GLU D 749 -8.27 -39.69 38.86
C GLU D 749 -9.56 -39.20 38.22
N LYS D 750 -10.06 -38.07 38.69
CA LYS D 750 -11.26 -37.45 38.11
C LYS D 750 -11.01 -37.07 36.66
N ALA D 751 -9.86 -36.45 36.40
CA ALA D 751 -9.49 -36.03 35.05
C ALA D 751 -9.39 -37.24 34.12
N MET D 752 -8.68 -38.28 34.57
CA MET D 752 -8.52 -39.50 33.78
C MET D 752 -9.86 -40.22 33.61
N ALA D 753 -10.70 -40.13 34.64
CA ALA D 753 -12.04 -40.71 34.57
C ALA D 753 -12.86 -40.00 33.50
N HIS D 754 -12.81 -38.68 33.49
CA HIS D 754 -13.48 -37.89 32.47
C HIS D 754 -12.96 -38.24 31.07
N LEU D 755 -11.65 -38.09 30.90
CA LEU D 755 -11.00 -38.36 29.62
C LEU D 755 -11.23 -39.79 29.14
N GLY D 756 -11.31 -40.73 30.07
CA GLY D 756 -11.59 -42.12 29.74
C GLY D 756 -12.88 -42.27 28.95
N GLU D 757 -13.91 -41.53 29.35
CA GLU D 757 -15.20 -41.55 28.66
C GLU D 757 -15.08 -40.96 27.26
N ILE D 758 -14.22 -39.96 27.13
CA ILE D 758 -14.04 -39.27 25.86
C ILE D 758 -13.13 -40.07 24.94
N MET E 10 -5.99 -25.97 36.35
CA MET E 10 -6.83 -25.50 35.23
C MET E 10 -7.27 -26.66 34.33
N THR E 11 -6.43 -27.69 34.24
CA THR E 11 -6.68 -28.84 33.39
C THR E 11 -8.06 -29.46 33.65
N LEU E 12 -8.38 -29.64 34.92
CA LEU E 12 -9.65 -30.21 35.33
C LEU E 12 -10.82 -29.39 34.78
N ALA E 13 -10.68 -28.08 34.82
CA ALA E 13 -11.71 -27.17 34.29
C ALA E 13 -11.85 -27.33 32.78
N LYS E 14 -10.72 -27.47 32.10
CA LYS E 14 -10.72 -27.67 30.66
C LYS E 14 -11.43 -28.97 30.29
N ILE E 15 -11.08 -30.04 31.01
CA ILE E 15 -11.70 -31.34 30.78
C ILE E 15 -13.19 -31.32 31.09
N GLU E 16 -13.55 -30.66 32.19
CA GLU E 16 -14.95 -30.53 32.57
C GLU E 16 -15.73 -29.75 31.51
N LEU E 17 -15.18 -28.63 31.07
CA LEU E 17 -15.79 -27.83 30.01
C LEU E 17 -15.86 -28.64 28.72
N LEU E 18 -14.83 -29.44 28.47
CA LEU E 18 -14.82 -30.30 27.30
C LEU E 18 -15.96 -31.31 27.36
N LYS E 19 -16.14 -31.92 28.53
CA LYS E 19 -17.22 -32.89 28.71
C LYS E 19 -18.58 -32.21 28.59
N GLN E 20 -18.71 -31.03 29.19
CA GLN E 20 -19.95 -30.26 29.10
C GLN E 20 -20.24 -29.86 27.66
N LEU E 21 -19.19 -29.55 26.91
CA LEU E 21 -19.33 -29.18 25.51
C LEU E 21 -19.71 -30.38 24.65
N LEU E 22 -19.05 -31.52 24.91
CA LEU E 22 -19.27 -32.73 24.11
C LEU E 22 -20.69 -33.26 24.22
N ARG E 23 -21.42 -32.82 25.24
CA ARG E 23 -22.83 -33.20 25.39
C ARG E 23 -23.63 -32.68 24.21
N ASP E 24 -23.36 -31.43 23.81
CA ASP E 24 -24.01 -30.83 22.66
C ASP E 24 -23.60 -31.59 21.40
N ASN E 25 -24.54 -32.31 20.82
CA ASN E 25 -24.28 -33.14 19.64
C ASN E 25 -23.64 -32.34 18.50
N GLU E 26 -24.09 -31.10 18.35
CA GLU E 26 -23.52 -30.21 17.35
C GLU E 26 -22.03 -30.01 17.60
N ALA E 27 -21.70 -29.59 18.81
CA ALA E 27 -20.30 -29.35 19.20
C ALA E 27 -19.47 -30.62 19.07
N LYS E 28 -20.05 -31.75 19.47
CA LYS E 28 -19.38 -33.05 19.38
C LYS E 28 -19.05 -33.36 17.91
N THR E 29 -20.05 -33.27 17.05
CA THR E 29 -19.85 -33.53 15.63
C THR E 29 -18.87 -32.54 15.01
N VAL E 30 -18.93 -31.28 15.44
CA VAL E 30 -17.98 -30.27 14.99
C VAL E 30 -16.56 -30.66 15.37
N LEU E 31 -16.37 -31.01 16.65
CA LEU E 31 -15.07 -31.39 17.15
C LEU E 31 -14.54 -32.66 16.49
N LYS E 32 -15.43 -33.61 16.23
CA LYS E 32 -15.03 -34.87 15.61
C LYS E 32 -14.77 -34.73 14.10
N GLN E 33 -15.58 -33.92 13.42
CA GLN E 33 -15.48 -33.80 11.96
C GLN E 33 -14.43 -32.76 11.53
N THR E 34 -14.37 -31.64 12.23
CA THR E 34 -13.43 -30.57 11.88
C THR E 34 -11.98 -30.99 12.15
N THR E 35 -11.09 -30.60 11.26
CA THR E 35 -9.67 -30.94 11.38
C THR E 35 -8.87 -29.77 11.96
N VAL E 36 -7.66 -30.06 12.41
CA VAL E 36 -6.79 -29.04 13.00
C VAL E 36 -6.45 -27.96 11.99
N ASP E 37 -6.40 -28.32 10.70
CA ASP E 37 -6.23 -27.34 9.64
C ASP E 37 -7.46 -26.47 9.56
N GLN E 38 -8.61 -27.11 9.45
CA GLN E 38 -9.87 -26.43 9.25
C GLN E 38 -10.26 -25.52 10.41
N TYR E 39 -9.59 -25.70 11.55
CA TYR E 39 -9.75 -24.76 12.67
C TYR E 39 -9.55 -23.34 12.16
N ASN E 40 -8.55 -23.17 11.31
CA ASN E 40 -8.25 -21.87 10.72
C ASN E 40 -9.40 -21.31 9.88
N ILE E 41 -10.32 -22.17 9.48
CA ILE E 41 -11.49 -21.73 8.72
C ILE E 41 -12.65 -21.41 9.65
N ILE E 42 -13.03 -22.38 10.49
CA ILE E 42 -14.21 -22.23 11.34
C ILE E 42 -14.04 -21.13 12.39
N ARG E 43 -12.79 -20.70 12.61
CA ARG E 43 -12.53 -19.60 13.53
C ARG E 43 -13.02 -18.29 12.92
N LYS E 44 -12.79 -18.14 11.63
CA LYS E 44 -13.14 -16.91 10.93
C LYS E 44 -14.59 -16.91 10.43
N PHE E 45 -15.34 -17.93 10.82
CA PHE E 45 -16.76 -18.02 10.47
C PHE E 45 -17.60 -17.11 11.36
N ASN E 46 -18.36 -16.21 10.74
CA ASN E 46 -19.25 -15.34 11.48
C ASN E 46 -20.28 -14.66 10.59
N THR E 47 -21.30 -14.08 11.23
CA THR E 47 -22.34 -13.35 10.51
C THR E 47 -21.86 -11.97 10.08
N SER E 48 -20.73 -11.54 10.66
CA SER E 48 -20.19 -10.21 10.40
C SER E 48 -19.93 -9.97 8.93
N ARG E 49 -20.00 -8.70 8.54
CA ARG E 49 -19.76 -8.28 7.17
C ARG E 49 -18.65 -7.24 7.17
N ILE E 50 -17.99 -7.08 6.02
CA ILE E 50 -16.89 -6.13 5.92
C ILE E 50 -17.42 -4.71 5.80
N GLU E 51 -16.98 -3.86 6.73
CA GLU E 51 -17.41 -2.47 6.74
C GLU E 51 -16.71 -1.68 5.64
N LYS E 52 -17.50 -1.17 4.69
CA LYS E 52 -16.95 -0.49 3.52
C LYS E 52 -16.78 1.01 3.74
N ASN E 53 -17.35 1.52 4.83
CA ASN E 53 -17.29 2.95 5.12
C ASN E 53 -17.20 3.20 6.63
N PRO E 54 -16.18 2.62 7.28
CA PRO E 54 -16.05 2.68 8.73
C PRO E 54 -15.93 4.11 9.26
N SER E 55 -15.33 4.99 8.47
CA SER E 55 -15.23 6.40 8.81
C SER E 55 -16.62 6.97 9.09
N LEU E 56 -17.58 6.56 8.28
CA LEU E 56 -18.96 6.98 8.44
C LEU E 56 -19.66 6.18 9.54
N ARG E 57 -19.60 4.86 9.40
CA ARG E 57 -20.27 3.94 10.32
C ARG E 57 -19.89 4.19 11.78
N MET E 58 -18.67 4.65 12.01
CA MET E 58 -18.24 4.99 13.37
C MET E 58 -18.93 6.27 13.84
N LYS E 59 -18.94 7.30 12.99
CA LYS E 59 -19.58 8.57 13.31
C LYS E 59 -21.06 8.36 13.56
N TRP E 60 -21.66 7.45 12.80
CA TRP E 60 -23.05 7.08 13.00
C TRP E 60 -23.20 6.35 14.32
N ALA E 61 -22.43 5.28 14.49
CA ALA E 61 -22.53 4.42 15.66
C ALA E 61 -22.29 5.18 16.96
N MET E 62 -21.44 6.20 16.93
CA MET E 62 -21.15 6.96 18.14
C MET E 62 -22.34 7.81 18.59
N CYS E 63 -23.31 7.99 17.71
CA CYS E 63 -24.52 8.74 18.05
C CYS E 63 -25.63 7.82 18.57
N SER E 64 -25.36 6.51 18.61
CA SER E 64 -26.32 5.54 19.14
C SER E 64 -26.20 5.42 20.66
N ASN E 65 -27.10 4.68 21.27
CA ASN E 65 -27.14 4.56 22.73
C ASN E 65 -26.12 3.58 23.30
N PHE E 66 -26.03 2.39 22.69
CA PHE E 66 -25.14 1.35 23.17
C PHE E 66 -24.38 0.70 22.01
N PRO E 67 -23.40 1.41 21.44
CA PRO E 67 -22.65 0.92 20.28
C PRO E 67 -21.61 -0.18 20.59
N LEU E 68 -21.06 -0.20 21.81
CA LEU E 68 -19.96 -1.11 22.12
C LEU E 68 -20.46 -2.46 22.63
N ALA E 69 -19.63 -3.49 22.43
CA ALA E 69 -19.93 -4.85 22.90
C ALA E 69 -18.92 -5.29 23.96
N LEU E 70 -19.42 -5.78 25.09
CA LEU E 70 -18.57 -6.25 26.19
C LEU E 70 -18.28 -7.73 26.08
N THR E 71 -17.23 -8.15 26.79
CA THR E 71 -16.89 -9.56 26.91
C THR E 71 -17.63 -10.13 28.11
N LYS E 72 -18.14 -11.36 27.96
CA LYS E 72 -18.86 -12.00 29.06
C LYS E 72 -17.89 -12.45 30.14
N GLY E 73 -18.05 -11.88 31.33
CA GLY E 73 -17.19 -12.21 32.45
C GLY E 73 -17.46 -11.37 33.69
N ASP E 74 -16.68 -11.61 34.74
CA ASP E 74 -16.85 -10.91 36.00
C ASP E 74 -16.52 -9.43 35.88
N MET E 75 -15.48 -9.12 35.12
CA MET E 75 -15.04 -7.74 34.96
C MET E 75 -16.11 -6.91 34.26
N ALA E 76 -16.91 -7.57 33.42
CA ALA E 76 -18.05 -6.91 32.80
C ALA E 76 -19.12 -6.66 33.86
N ASN E 77 -19.34 -7.65 34.71
CA ASN E 77 -20.35 -7.56 35.75
C ASN E 77 -20.00 -6.54 36.83
N ARG E 78 -18.74 -6.12 36.87
CA ARG E 78 -18.32 -5.11 37.83
C ARG E 78 -18.75 -3.72 37.35
N ILE E 79 -19.06 -3.61 36.06
CA ILE E 79 -19.64 -2.39 35.51
C ILE E 79 -21.14 -2.36 35.83
N PRO E 80 -21.62 -1.26 36.43
CA PRO E 80 -23.05 -1.18 36.73
C PRO E 80 -23.89 -0.83 35.50
N LEU E 81 -25.19 -1.09 35.58
CA LEU E 81 -26.08 -0.82 34.45
C LEU E 81 -26.12 0.67 34.12
N GLU E 82 -26.35 1.50 35.14
CA GLU E 82 -26.32 2.94 34.95
C GLU E 82 -25.42 3.58 36.01
N TYR E 83 -25.22 4.88 35.89
CA TYR E 83 -24.39 5.62 36.84
C TYR E 83 -24.78 7.09 36.85
N LYS E 84 -25.37 7.52 37.97
CA LYS E 84 -25.84 8.89 38.13
C LYS E 84 -26.69 9.34 36.94
N GLY E 85 -27.67 8.52 36.58
CA GLY E 85 -28.59 8.85 35.50
C GLY E 85 -28.14 8.31 34.15
N ILE E 86 -26.83 8.21 33.96
CA ILE E 86 -26.28 7.79 32.68
C ILE E 86 -26.37 6.28 32.51
N GLN E 87 -26.97 5.84 31.40
CA GLN E 87 -27.02 4.43 31.06
C GLN E 87 -25.66 3.95 30.56
N LEU E 88 -24.97 3.15 31.36
CA LEU E 88 -23.66 2.64 30.97
C LEU E 88 -23.80 1.44 30.03
N LYS E 89 -24.58 0.45 30.45
CA LYS E 89 -24.77 -0.77 29.67
C LYS E 89 -26.22 -1.24 29.70
N THR E 90 -26.54 -2.19 28.82
CA THR E 90 -27.89 -2.74 28.69
C THR E 90 -27.88 -4.25 28.94
N ASN E 91 -29.06 -4.80 29.20
CA ASN E 91 -29.19 -6.23 29.43
C ASN E 91 -29.01 -7.03 28.15
N ALA E 92 -29.40 -6.42 27.04
CA ALA E 92 -29.36 -7.08 25.73
C ALA E 92 -27.94 -7.50 25.38
N GLU E 93 -27.78 -8.78 25.05
CA GLU E 93 -26.48 -9.33 24.70
C GLU E 93 -26.08 -8.95 23.26
N ASP E 94 -24.79 -9.08 22.98
CA ASP E 94 -24.26 -8.88 21.63
C ASP E 94 -24.23 -10.22 20.90
N ILE E 95 -24.55 -10.19 19.62
CA ILE E 95 -24.58 -11.41 18.81
C ILE E 95 -23.22 -12.09 18.78
N GLY E 96 -22.16 -11.29 18.62
CA GLY E 96 -20.82 -11.83 18.53
C GLY E 96 -20.26 -12.34 19.84
N THR E 97 -20.21 -11.45 20.84
CA THR E 97 -19.58 -11.76 22.12
C THR E 97 -20.49 -12.51 23.07
N LYS E 98 -21.80 -12.39 22.86
CA LYS E 98 -22.79 -12.91 23.79
C LYS E 98 -22.56 -12.34 25.19
N GLY E 99 -21.98 -11.14 25.22
CA GLY E 99 -21.85 -10.37 26.44
C GLY E 99 -22.71 -9.13 26.32
N GLN E 100 -22.92 -8.43 27.43
CA GLN E 100 -23.76 -7.23 27.43
C GLN E 100 -23.23 -6.18 26.47
N MET E 101 -24.13 -5.34 25.97
CA MET E 101 -23.73 -4.20 25.15
C MET E 101 -23.64 -2.98 26.05
N CYS E 102 -22.90 -1.96 25.62
CA CYS E 102 -22.71 -0.77 26.45
C CYS E 102 -22.43 0.47 25.62
N SER E 103 -22.50 1.61 26.30
CA SER E 103 -22.19 2.88 25.67
C SER E 103 -20.73 3.20 25.92
N ILE E 104 -20.17 4.10 25.11
CA ILE E 104 -18.78 4.51 25.26
C ILE E 104 -18.50 5.02 26.68
N ALA E 105 -19.50 5.66 27.29
CA ALA E 105 -19.39 6.15 28.65
C ALA E 105 -18.83 5.07 29.58
N ALA E 106 -19.30 3.84 29.40
CA ALA E 106 -18.85 2.70 30.19
C ALA E 106 -17.34 2.61 30.23
N VAL E 107 -16.68 3.02 29.16
CA VAL E 107 -15.22 3.06 29.14
C VAL E 107 -14.74 4.12 30.12
N THR E 108 -15.39 5.28 30.07
CA THR E 108 -14.95 6.43 30.84
C THR E 108 -15.20 6.18 32.32
N TRP E 109 -16.22 5.40 32.61
CA TRP E 109 -16.50 4.99 33.97
C TRP E 109 -15.40 4.05 34.45
N TRP E 110 -15.19 2.97 33.69
CA TRP E 110 -14.20 1.96 34.02
C TRP E 110 -12.83 2.60 34.29
N ASN E 111 -12.46 3.57 33.48
CA ASN E 111 -11.18 4.24 33.64
C ASN E 111 -11.14 5.09 34.91
N THR E 112 -12.31 5.51 35.39
CA THR E 112 -12.39 6.42 36.52
C THR E 112 -12.63 5.67 37.83
N TYR E 113 -13.55 4.71 37.82
CA TYR E 113 -13.93 4.01 39.04
C TYR E 113 -13.87 2.48 38.90
N GLY E 114 -13.20 2.00 37.85
CA GLY E 114 -13.07 0.57 37.65
C GLY E 114 -12.02 -0.03 38.57
N PRO E 115 -11.82 -1.35 38.48
CA PRO E 115 -10.82 -2.04 39.30
C PRO E 115 -9.39 -1.76 38.83
N ILE E 116 -8.50 -1.45 39.76
CA ILE E 116 -7.12 -1.14 39.45
C ILE E 116 -6.32 -2.43 39.24
N GLY E 117 -5.90 -2.67 38.00
CA GLY E 117 -5.25 -3.92 37.64
C GLY E 117 -3.74 -3.87 37.69
N ASP E 118 -3.12 -5.04 37.55
CA ASP E 118 -1.67 -5.17 37.60
C ASP E 118 -1.02 -4.72 36.29
N THR E 119 -0.11 -3.76 36.39
CA THR E 119 0.59 -3.23 35.22
C THR E 119 2.09 -3.51 35.29
N GLU E 120 2.48 -4.46 36.15
CA GLU E 120 3.88 -4.82 36.30
C GLU E 120 4.35 -5.64 35.11
N GLY E 121 5.42 -5.17 34.46
CA GLY E 121 5.94 -5.81 33.26
C GLY E 121 5.61 -5.03 32.02
N PHE E 122 4.59 -4.19 32.11
CA PHE E 122 4.12 -3.38 30.98
C PHE E 122 5.25 -2.65 30.25
N GLU E 123 6.18 -2.07 30.98
CA GLU E 123 7.28 -1.33 30.38
C GLU E 123 8.21 -2.26 29.61
N ARG E 124 8.48 -3.44 30.18
CA ARG E 124 9.33 -4.42 29.53
C ARG E 124 8.64 -5.03 28.30
N VAL E 125 7.32 -5.19 28.39
CA VAL E 125 6.55 -5.75 27.29
C VAL E 125 6.54 -4.79 26.09
N TYR E 126 6.27 -3.52 26.37
CA TYR E 126 6.22 -2.49 25.33
C TYR E 126 7.51 -1.70 25.26
N GLU E 127 8.60 -2.31 25.74
CA GLU E 127 9.93 -1.69 25.73
C GLU E 127 10.25 -1.05 24.39
N SER E 128 9.99 -1.79 23.31
CA SER E 128 10.25 -1.36 21.95
C SER E 128 9.77 0.06 21.68
N PHE E 129 8.58 0.38 22.17
CA PHE E 129 8.02 1.71 21.99
C PHE E 129 8.72 2.74 22.87
N PHE E 130 8.92 2.39 24.13
CA PHE E 130 9.56 3.30 25.08
C PHE E 130 10.95 3.71 24.61
N LEU E 131 11.65 2.78 23.97
CA LEU E 131 12.97 3.09 23.43
C LEU E 131 12.91 4.24 22.44
N ARG E 132 11.80 4.38 21.72
CA ARG E 132 11.62 5.57 20.88
C ARG E 132 11.54 6.81 21.76
N LYS E 133 10.74 6.71 22.82
CA LYS E 133 10.51 7.83 23.72
C LYS E 133 11.82 8.28 24.35
N MET E 134 12.69 7.35 24.70
CA MET E 134 14.00 7.74 25.23
C MET E 134 14.91 8.20 24.09
N ARG E 135 14.76 7.61 22.91
CA ARG E 135 15.51 8.08 21.75
C ARG E 135 15.11 9.50 21.32
N LEU E 136 13.90 9.94 21.67
CA LEU E 136 13.51 11.33 21.45
C LEU E 136 13.88 12.21 22.65
N ASP E 137 13.48 11.79 23.84
CA ASP E 137 13.73 12.56 25.07
C ASP E 137 15.22 12.86 25.26
N ASN E 138 16.07 11.90 24.94
CA ASN E 138 17.51 12.06 25.12
C ASN E 138 18.18 12.72 23.93
N ALA E 139 17.44 12.93 22.85
CA ALA E 139 18.01 13.49 21.63
C ALA E 139 18.38 14.96 21.82
N THR E 140 19.13 15.49 20.86
CA THR E 140 19.49 16.90 20.85
C THR E 140 19.36 17.44 19.44
N TRP E 141 18.66 18.58 19.31
CA TRP E 141 18.40 19.16 18.00
C TRP E 141 19.45 20.18 17.62
N GLY E 142 19.58 20.43 16.32
CA GLY E 142 20.57 21.36 15.81
C GLY E 142 19.93 22.49 15.00
N ARG E 143 20.64 22.93 13.97
CA ARG E 143 20.19 24.05 13.16
C ARG E 143 19.17 23.62 12.11
N ILE E 144 18.33 24.57 11.70
CA ILE E 144 17.46 24.38 10.56
C ILE E 144 17.96 25.27 9.43
N THR E 145 18.10 24.70 8.24
CA THR E 145 18.64 25.45 7.11
C THR E 145 17.73 25.34 5.90
N PHE E 146 17.41 26.49 5.30
CA PHE E 146 16.56 26.53 4.12
C PHE E 146 17.41 26.54 2.85
N GLY E 147 17.01 25.70 1.90
CA GLY E 147 17.76 25.55 0.66
C GLY E 147 17.45 24.20 0.05
N PRO E 148 17.72 24.04 -1.26
CA PRO E 148 17.31 22.82 -1.98
C PRO E 148 17.83 21.53 -1.34
N VAL E 149 17.09 20.44 -1.54
CA VAL E 149 17.47 19.13 -1.05
C VAL E 149 17.12 18.07 -2.08
N GLU E 150 18.14 17.37 -2.57
CA GLU E 150 17.91 16.22 -3.44
C GLU E 150 17.51 15.02 -2.59
N ARG E 151 16.29 14.55 -2.79
CA ARG E 151 15.78 13.39 -2.07
C ARG E 151 15.86 12.17 -2.98
N VAL E 152 16.55 11.13 -2.52
CA VAL E 152 16.65 9.89 -3.26
C VAL E 152 15.72 8.87 -2.64
N ARG E 153 14.87 8.29 -3.47
CA ARG E 153 13.86 7.34 -2.99
C ARG E 153 14.44 5.93 -2.85
N LYS E 154 14.62 5.48 -1.62
CA LYS E 154 15.27 4.20 -1.34
C LYS E 154 14.53 3.39 -0.29
N ARG E 155 14.63 2.06 -0.42
CA ARG E 155 14.11 1.16 0.60
C ARG E 155 14.93 1.31 1.87
N VAL E 156 14.25 1.54 3.00
CA VAL E 156 14.94 1.72 4.27
C VAL E 156 14.18 1.09 5.43
N LEU E 157 14.91 0.81 6.51
CA LEU E 157 14.34 0.24 7.72
C LEU E 157 13.62 1.33 8.51
N LEU E 158 12.34 1.11 8.76
CA LEU E 158 11.51 2.11 9.41
C LEU E 158 11.81 2.25 10.90
N ASN E 159 11.97 1.13 11.59
CA ASN E 159 12.23 1.14 13.03
C ASN E 159 13.40 0.25 13.44
N PRO E 160 14.15 0.66 14.47
CA PRO E 160 15.29 -0.15 14.93
C PRO E 160 14.85 -1.42 15.65
N LEU E 161 15.43 -2.55 15.26
CA LEU E 161 15.04 -3.85 15.80
C LEU E 161 15.95 -4.31 16.95
N THR E 162 15.56 -5.41 17.58
CA THR E 162 16.38 -6.05 18.60
C THR E 162 17.37 -6.99 17.93
N LYS E 163 16.88 -7.75 16.97
CA LYS E 163 17.72 -8.66 16.19
C LYS E 163 16.96 -9.11 14.95
N GLU E 164 17.41 -8.69 13.79
CA GLU E 164 16.69 -8.92 12.54
C GLU E 164 16.75 -10.38 12.10
N MET E 165 15.58 -10.96 11.88
CA MET E 165 15.43 -12.32 11.39
C MET E 165 14.41 -12.36 10.28
N PRO E 166 14.44 -13.41 9.45
CA PRO E 166 13.31 -13.64 8.55
C PRO E 166 12.07 -14.03 9.36
N PRO E 167 10.85 -13.73 8.86
CA PRO E 167 9.61 -14.05 9.56
C PRO E 167 9.55 -15.48 10.10
N ASP E 168 9.90 -16.45 9.26
CA ASP E 168 9.88 -17.86 9.67
C ASP E 168 10.79 -18.11 10.86
N GLU E 169 11.97 -17.50 10.83
CA GLU E 169 12.94 -17.66 11.91
C GLU E 169 12.46 -16.94 13.17
N ALA E 170 11.84 -15.78 12.98
CA ALA E 170 11.36 -14.99 14.10
C ALA E 170 10.20 -15.67 14.82
N SER E 171 9.25 -16.18 14.05
CA SER E 171 8.07 -16.83 14.60
C SER E 171 8.45 -18.01 15.48
N ASN E 172 9.46 -18.76 15.05
CA ASN E 172 9.93 -19.90 15.83
C ASN E 172 10.54 -19.46 17.16
N VAL E 173 11.27 -18.35 17.14
CA VAL E 173 11.84 -17.80 18.36
C VAL E 173 10.73 -17.34 19.29
N ILE E 174 9.78 -16.58 18.73
CA ILE E 174 8.61 -16.15 19.48
C ILE E 174 7.91 -17.38 20.07
N MET E 175 7.81 -18.43 19.27
CA MET E 175 7.17 -19.67 19.69
C MET E 175 7.95 -20.30 20.84
N GLU E 176 9.27 -20.30 20.73
CA GLU E 176 10.13 -20.82 21.78
C GLU E 176 9.97 -20.01 23.07
N ILE E 177 9.85 -18.69 22.92
CA ILE E 177 9.70 -17.81 24.08
C ILE E 177 8.35 -18.01 24.77
N LEU E 178 7.27 -17.94 24.00
CA LEU E 178 5.92 -17.88 24.56
C LEU E 178 5.23 -19.23 24.72
N PHE E 179 5.38 -20.11 23.74
CA PHE E 179 4.70 -21.40 23.75
C PHE E 179 5.69 -22.53 23.49
N PRO E 180 6.59 -22.78 24.46
CA PRO E 180 7.69 -23.73 24.25
C PRO E 180 7.22 -25.15 23.97
N LYS E 181 6.09 -25.53 24.56
CA LYS E 181 5.57 -26.89 24.42
C LYS E 181 5.01 -27.15 23.02
N GLU E 182 4.62 -26.07 22.34
CA GLU E 182 3.94 -26.19 21.05
C GLU E 182 4.84 -25.79 19.88
N ALA E 183 6.14 -25.69 20.13
CA ALA E 183 7.08 -25.24 19.10
C ALA E 183 7.25 -26.26 17.99
N GLY E 184 7.07 -27.53 18.31
CA GLY E 184 7.18 -28.59 17.32
C GLY E 184 8.62 -29.01 17.05
N ILE E 185 8.99 -29.05 15.77
CA ILE E 185 10.32 -29.50 15.38
C ILE E 185 11.38 -28.46 15.74
N PRO E 186 12.44 -28.88 16.46
CA PRO E 186 13.52 -27.94 16.78
C PRO E 186 14.25 -27.42 15.54
N ARG E 187 14.52 -26.11 15.51
CA ARG E 187 15.30 -25.50 14.45
C ARG E 187 16.66 -25.07 14.99
N GLU E 188 17.59 -24.72 14.10
CA GLU E 188 18.90 -24.26 14.52
C GLU E 188 18.81 -22.89 15.19
N SER E 189 17.82 -22.11 14.78
CA SER E 189 17.60 -20.77 15.31
C SER E 189 17.66 -20.72 16.84
N THR E 190 17.03 -21.69 17.48
CA THR E 190 17.00 -21.77 18.94
C THR E 190 18.40 -21.71 19.53
N TRP E 191 19.32 -22.47 18.93
CA TRP E 191 20.69 -22.53 19.41
C TRP E 191 21.44 -21.22 19.13
N ILE E 192 21.04 -20.53 18.06
CA ILE E 192 21.71 -19.29 17.67
C ILE E 192 21.28 -18.12 18.55
N HIS E 193 20.01 -18.11 18.93
CA HIS E 193 19.44 -17.00 19.69
C HIS E 193 19.07 -17.42 21.11
N ARG E 194 19.72 -18.46 21.62
CA ARG E 194 19.40 -19.01 22.93
C ARG E 194 19.49 -17.93 24.02
N GLU E 195 20.41 -16.99 23.85
CA GLU E 195 20.61 -15.93 24.82
C GLU E 195 19.47 -14.93 24.74
N LEU E 196 19.04 -14.61 23.53
CA LEU E 196 17.91 -13.71 23.32
C LEU E 196 16.66 -14.33 23.93
N ILE E 197 16.42 -15.60 23.60
CA ILE E 197 15.30 -16.35 24.15
C ILE E 197 15.35 -16.33 25.67
N LYS E 198 16.51 -16.67 26.23
CA LYS E 198 16.71 -16.63 27.66
C LYS E 198 16.31 -15.26 28.22
N GLU E 199 16.84 -14.20 27.61
CA GLU E 199 16.58 -12.83 28.05
C GLU E 199 15.09 -12.49 28.03
N LYS E 200 14.46 -12.63 26.86
CA LYS E 200 13.06 -12.29 26.70
C LYS E 200 12.19 -13.15 27.62
N ARG E 201 12.56 -14.42 27.77
CA ARG E 201 11.88 -15.30 28.72
C ARG E 201 11.95 -14.72 30.12
N GLU E 202 13.15 -14.32 30.54
CA GLU E 202 13.32 -13.70 31.85
C GLU E 202 12.58 -12.36 31.98
N LYS E 203 12.58 -11.56 30.92
CA LYS E 203 11.97 -10.22 30.99
C LYS E 203 10.44 -10.27 30.99
N LEU E 204 9.86 -11.25 30.29
CA LEU E 204 8.42 -11.32 30.09
C LEU E 204 7.75 -12.40 30.95
N LYS E 205 8.36 -12.74 32.08
CA LYS E 205 7.87 -13.84 32.90
C LYS E 205 6.62 -13.46 33.71
N GLY E 206 6.77 -12.46 34.58
CA GLY E 206 5.74 -12.15 35.55
C GLY E 206 4.51 -11.41 35.05
N THR E 207 4.57 -10.89 33.82
CA THR E 207 3.50 -10.05 33.30
C THR E 207 2.18 -10.80 33.16
N MET E 208 1.08 -10.05 33.19
CA MET E 208 -0.26 -10.62 33.10
C MET E 208 -0.89 -10.40 31.73
N ILE E 209 -0.15 -9.75 30.83
CA ILE E 209 -0.67 -9.39 29.52
C ILE E 209 -0.78 -10.62 28.63
N THR E 210 -1.80 -10.62 27.78
CA THR E 210 -2.09 -11.78 26.93
C THR E 210 -0.95 -12.08 25.98
N PRO E 211 -0.55 -13.38 25.87
CA PRO E 211 0.54 -13.79 24.98
C PRO E 211 0.43 -13.25 23.55
N ILE E 212 -0.78 -13.17 23.03
CA ILE E 212 -0.99 -12.75 21.65
C ILE E 212 -0.45 -11.34 21.42
N VAL E 213 -0.43 -10.54 22.50
CA VAL E 213 0.16 -9.22 22.46
C VAL E 213 1.69 -9.29 22.49
N LEU E 214 2.20 -10.14 23.39
CA LEU E 214 3.65 -10.34 23.51
C LEU E 214 4.24 -10.78 22.18
N ALA E 215 3.56 -11.69 21.50
CA ALA E 215 4.01 -12.17 20.20
C ALA E 215 4.03 -11.04 19.17
N TYR E 216 3.03 -10.17 19.25
CA TYR E 216 2.94 -9.01 18.36
C TYR E 216 4.13 -8.07 18.62
N MET E 217 4.33 -7.69 19.87
CA MET E 217 5.42 -6.78 20.22
C MET E 217 6.80 -7.40 19.93
N LEU E 218 6.93 -8.70 20.12
CA LEU E 218 8.15 -9.42 19.76
C LEU E 218 8.37 -9.34 18.26
N GLU E 219 7.36 -9.74 17.50
CA GLU E 219 7.42 -9.71 16.04
C GLU E 219 7.73 -8.30 15.54
N ARG E 220 7.23 -7.29 16.24
CA ARG E 220 7.53 -5.90 15.89
C ARG E 220 9.03 -5.60 16.01
N GLU E 221 9.67 -6.15 17.03
CA GLU E 221 11.08 -5.86 17.29
C GLU E 221 12.01 -6.97 16.77
N LEU E 222 11.43 -8.04 16.23
CA LEU E 222 12.23 -9.02 15.49
C LEU E 222 12.11 -8.88 13.97
N VAL E 223 10.89 -8.93 13.44
CA VAL E 223 10.68 -8.81 12.00
C VAL E 223 10.90 -7.37 11.54
N ALA E 224 11.52 -7.21 10.38
CA ALA E 224 11.88 -5.90 9.87
C ALA E 224 10.78 -5.29 9.01
N ARG E 225 10.61 -3.98 9.13
CA ARG E 225 9.72 -3.21 8.26
C ARG E 225 10.55 -2.33 7.33
N ARG E 226 10.81 -2.80 6.13
CA ARG E 226 11.61 -2.06 5.16
C ARG E 226 10.76 -1.51 4.03
N ARG E 227 10.80 -0.18 3.85
CA ARG E 227 9.93 0.48 2.89
C ARG E 227 10.63 1.61 2.12
N PHE E 228 10.19 1.83 0.89
CA PHE E 228 10.75 2.89 0.06
C PHE E 228 10.34 4.26 0.57
N LEU E 229 11.34 5.13 0.74
CA LEU E 229 11.10 6.49 1.19
C LEU E 229 12.05 7.49 0.53
N PRO E 230 11.61 8.74 0.37
CA PRO E 230 12.53 9.80 -0.06
C PRO E 230 13.48 10.17 1.08
N VAL E 231 14.77 9.92 0.88
CA VAL E 231 15.77 10.14 1.92
C VAL E 231 16.87 11.06 1.40
N ALA E 232 17.50 11.78 2.33
CA ALA E 232 18.65 12.62 2.03
C ALA E 232 19.59 12.69 3.23
N GLY E 233 20.76 12.08 3.11
CA GLY E 233 21.75 12.11 4.17
C GLY E 233 21.65 10.94 5.13
N ALA E 234 20.76 11.06 6.11
CA ALA E 234 20.60 10.04 7.14
C ALA E 234 19.67 8.92 6.69
N THR E 235 20.06 7.67 6.96
CA THR E 235 19.31 6.50 6.52
C THR E 235 19.22 5.44 7.62
N SER E 236 19.87 5.68 8.74
CA SER E 236 19.79 4.78 9.88
C SER E 236 18.35 4.78 10.41
N ALA E 237 17.92 3.64 10.97
CA ALA E 237 16.56 3.49 11.44
C ALA E 237 16.15 4.59 12.42
N GLU E 238 17.01 4.85 13.41
CA GLU E 238 16.72 5.86 14.42
C GLU E 238 16.72 7.28 13.84
N PHE E 239 17.07 7.40 12.56
CA PHE E 239 16.90 8.65 11.84
C PHE E 239 15.64 8.59 10.99
N ILE E 240 15.43 7.44 10.34
CA ILE E 240 14.25 7.23 9.51
C ILE E 240 12.97 7.43 10.31
N GLU E 241 12.95 6.93 11.54
CA GLU E 241 11.77 7.06 12.39
C GLU E 241 11.42 8.52 12.71
N MET E 242 12.35 9.43 12.45
CA MET E 242 12.17 10.86 12.67
C MET E 242 12.21 11.62 11.34
N LEU E 243 12.23 10.87 10.23
CA LEU E 243 12.43 11.42 8.90
C LEU E 243 11.56 12.64 8.58
N HIS E 244 10.32 12.61 9.04
CA HIS E 244 9.38 13.70 8.79
C HIS E 244 9.89 15.05 9.31
N CYS E 245 10.75 15.00 10.33
CA CYS E 245 11.31 16.20 10.92
C CYS E 245 12.70 16.53 10.38
N LEU E 246 13.38 15.53 9.85
CA LEU E 246 14.77 15.69 9.44
C LEU E 246 14.95 16.65 8.26
N GLN E 247 14.01 16.62 7.33
CA GLN E 247 14.19 17.33 6.07
C GLN E 247 12.89 17.55 5.31
N GLY E 248 12.97 18.41 4.30
CA GLY E 248 11.89 18.59 3.35
C GLY E 248 12.47 18.58 1.96
N GLU E 249 11.83 19.27 1.03
CA GLU E 249 12.38 19.45 -0.29
C GLU E 249 13.20 20.73 -0.30
N ASN E 250 12.83 21.66 0.57
CA ASN E 250 13.40 23.00 0.57
C ASN E 250 13.98 23.40 1.92
N TRP E 251 14.12 22.44 2.83
CA TRP E 251 14.73 22.73 4.13
C TRP E 251 15.38 21.51 4.75
N ARG E 252 16.28 21.76 5.70
CA ARG E 252 17.03 20.72 6.39
C ARG E 252 17.00 20.98 7.90
N GLN E 253 16.95 19.91 8.68
CA GLN E 253 16.95 19.99 10.13
C GLN E 253 17.95 19.03 10.75
N ILE E 254 18.94 19.57 11.45
CA ILE E 254 19.96 18.76 12.11
C ILE E 254 19.40 18.14 13.40
N TYR E 255 19.46 16.82 13.47
CA TYR E 255 18.86 16.05 14.56
C TYR E 255 19.82 14.97 15.04
N HIS E 256 20.06 14.94 16.35
CA HIS E 256 20.98 13.98 16.95
C HIS E 256 20.25 13.06 17.93
N PRO E 257 19.88 11.85 17.48
CA PRO E 257 19.12 10.95 18.36
C PRO E 257 19.93 10.40 19.52
N GLY E 258 19.25 10.19 20.65
CA GLY E 258 19.89 9.66 21.84
C GLY E 258 20.13 8.18 21.74
N GLY E 259 20.65 7.60 22.82
CA GLY E 259 20.98 6.19 22.86
C GLY E 259 22.29 5.90 22.16
N ASN E 260 22.72 4.63 22.21
CA ASN E 260 23.95 4.21 21.56
C ASN E 260 23.77 4.07 20.05
N LYS E 261 24.84 4.32 19.30
CA LYS E 261 24.83 4.14 17.85
C LYS E 261 25.87 3.11 17.44
N LEU E 262 25.57 2.42 16.33
CA LEU E 262 26.39 1.31 15.87
C LEU E 262 27.72 1.80 15.29
N THR E 263 28.71 0.91 15.27
CA THR E 263 30.02 1.24 14.72
C THR E 263 29.99 1.19 13.19
N GLU E 264 29.38 0.14 12.66
CA GLU E 264 29.23 -0.03 11.22
C GLU E 264 28.49 1.16 10.60
N SER E 265 27.58 1.73 11.37
CA SER E 265 26.83 2.89 10.92
C SER E 265 27.76 4.10 10.74
N ARG E 266 28.77 4.19 11.61
CA ARG E 266 29.80 5.20 11.45
C ARG E 266 30.67 4.87 10.24
N SER E 267 31.11 3.61 10.18
CA SER E 267 31.94 3.13 9.09
C SER E 267 31.31 3.41 7.72
N GLN E 268 29.99 3.26 7.65
CA GLN E 268 29.26 3.55 6.42
C GLN E 268 29.37 5.01 6.01
N SER E 269 29.00 5.90 6.93
CA SER E 269 28.97 7.34 6.64
C SER E 269 30.37 7.91 6.40
N MET E 270 31.29 7.55 7.29
CA MET E 270 32.69 7.98 7.22
C MET E 270 33.22 7.99 5.79
N ILE E 271 33.07 6.86 5.10
CA ILE E 271 33.54 6.71 3.73
C ILE E 271 32.90 7.74 2.80
N VAL E 272 31.57 7.82 2.84
CA VAL E 272 30.84 8.78 2.02
C VAL E 272 31.33 10.20 2.29
N ALA E 273 31.51 10.51 3.56
CA ALA E 273 31.97 11.84 3.96
C ALA E 273 33.33 12.13 3.33
N CYS E 274 34.29 11.23 3.56
CA CYS E 274 35.63 11.39 3.01
C CYS E 274 35.61 11.55 1.50
N ARG E 275 34.92 10.63 0.82
CA ARG E 275 34.77 10.69 -0.63
C ARG E 275 34.20 12.04 -1.05
N LYS E 276 33.19 12.51 -0.34
CA LYS E 276 32.52 13.76 -0.69
C LYS E 276 33.44 14.96 -0.46
N ILE E 277 34.25 14.92 0.61
CA ILE E 277 35.26 15.95 0.84
C ILE E 277 36.23 15.98 -0.33
N ILE E 278 36.78 14.80 -0.64
CA ILE E 278 37.76 14.65 -1.71
C ILE E 278 37.21 15.17 -3.04
N ARG E 279 36.06 14.65 -3.46
CA ARG E 279 35.47 15.02 -4.75
C ARG E 279 35.39 16.53 -4.94
N ARG E 280 35.16 17.25 -3.85
CA ARG E 280 35.14 18.71 -3.90
C ARG E 280 36.55 19.26 -3.95
N SER E 281 37.38 18.87 -3.00
CA SER E 281 38.72 19.44 -2.89
C SER E 281 39.64 19.14 -4.09
N ILE E 282 39.28 18.15 -4.90
CA ILE E 282 40.09 17.78 -6.07
C ILE E 282 40.22 18.93 -7.08
N VAL E 283 39.10 19.58 -7.39
CA VAL E 283 39.07 20.58 -8.45
C VAL E 283 39.82 21.86 -8.08
N ALA E 284 39.74 22.25 -6.81
CA ALA E 284 40.42 23.45 -6.35
C ALA E 284 41.91 23.17 -6.20
N SER E 285 42.75 24.10 -6.64
CA SER E 285 44.19 23.97 -6.49
C SER E 285 44.55 23.87 -5.02
N ASN E 286 45.64 23.16 -4.73
CA ASN E 286 46.01 22.84 -3.36
C ASN E 286 44.92 22.02 -2.65
N PRO E 287 44.51 20.88 -3.24
CA PRO E 287 43.49 20.00 -2.65
C PRO E 287 43.64 19.71 -1.16
N LEU E 288 44.87 19.42 -0.73
CA LEU E 288 45.14 19.11 0.67
C LEU E 288 44.60 20.18 1.59
N GLU E 289 44.75 21.44 1.19
CA GLU E 289 44.30 22.57 1.99
C GLU E 289 42.80 22.46 2.24
N LEU E 290 42.03 22.32 1.17
CA LEU E 290 40.57 22.19 1.30
C LEU E 290 40.21 20.95 2.08
N ALA E 291 40.73 19.81 1.65
CA ALA E 291 40.46 18.53 2.31
C ALA E 291 40.66 18.63 3.82
N VAL E 292 41.78 19.22 4.23
CA VAL E 292 42.05 19.42 5.65
C VAL E 292 41.10 20.44 6.27
N GLU E 293 40.89 21.56 5.58
CA GLU E 293 39.99 22.60 6.07
C GLU E 293 38.61 22.03 6.38
N ILE E 294 38.07 21.26 5.45
CA ILE E 294 36.74 20.68 5.56
C ILE E 294 36.72 19.51 6.55
N ALA E 295 37.60 18.53 6.34
CA ALA E 295 37.69 17.37 7.21
C ALA E 295 37.88 17.75 8.69
N ASN E 296 38.56 18.88 8.93
CA ASN E 296 38.71 19.39 10.29
C ASN E 296 37.36 19.68 10.94
N LYS E 297 36.41 20.14 10.13
CA LYS E 297 35.15 20.65 10.63
C LYS E 297 33.94 19.87 10.13
N THR E 298 34.17 18.64 9.66
CA THR E 298 33.08 17.73 9.35
C THR E 298 32.67 16.98 10.60
N VAL E 299 31.40 16.61 10.68
CA VAL E 299 30.87 15.89 11.83
C VAL E 299 29.95 14.76 11.39
N ILE E 300 30.16 13.59 11.98
CA ILE E 300 29.28 12.44 11.77
C ILE E 300 28.35 12.31 12.97
N ASP E 301 27.10 12.72 12.77
CA ASP E 301 26.13 12.79 13.86
C ASP E 301 26.69 13.64 15.00
N THR E 302 27.44 13.02 15.91
CA THR E 302 28.04 13.74 17.04
C THR E 302 29.57 13.69 17.00
N GLU E 303 30.12 12.60 16.50
CA GLU E 303 31.57 12.43 16.46
C GLU E 303 32.21 13.21 15.32
N PRO E 304 33.32 13.91 15.58
CA PRO E 304 34.10 14.52 14.49
C PRO E 304 34.77 13.46 13.62
N LEU E 305 35.02 13.79 12.35
CA LEU E 305 35.62 12.86 11.42
C LEU E 305 37.00 12.40 11.92
N LYS E 306 37.69 13.29 12.62
CA LYS E 306 38.96 12.96 13.27
C LYS E 306 38.78 11.77 14.20
N SER E 307 37.91 11.96 15.20
CA SER E 307 37.65 10.95 16.22
C SER E 307 37.24 9.62 15.59
N CYS E 308 36.41 9.71 14.55
CA CYS E 308 35.94 8.52 13.84
C CYS E 308 37.09 7.78 13.16
N LEU E 309 37.77 8.48 12.26
CA LEU E 309 38.90 7.91 11.54
C LEU E 309 39.96 7.37 12.50
N ALA E 310 40.13 8.04 13.63
CA ALA E 310 41.07 7.61 14.65
C ALA E 310 40.61 6.33 15.35
N ALA E 311 39.37 6.34 15.83
CA ALA E 311 38.84 5.25 16.63
C ALA E 311 38.52 4.01 15.80
N ILE E 312 37.85 4.20 14.67
CA ILE E 312 37.45 3.08 13.82
C ILE E 312 38.62 2.56 12.99
N ASP E 313 38.76 1.24 12.94
CA ASP E 313 39.78 0.59 12.12
C ASP E 313 39.17 -0.01 10.87
N GLY E 314 38.57 0.84 10.05
CA GLY E 314 37.94 0.42 8.82
C GLY E 314 38.50 1.12 7.60
N GLY E 315 37.79 2.13 7.12
CA GLY E 315 38.22 2.91 5.98
C GLY E 315 38.23 2.11 4.70
N ASP E 316 38.74 2.71 3.62
CA ASP E 316 38.85 2.02 2.34
C ASP E 316 39.97 2.60 1.46
N VAL E 317 39.84 3.88 1.13
CA VAL E 317 40.75 4.54 0.22
C VAL E 317 40.77 6.02 0.58
N ALA E 318 39.60 6.63 0.51
CA ALA E 318 39.43 8.04 0.87
C ALA E 318 39.79 8.26 2.33
N CYS E 319 39.31 7.35 3.17
CA CYS E 319 39.55 7.42 4.61
C CYS E 319 41.04 7.48 4.91
N ASP E 320 41.82 6.63 4.27
CA ASP E 320 43.26 6.66 4.47
C ASP E 320 43.85 7.99 4.00
N ILE E 321 43.40 8.45 2.83
CA ILE E 321 43.89 9.70 2.27
C ILE E 321 43.65 10.88 3.23
N ILE E 322 42.47 10.91 3.84
CA ILE E 322 42.17 11.94 4.83
C ILE E 322 42.98 11.70 6.11
N ARG E 323 43.05 10.44 6.51
CA ARG E 323 43.82 10.01 7.68
C ARG E 323 45.26 10.49 7.60
N ALA E 324 45.82 10.44 6.38
CA ALA E 324 47.17 10.92 6.12
C ALA E 324 47.20 12.43 5.93
N ALA E 325 46.03 13.05 5.76
CA ALA E 325 45.94 14.50 5.57
C ALA E 325 45.83 15.22 6.91
N LEU E 326 45.18 14.57 7.89
CA LEU E 326 45.14 15.11 9.24
C LEU E 326 46.31 14.62 10.10
N GLY E 327 46.81 13.42 9.81
CA GLY E 327 47.98 12.90 10.49
C GLY E 327 47.64 11.78 11.46
N LEU E 328 47.54 10.57 10.92
CA LEU E 328 47.39 9.38 11.73
C LEU E 328 47.60 8.14 10.84
N LYS E 329 47.74 6.97 11.46
CA LYS E 329 47.95 5.72 10.73
C LYS E 329 46.89 5.51 9.65
N ILE E 330 47.23 4.70 8.65
CA ILE E 330 46.29 4.39 7.58
C ILE E 330 46.12 2.88 7.43
N ARG E 331 44.97 2.38 7.89
CA ARG E 331 44.65 0.96 7.79
C ARG E 331 44.17 0.64 6.39
N GLN E 332 45.05 0.06 5.59
CA GLN E 332 44.70 -0.36 4.23
C GLN E 332 43.91 -1.65 4.29
N ARG E 333 42.65 -1.54 4.70
CA ARG E 333 41.80 -2.71 4.86
C ARG E 333 40.74 -2.80 3.77
N GLN E 334 40.45 -4.02 3.33
CA GLN E 334 39.43 -4.26 2.32
C GLN E 334 38.35 -5.22 2.85
N ARG E 335 37.20 -5.19 2.20
CA ARG E 335 36.09 -6.07 2.55
C ARG E 335 35.52 -6.74 1.31
N PHE E 336 35.72 -8.05 1.20
CA PHE E 336 35.11 -8.84 0.13
C PHE E 336 33.91 -9.60 0.69
N GLY E 337 32.75 -8.94 0.66
CA GLY E 337 31.55 -9.52 1.22
C GLY E 337 31.71 -9.76 2.71
N ARG E 338 32.08 -11.00 3.06
CA ARG E 338 32.28 -11.38 4.45
C ARG E 338 33.76 -11.41 4.82
N LEU E 339 34.61 -11.46 3.80
CA LEU E 339 36.05 -11.58 4.02
C LEU E 339 36.69 -10.22 4.30
N GLU E 340 37.34 -10.10 5.47
CA GLU E 340 38.02 -8.86 5.82
C GLU E 340 39.54 -8.99 5.67
N LEU E 341 40.10 -8.04 4.93
CA LEU E 341 41.51 -8.06 4.57
C LEU E 341 42.24 -6.82 5.09
N LYS E 342 43.50 -7.00 5.48
CA LYS E 342 44.42 -5.90 5.71
C LYS E 342 45.67 -6.13 4.86
N ARG E 343 46.28 -5.05 4.39
CA ARG E 343 47.41 -5.15 3.47
C ARG E 343 48.73 -5.27 4.21
N ILE E 344 49.48 -6.35 3.94
CA ILE E 344 50.80 -6.52 4.53
C ILE E 344 51.84 -5.92 3.59
N SER E 345 51.75 -6.28 2.31
CA SER E 345 52.67 -5.76 1.31
C SER E 345 52.13 -6.01 -0.10
N GLY E 346 52.73 -5.33 -1.08
CA GLY E 346 52.33 -5.48 -2.47
C GLY E 346 51.15 -4.60 -2.81
N ARG E 347 51.29 -3.82 -3.88
CA ARG E 347 50.24 -2.94 -4.37
C ARG E 347 49.87 -3.29 -5.81
N GLY E 348 48.73 -3.98 -5.96
CA GLY E 348 48.31 -4.46 -7.26
C GLY E 348 47.53 -3.41 -8.03
N PHE E 349 47.34 -3.65 -9.33
CA PHE E 349 46.61 -2.72 -10.20
C PHE E 349 45.52 -3.41 -11.01
N LYS E 350 44.33 -2.83 -10.97
CA LYS E 350 43.16 -3.38 -11.66
C LYS E 350 43.25 -3.15 -13.16
N ASN E 351 42.93 -4.19 -13.93
CA ASN E 351 42.89 -4.10 -15.39
C ASN E 351 41.70 -4.87 -15.93
N ASP E 352 40.85 -4.19 -16.71
CA ASP E 352 39.64 -4.80 -17.24
C ASP E 352 39.93 -5.75 -18.41
N GLU E 353 39.65 -7.03 -18.20
CA GLU E 353 39.83 -8.05 -19.22
C GLU E 353 38.55 -8.86 -19.39
N GLU E 354 38.48 -9.66 -20.45
CA GLU E 354 37.35 -10.54 -20.70
C GLU E 354 37.76 -11.99 -20.50
N ILE E 355 37.13 -12.65 -19.53
CA ILE E 355 37.45 -14.02 -19.18
C ILE E 355 36.32 -14.96 -19.60
N LEU E 356 36.70 -16.06 -20.27
CA LEU E 356 35.76 -17.11 -20.63
C LEU E 356 35.62 -18.08 -19.45
N ILE E 357 34.55 -17.92 -18.68
CA ILE E 357 34.38 -18.65 -17.42
C ILE E 357 33.94 -20.09 -17.66
N GLY E 358 34.23 -20.96 -16.69
CA GLY E 358 34.00 -22.39 -16.79
C GLY E 358 32.75 -22.88 -17.50
N ASN E 359 31.60 -22.30 -17.19
CA ASN E 359 30.35 -22.78 -17.78
C ASN E 359 30.29 -22.55 -19.28
N GLY E 360 31.10 -21.61 -19.76
CA GLY E 360 31.22 -21.33 -21.18
C GLY E 360 30.60 -20.00 -21.58
N THR E 361 31.01 -18.94 -20.88
CA THR E 361 30.53 -17.60 -21.18
C THR E 361 31.62 -16.55 -20.94
N ILE E 362 31.60 -15.51 -21.77
CA ILE E 362 32.55 -14.42 -21.67
C ILE E 362 32.09 -13.42 -20.61
N GLN E 363 33.01 -13.01 -19.75
CA GLN E 363 32.69 -12.05 -18.69
C GLN E 363 33.76 -10.97 -18.55
N LYS E 364 33.32 -9.71 -18.60
CA LYS E 364 34.21 -8.58 -18.40
C LYS E 364 34.53 -8.39 -16.92
N ILE E 365 35.76 -8.72 -16.54
CA ILE E 365 36.18 -8.67 -15.14
C ILE E 365 37.47 -7.87 -14.99
N GLY E 366 37.57 -7.15 -13.88
CA GLY E 366 38.78 -6.39 -13.57
C GLY E 366 39.80 -7.24 -12.83
N ILE E 367 40.82 -7.67 -13.56
CA ILE E 367 41.85 -8.53 -12.99
C ILE E 367 42.93 -7.69 -12.33
N TRP E 368 43.37 -8.12 -11.15
CA TRP E 368 44.37 -7.37 -10.40
C TRP E 368 45.78 -7.87 -10.65
N ASP E 369 46.55 -7.09 -11.39
CA ASP E 369 47.94 -7.42 -11.70
C ASP E 369 48.86 -7.05 -10.54
N GLY E 370 49.94 -7.82 -10.39
CA GLY E 370 50.92 -7.56 -9.37
C GLY E 370 50.78 -8.50 -8.17
N GLU E 371 51.92 -8.78 -7.53
CA GLU E 371 51.93 -9.64 -6.35
C GLU E 371 51.40 -8.88 -5.15
N GLU E 372 50.73 -9.60 -4.26
CA GLU E 372 50.14 -8.98 -3.07
C GLU E 372 50.10 -9.93 -1.88
N GLU E 373 50.30 -9.38 -0.68
CA GLU E 373 50.23 -10.14 0.55
C GLU E 373 49.35 -9.45 1.58
N PHE E 374 48.31 -10.16 2.04
CA PHE E 374 47.34 -9.61 2.99
C PHE E 374 47.29 -10.39 4.30
N HIS E 375 46.96 -9.68 5.37
CA HIS E 375 46.55 -10.34 6.62
C HIS E 375 45.04 -10.51 6.56
N VAL E 376 44.60 -11.76 6.65
CA VAL E 376 43.23 -12.13 6.32
C VAL E 376 42.42 -12.58 7.54
N ARG E 377 41.14 -12.21 7.57
CA ARG E 377 40.23 -12.69 8.60
C ARG E 377 38.79 -12.82 8.09
N CYS E 378 38.18 -13.96 8.43
CA CYS E 378 36.78 -14.24 8.10
C CYS E 378 36.07 -14.81 9.32
N GLY E 379 35.11 -14.05 9.84
CA GLY E 379 34.38 -14.45 11.03
C GLY E 379 35.29 -14.70 12.22
N GLU E 380 35.59 -15.96 12.46
CA GLU E 380 36.47 -16.36 13.57
C GLU E 380 37.80 -16.89 13.04
N CYS E 381 37.86 -17.21 11.76
CA CYS E 381 39.03 -17.82 11.16
C CYS E 381 40.00 -16.77 10.62
N ARG E 382 41.26 -16.85 11.05
CA ARG E 382 42.29 -15.89 10.66
C ARG E 382 43.35 -16.55 9.79
N GLY E 383 44.10 -15.75 9.05
CA GLY E 383 45.19 -16.28 8.25
C GLY E 383 46.01 -15.22 7.53
N ILE E 384 46.90 -15.67 6.64
CA ILE E 384 47.69 -14.78 5.80
C ILE E 384 47.59 -15.25 4.36
N LEU E 385 47.42 -14.29 3.45
CA LEU E 385 47.21 -14.58 2.04
C LEU E 385 48.31 -14.01 1.17
N LYS E 386 48.88 -14.84 0.32
CA LYS E 386 49.88 -14.42 -0.66
C LYS E 386 49.38 -14.78 -2.06
N LYS E 387 49.11 -13.75 -2.86
CA LYS E 387 48.55 -13.96 -4.20
C LYS E 387 49.30 -13.18 -5.27
N SER E 388 49.11 -13.60 -6.51
CA SER E 388 49.63 -12.88 -7.67
C SER E 388 48.54 -12.85 -8.74
N LYS E 389 48.87 -12.29 -9.91
CA LYS E 389 47.90 -12.15 -10.99
C LYS E 389 47.23 -13.48 -11.32
N MET E 390 46.00 -13.63 -10.86
CA MET E 390 45.21 -14.85 -11.09
C MET E 390 45.92 -16.10 -10.57
N LYS E 391 46.38 -16.04 -9.33
CA LYS E 391 47.03 -17.20 -8.72
C LYS E 391 47.16 -17.09 -7.20
N LEU E 392 46.70 -18.13 -6.51
CA LEU E 392 46.95 -18.27 -5.08
C LEU E 392 48.34 -18.83 -4.86
N GLU E 393 49.27 -17.99 -4.42
CA GLU E 393 50.63 -18.45 -4.19
C GLU E 393 50.72 -19.18 -2.85
N LYS E 394 50.17 -18.58 -1.80
CA LYS E 394 50.11 -19.24 -0.50
C LYS E 394 48.89 -18.79 0.30
N LEU E 395 48.36 -19.71 1.11
CA LEU E 395 47.27 -19.41 2.04
C LEU E 395 47.56 -20.04 3.39
N LEU E 396 48.07 -19.23 4.31
CA LEU E 396 48.49 -19.70 5.64
C LEU E 396 47.46 -19.35 6.70
N ILE E 397 46.54 -20.27 6.98
CA ILE E 397 45.42 -20.00 7.88
C ILE E 397 45.54 -20.74 9.21
N ASN E 398 44.69 -20.36 10.16
CA ASN E 398 44.60 -21.02 11.46
C ASN E 398 43.38 -21.92 11.51
N SER E 399 43.33 -22.78 12.53
CA SER E 399 42.18 -23.67 12.71
C SER E 399 41.04 -22.95 13.42
N ALA E 400 39.81 -23.24 13.00
CA ALA E 400 38.63 -22.61 13.56
C ALA E 400 37.39 -23.43 13.20
N LYS E 401 36.22 -22.80 13.25
CA LYS E 401 34.98 -23.49 12.89
C LYS E 401 34.98 -23.81 11.41
N LYS E 402 34.43 -24.97 11.06
CA LYS E 402 34.50 -25.50 9.70
C LYS E 402 33.94 -24.54 8.65
N GLU E 403 32.81 -23.91 8.94
CA GLU E 403 32.20 -23.00 7.98
C GLU E 403 33.06 -21.77 7.76
N ASP E 404 33.75 -21.32 8.80
CA ASP E 404 34.63 -20.17 8.72
C ASP E 404 35.90 -20.50 7.94
N MET E 405 36.49 -21.67 8.23
CA MET E 405 37.65 -22.12 7.49
C MET E 405 37.29 -22.26 6.02
N ARG E 406 36.21 -22.98 5.75
CA ARG E 406 35.71 -23.18 4.39
C ARG E 406 35.49 -21.85 3.68
N ASP E 407 34.62 -21.01 4.25
CA ASP E 407 34.28 -19.74 3.64
C ASP E 407 35.49 -18.83 3.51
N LEU E 408 36.43 -18.94 4.45
CA LEU E 408 37.68 -18.20 4.33
C LEU E 408 38.44 -18.67 3.10
N ILE E 409 38.66 -19.97 2.99
CA ILE E 409 39.35 -20.52 1.84
C ILE E 409 38.65 -20.19 0.51
N ILE E 410 37.32 -20.30 0.49
CA ILE E 410 36.55 -19.99 -0.72
C ILE E 410 36.65 -18.51 -1.07
N LEU E 411 36.45 -17.65 -0.08
CA LEU E 411 36.53 -16.21 -0.28
C LEU E 411 37.93 -15.79 -0.73
N CYS E 412 38.95 -16.47 -0.21
CA CYS E 412 40.33 -16.25 -0.64
C CYS E 412 40.52 -16.75 -2.07
N MET E 413 39.96 -17.91 -2.38
CA MET E 413 40.04 -18.47 -3.72
C MET E 413 39.39 -17.56 -4.76
N VAL E 414 38.24 -17.00 -4.41
CA VAL E 414 37.54 -16.08 -5.31
C VAL E 414 38.28 -14.75 -5.39
N PHE E 415 38.64 -14.21 -4.23
CA PHE E 415 39.35 -12.93 -4.16
C PHE E 415 40.65 -12.95 -4.97
N SER E 416 41.28 -14.11 -5.03
CA SER E 416 42.55 -14.26 -5.72
C SER E 416 42.38 -14.30 -7.24
N GLN E 417 41.14 -14.45 -7.68
CA GLN E 417 40.82 -14.46 -9.11
C GLN E 417 41.58 -15.55 -9.85
N ASP E 418 41.78 -16.68 -9.21
CA ASP E 418 42.54 -17.78 -9.78
C ASP E 418 41.81 -18.39 -10.98
N THR E 419 42.55 -18.79 -12.01
CA THR E 419 41.96 -19.43 -13.18
C THR E 419 41.31 -20.76 -12.80
N ARG E 420 41.86 -21.42 -11.78
CA ARG E 420 41.28 -22.66 -11.29
C ARG E 420 39.89 -22.42 -10.71
N MET E 421 39.67 -21.20 -10.23
CA MET E 421 38.35 -20.79 -9.73
C MET E 421 37.46 -20.40 -10.90
N PHE E 422 37.97 -19.53 -11.76
CA PHE E 422 37.23 -19.07 -12.94
C PHE E 422 36.79 -20.24 -13.82
N GLN E 423 37.61 -21.28 -13.88
CA GLN E 423 37.26 -22.46 -14.67
C GLN E 423 36.69 -23.56 -13.77
N GLY E 424 35.75 -23.17 -12.92
CA GLY E 424 35.09 -24.11 -12.02
C GLY E 424 33.63 -23.76 -11.85
N VAL E 425 33.06 -23.13 -12.87
CA VAL E 425 31.68 -22.70 -12.85
C VAL E 425 30.78 -23.63 -13.65
N ARG E 426 29.58 -23.89 -13.11
CA ARG E 426 28.58 -24.72 -13.77
C ARG E 426 27.22 -24.03 -13.75
N GLY E 427 26.45 -24.23 -14.82
CA GLY E 427 25.12 -23.65 -14.91
C GLY E 427 25.14 -22.18 -15.25
N GLU E 428 24.66 -21.36 -14.32
CA GLU E 428 24.60 -19.91 -14.52
C GLU E 428 25.01 -19.15 -13.27
N ILE E 429 25.61 -17.98 -13.47
CA ILE E 429 26.00 -17.09 -12.39
C ILE E 429 25.74 -15.66 -12.84
N ASN E 430 24.49 -15.39 -13.20
CA ASN E 430 24.03 -14.02 -13.44
C ASN E 430 22.66 -13.81 -12.81
N PHE E 431 22.50 -14.35 -11.60
CA PHE E 431 21.24 -14.21 -10.87
C PHE E 431 21.17 -12.87 -10.16
N LEU E 432 19.97 -12.30 -10.10
CA LEU E 432 19.72 -11.03 -9.43
C LEU E 432 19.49 -11.28 -7.94
N ASN E 433 19.38 -10.21 -7.16
CA ASN E 433 19.01 -10.31 -5.75
C ASN E 433 17.49 -10.30 -5.63
N ARG E 434 16.97 -10.45 -4.42
CA ARG E 434 15.54 -10.62 -4.21
C ARG E 434 14.72 -9.44 -4.71
N ALA E 435 15.30 -8.24 -4.69
CA ALA E 435 14.61 -7.06 -5.17
C ALA E 435 14.57 -7.02 -6.70
N GLY E 436 15.57 -7.65 -7.33
CA GLY E 436 15.66 -7.70 -8.78
C GLY E 436 16.79 -6.84 -9.32
N GLN E 437 17.92 -6.86 -8.63
CA GLN E 437 19.09 -6.08 -9.01
C GLN E 437 20.26 -6.98 -9.38
N LEU E 438 20.98 -6.63 -10.44
CA LEU E 438 22.11 -7.42 -10.92
C LEU E 438 23.35 -7.17 -10.07
N LEU E 439 23.91 -8.24 -9.50
CA LEU E 439 25.11 -8.14 -8.68
C LEU E 439 26.34 -7.99 -9.56
N SER E 440 27.46 -7.58 -8.96
CA SER E 440 28.69 -7.37 -9.71
C SER E 440 29.40 -8.70 -9.99
N PRO E 441 30.15 -8.78 -11.10
CA PRO E 441 30.84 -9.99 -11.58
C PRO E 441 31.50 -10.85 -10.50
N MET E 442 32.25 -10.23 -9.59
CA MET E 442 32.95 -10.98 -8.55
C MET E 442 32.00 -11.41 -7.43
N TYR E 443 31.15 -10.49 -6.99
CA TYR E 443 30.22 -10.79 -5.91
C TYR E 443 29.21 -11.87 -6.33
N GLN E 444 28.95 -11.97 -7.62
CA GLN E 444 28.14 -13.07 -8.15
C GLN E 444 28.87 -14.39 -7.95
N LEU E 445 30.15 -14.42 -8.33
CA LEU E 445 30.99 -15.60 -8.14
C LEU E 445 31.10 -15.95 -6.66
N GLN E 446 31.15 -14.93 -5.80
CA GLN E 446 31.15 -15.15 -4.36
C GLN E 446 29.84 -15.81 -3.93
N ARG E 447 28.74 -15.16 -4.26
CA ARG E 447 27.41 -15.66 -3.92
C ARG E 447 27.19 -17.07 -4.46
N TYR E 448 27.78 -17.37 -5.61
CA TYR E 448 27.69 -18.70 -6.19
C TYR E 448 28.54 -19.72 -5.45
N PHE E 449 29.85 -19.48 -5.41
CA PHE E 449 30.78 -20.45 -4.83
C PHE E 449 30.64 -20.59 -3.32
N LEU E 450 30.00 -19.62 -2.67
CA LEU E 450 29.65 -19.76 -1.27
C LEU E 450 28.63 -20.89 -1.10
N ASN E 451 27.75 -21.03 -2.09
CA ASN E 451 26.77 -22.10 -2.09
C ASN E 451 27.35 -23.38 -2.69
N ARG E 452 27.68 -23.34 -3.97
CA ARG E 452 28.20 -24.51 -4.68
C ARG E 452 29.72 -24.47 -4.74
N SER E 453 30.36 -25.15 -3.79
CA SER E 453 31.81 -25.12 -3.66
C SER E 453 32.48 -26.40 -4.15
N ASN E 454 31.71 -27.47 -4.31
CA ASN E 454 32.25 -28.76 -4.73
C ASN E 454 33.00 -28.68 -6.05
N ASP E 455 32.46 -27.90 -6.99
CA ASP E 455 33.12 -27.69 -8.28
C ASP E 455 34.47 -27.03 -8.10
N LEU E 456 34.52 -26.03 -7.22
CA LEU E 456 35.76 -25.32 -6.93
C LEU E 456 36.79 -26.27 -6.31
N PHE E 457 36.39 -26.94 -5.22
CA PHE E 457 37.27 -27.86 -4.51
C PHE E 457 37.77 -28.99 -5.41
N ASP E 458 36.89 -29.49 -6.28
CA ASP E 458 37.28 -30.53 -7.21
C ASP E 458 38.22 -29.98 -8.29
N GLN E 459 37.89 -28.81 -8.81
CA GLN E 459 38.69 -28.19 -9.88
C GLN E 459 40.00 -27.59 -9.37
N TRP E 460 40.07 -27.32 -8.06
CA TRP E 460 41.27 -26.74 -7.47
C TRP E 460 42.50 -27.63 -7.66
N GLY E 461 42.52 -28.78 -6.99
CA GLY E 461 43.66 -29.69 -7.04
C GLY E 461 44.33 -29.81 -5.68
N TYR E 462 45.00 -30.94 -5.46
CA TYR E 462 45.61 -31.24 -4.15
C TYR E 462 47.11 -31.48 -4.24
N GLU E 463 47.77 -31.53 -3.09
CA GLU E 463 49.21 -31.80 -3.04
C GLU E 463 49.63 -32.26 -1.65
N GLU E 464 50.91 -32.59 -1.51
CA GLU E 464 51.44 -33.09 -0.25
C GLU E 464 51.34 -32.05 0.86
N SER E 465 51.01 -32.49 2.06
CA SER E 465 50.91 -31.61 3.22
C SER E 465 52.30 -31.29 3.78
N PRO E 466 52.41 -30.17 4.51
CA PRO E 466 53.69 -29.81 5.12
C PRO E 466 54.06 -30.72 6.29
N LYS E 467 55.30 -31.20 6.32
CA LYS E 467 55.74 -32.14 7.34
C LYS E 467 56.44 -31.43 8.50
N ALA E 468 56.35 -30.11 8.53
CA ALA E 468 56.82 -29.35 9.69
C ALA E 468 55.80 -29.52 10.82
N SER E 469 56.31 -29.73 12.03
CA SER E 469 55.47 -30.06 13.18
C SER E 469 54.33 -29.06 13.42
N GLU E 470 54.63 -27.77 13.24
CA GLU E 470 53.64 -26.73 13.51
C GLU E 470 52.62 -26.59 12.39
N LEU E 471 52.97 -27.09 11.19
CA LEU E 471 52.12 -26.98 10.03
C LEU E 471 51.27 -28.22 9.81
N HIS E 472 50.08 -28.04 9.22
CA HIS E 472 49.20 -29.14 8.87
C HIS E 472 48.42 -28.81 7.60
N GLY E 473 47.89 -29.85 6.95
CA GLY E 473 47.08 -29.69 5.76
C GLY E 473 45.68 -30.24 5.98
N ILE E 474 44.71 -29.73 5.22
CA ILE E 474 43.32 -30.15 5.35
C ILE E 474 42.69 -30.47 3.99
N ASN E 475 41.57 -31.19 4.02
CA ASN E 475 40.88 -31.61 2.80
C ASN E 475 39.54 -30.91 2.61
N GLU E 476 38.75 -31.38 1.64
CA GLU E 476 37.52 -30.72 1.25
C GLU E 476 36.51 -30.53 2.38
N SER E 477 36.47 -31.49 3.30
CA SER E 477 35.51 -31.45 4.40
C SER E 477 36.08 -30.77 5.65
N MET E 478 37.11 -29.96 5.45
CA MET E 478 37.74 -29.20 6.54
C MET E 478 38.24 -30.12 7.65
N ASN E 479 38.93 -31.19 7.26
CA ASN E 479 39.56 -32.12 8.21
C ASN E 479 41.02 -32.33 7.84
N ALA E 480 41.85 -32.61 8.84
CA ALA E 480 43.28 -32.81 8.62
C ALA E 480 43.51 -33.97 7.66
N SER E 481 44.49 -33.82 6.77
CA SER E 481 44.78 -34.83 5.76
C SER E 481 46.21 -34.71 5.24
N ASP E 482 46.73 -35.81 4.70
CA ASP E 482 48.07 -35.81 4.12
C ASP E 482 48.07 -35.09 2.78
N TYR E 483 46.96 -35.20 2.05
CA TYR E 483 46.81 -34.53 0.77
C TYR E 483 46.03 -33.24 0.93
N THR E 484 46.74 -32.11 0.94
CA THR E 484 46.12 -30.82 1.22
C THR E 484 45.70 -30.16 -0.08
N LEU E 485 44.97 -29.07 0.01
CA LEU E 485 44.58 -28.32 -1.17
C LEU E 485 45.77 -27.50 -1.69
N LYS E 486 45.93 -27.47 -3.01
CA LYS E 486 47.09 -26.84 -3.64
C LYS E 486 47.20 -25.36 -3.30
N GLY E 487 48.12 -25.05 -2.39
CA GLY E 487 48.37 -23.67 -1.98
C GLY E 487 47.79 -23.34 -0.61
N VAL E 488 47.18 -24.35 0.03
CA VAL E 488 46.54 -24.17 1.32
C VAL E 488 47.36 -24.79 2.45
N VAL E 489 47.51 -24.05 3.54
CA VAL E 489 48.23 -24.54 4.71
C VAL E 489 47.57 -24.09 6.01
N VAL E 490 47.39 -25.03 6.93
CA VAL E 490 46.83 -24.75 8.26
C VAL E 490 47.91 -24.85 9.32
N THR E 491 48.36 -23.71 9.83
CA THR E 491 49.43 -23.66 10.82
C THR E 491 48.87 -23.55 12.22
N ARG E 492 49.60 -24.10 13.20
CA ARG E 492 49.16 -24.09 14.59
C ARG E 492 49.38 -22.72 15.23
N ASN E 493 50.40 -22.00 14.79
CA ASN E 493 50.67 -20.65 15.29
C ASN E 493 49.68 -19.64 14.73
N VAL E 494 49.23 -18.73 15.58
CA VAL E 494 48.27 -17.71 15.18
C VAL E 494 48.97 -16.59 14.41
N LYS E 505 57.47 5.69 7.46
CA LYS E 505 56.40 6.67 7.60
C LYS E 505 55.77 6.97 6.24
N VAL E 506 54.65 7.68 6.26
CA VAL E 506 53.93 8.04 5.04
C VAL E 506 53.66 9.54 5.00
N SER E 507 53.65 10.11 3.80
CA SER E 507 53.34 11.51 3.59
C SER E 507 52.31 11.67 2.48
N ILE E 508 51.77 12.88 2.33
CA ILE E 508 50.69 13.14 1.38
C ILE E 508 50.99 14.32 0.46
N THR E 509 50.64 14.15 -0.81
CA THR E 509 50.92 15.16 -1.83
C THR E 509 49.87 16.26 -1.80
N LYS E 510 50.21 17.38 -2.43
CA LYS E 510 49.27 18.46 -2.70
C LYS E 510 48.02 17.93 -3.39
N ASN E 511 48.19 16.95 -4.29
CA ASN E 511 47.08 16.39 -5.04
C ASN E 511 46.60 15.06 -4.44
N LEU E 512 46.73 14.95 -3.13
CA LEU E 512 46.10 13.87 -2.36
C LEU E 512 46.52 12.45 -2.77
N SER E 513 47.79 12.28 -3.11
CA SER E 513 48.36 10.96 -3.29
C SER E 513 49.37 10.70 -2.18
N LEU E 514 49.34 9.51 -1.58
CA LEU E 514 50.20 9.21 -0.45
C LEU E 514 51.54 8.63 -0.89
N ILE E 515 52.63 9.27 -0.46
CA ILE E 515 53.99 8.85 -0.83
C ILE E 515 54.68 8.22 0.37
N LYS E 516 55.51 7.21 0.11
CA LYS E 516 56.30 6.56 1.15
C LYS E 516 57.74 7.06 1.07
N ARG E 517 58.52 6.78 2.10
CA ARG E 517 59.91 7.26 2.17
C ARG E 517 60.71 6.94 0.92
N THR E 518 60.46 5.76 0.33
CA THR E 518 61.21 5.32 -0.83
C THR E 518 60.69 5.92 -2.13
N GLY E 519 59.81 6.90 -2.01
CA GLY E 519 59.32 7.62 -3.17
C GLY E 519 58.08 7.02 -3.81
N GLU E 520 57.81 5.75 -3.53
CA GLU E 520 56.66 5.07 -4.13
C GLU E 520 55.35 5.64 -3.58
N VAL E 521 54.33 5.64 -4.42
CA VAL E 521 52.99 6.09 -4.01
C VAL E 521 52.07 4.90 -3.80
N ILE E 522 51.35 4.91 -2.67
CA ILE E 522 50.54 3.78 -2.25
C ILE E 522 49.04 4.03 -2.43
N MET E 523 48.61 5.26 -2.15
CA MET E 523 47.22 5.65 -2.36
C MET E 523 47.11 6.56 -3.58
N GLY E 524 46.14 6.26 -4.45
CA GLY E 524 45.85 7.11 -5.59
C GLY E 524 44.66 8.00 -5.32
N ALA E 525 44.84 9.29 -5.55
CA ALA E 525 43.73 10.24 -5.45
C ALA E 525 42.65 9.82 -6.44
N ASN E 526 43.09 9.27 -7.56
CA ASN E 526 42.19 8.77 -8.59
C ASN E 526 41.97 7.27 -8.43
N ASP E 527 41.87 6.83 -7.18
CA ASP E 527 41.69 5.41 -6.87
C ASP E 527 40.49 5.19 -5.95
N VAL E 528 39.80 6.27 -5.60
CA VAL E 528 38.56 6.18 -4.82
C VAL E 528 37.38 5.88 -5.74
N SER E 529 36.27 5.44 -5.15
CA SER E 529 35.07 5.12 -5.93
C SER E 529 34.28 6.39 -6.25
N GLU E 530 33.81 6.47 -7.49
CA GLU E 530 32.97 7.58 -7.92
C GLU E 530 31.54 7.39 -7.44
N LEU E 531 31.21 6.15 -7.06
CA LEU E 531 29.88 5.83 -6.56
C LEU E 531 29.53 6.70 -5.36
N GLU E 532 28.50 7.52 -5.53
CA GLU E 532 28.06 8.46 -4.50
C GLU E 532 26.78 7.97 -3.83
N SER E 533 26.95 7.23 -2.74
CA SER E 533 25.83 6.61 -2.04
C SER E 533 25.35 7.48 -0.88
N GLN E 534 24.17 7.14 -0.36
CA GLN E 534 23.61 7.83 0.79
C GLN E 534 24.28 7.36 2.08
N ALA E 535 24.59 8.30 2.96
CA ALA E 535 25.21 7.98 4.24
C ALA E 535 24.23 7.23 5.13
N GLN E 536 24.66 6.89 6.34
CA GLN E 536 23.80 6.24 7.32
C GLN E 536 23.42 7.23 8.42
N LEU E 537 24.40 8.00 8.90
CA LEU E 537 24.15 8.98 9.95
C LEU E 537 24.15 10.40 9.38
N MET E 538 23.88 11.37 10.25
CA MET E 538 23.82 12.77 9.85
C MET E 538 25.20 13.30 9.48
N ILE E 539 25.40 13.56 8.19
CA ILE E 539 26.65 14.14 7.71
C ILE E 539 26.57 15.67 7.76
N THR E 540 27.34 16.27 8.67
CA THR E 540 27.30 17.72 8.87
C THR E 540 28.64 18.37 8.55
N TYR E 541 28.59 19.58 8.01
CA TYR E 541 29.79 20.34 7.66
C TYR E 541 29.83 21.66 8.41
N ASP E 542 30.45 21.66 9.59
CA ASP E 542 30.46 22.83 10.46
C ASP E 542 31.29 23.97 9.87
N THR E 543 30.92 24.42 8.67
CA THR E 543 31.64 25.48 7.98
C THR E 543 30.68 26.34 7.18
N PRO E 544 31.07 27.60 6.89
CA PRO E 544 30.29 28.31 5.88
C PRO E 544 30.38 27.57 4.55
N LYS E 545 29.40 27.76 3.68
CA LYS E 545 29.33 27.05 2.41
C LYS E 545 29.33 25.53 2.61
N MET E 546 28.22 25.01 3.14
CA MET E 546 28.03 23.57 3.25
C MET E 546 27.76 22.99 1.88
N TRP E 547 26.93 23.70 1.11
CA TRP E 547 26.44 23.25 -0.19
C TRP E 547 27.53 22.63 -1.05
N GLU E 548 28.72 23.23 -0.99
CA GLU E 548 29.86 22.79 -1.77
C GLU E 548 30.01 21.26 -1.77
N MET E 549 29.83 20.65 -0.60
CA MET E 549 29.70 19.19 -0.51
C MET E 549 28.24 18.79 -0.63
N GLY E 550 27.67 19.00 -1.82
CA GLY E 550 26.27 18.71 -2.06
C GLY E 550 26.08 17.89 -3.32
N THR E 551 24.83 17.66 -3.67
CA THR E 551 24.48 16.89 -4.86
C THR E 551 24.53 17.79 -6.08
N THR E 552 24.51 17.16 -7.26
CA THR E 552 24.52 17.87 -8.53
C THR E 552 23.54 19.04 -8.54
N LYS E 553 22.26 18.74 -8.41
CA LYS E 553 21.21 19.74 -8.52
C LYS E 553 21.30 20.80 -7.43
N GLU E 554 21.67 20.38 -6.22
CA GLU E 554 21.85 21.33 -5.12
C GLU E 554 22.89 22.38 -5.49
N LEU E 555 24.04 21.90 -5.93
CA LEU E 555 25.13 22.77 -6.34
C LEU E 555 24.72 23.65 -7.53
N VAL E 556 24.10 23.04 -8.53
CA VAL E 556 23.62 23.75 -9.71
C VAL E 556 22.74 24.94 -9.31
N GLN E 557 21.75 24.63 -8.49
CA GLN E 557 20.77 25.60 -8.03
C GLN E 557 21.42 26.71 -7.22
N ASN E 558 22.18 26.32 -6.19
CA ASN E 558 22.88 27.30 -5.36
C ASN E 558 23.80 28.19 -6.20
N THR E 559 24.47 27.59 -7.17
CA THR E 559 25.37 28.31 -8.06
C THR E 559 24.59 29.37 -8.85
N TYR E 560 23.60 28.92 -9.62
CA TYR E 560 22.81 29.84 -10.42
C TYR E 560 22.12 30.91 -9.55
N GLN E 561 21.74 30.52 -8.34
CA GLN E 561 21.20 31.48 -7.38
C GLN E 561 22.25 32.53 -7.05
N TRP E 562 23.47 32.08 -6.76
CA TRP E 562 24.57 32.99 -6.46
C TRP E 562 24.87 33.89 -7.65
N VAL E 563 24.72 33.37 -8.86
CA VAL E 563 24.85 34.18 -10.07
C VAL E 563 23.77 35.26 -10.12
N LEU E 564 22.51 34.84 -10.07
CA LEU E 564 21.39 35.77 -10.11
C LEU E 564 21.51 36.82 -9.01
N LYS E 565 21.99 36.41 -7.84
CA LYS E 565 22.13 37.32 -6.71
C LYS E 565 23.11 38.45 -7.02
N ASN E 566 24.11 38.15 -7.85
CA ASN E 566 25.17 39.11 -8.17
C ASN E 566 25.22 39.49 -9.65
N LEU E 567 24.26 39.00 -10.43
CA LEU E 567 24.08 39.43 -11.82
C LEU E 567 24.27 40.93 -12.05
N VAL E 568 23.88 41.76 -11.09
CA VAL E 568 24.03 43.21 -11.21
C VAL E 568 25.49 43.59 -11.52
N THR E 569 26.40 43.11 -10.68
CA THR E 569 27.83 43.38 -10.87
C THR E 569 28.43 42.47 -11.95
N LEU E 570 28.06 41.20 -11.93
CA LEU E 570 28.62 40.24 -12.89
C LEU E 570 28.32 40.63 -14.33
N LYS E 571 27.16 41.23 -14.58
CA LYS E 571 26.82 41.65 -15.94
C LYS E 571 27.51 42.96 -16.31
N ALA E 572 27.81 43.77 -15.30
CA ALA E 572 28.49 45.05 -15.51
C ALA E 572 29.98 44.85 -15.78
N GLN E 573 30.64 44.11 -14.91
CA GLN E 573 32.07 43.84 -15.04
C GLN E 573 32.41 43.15 -16.36
N PHE E 574 31.41 42.50 -16.95
CA PHE E 574 31.61 41.79 -18.21
C PHE E 574 31.76 42.78 -19.37
N LEU E 575 31.62 44.07 -19.07
CA LEU E 575 31.89 45.13 -20.03
C LEU E 575 33.12 45.92 -19.61
N LEU E 576 33.93 45.31 -18.75
CA LEU E 576 35.11 45.95 -18.21
C LEU E 576 36.25 44.94 -18.02
N GLY E 577 36.14 44.11 -16.99
CA GLY E 577 37.12 43.07 -16.73
C GLY E 577 36.95 41.92 -17.70
N LYS E 578 37.99 41.66 -18.49
CA LYS E 578 37.94 40.64 -19.53
C LYS E 578 37.65 39.25 -18.95
N GLU E 579 38.68 38.59 -18.43
CA GLU E 579 38.55 37.24 -17.91
C GLU E 579 38.59 37.21 -16.39
N ASP E 580 38.12 38.29 -15.77
CA ASP E 580 38.21 38.44 -14.32
C ASP E 580 37.09 37.68 -13.61
N MET E 581 35.93 37.62 -14.25
CA MET E 581 34.77 36.97 -13.65
C MET E 581 34.86 35.46 -13.69
N PHE E 582 35.26 34.93 -14.85
CA PHE E 582 35.22 33.50 -15.15
C PHE E 582 35.71 32.63 -14.00
N GLN E 583 36.65 33.15 -13.22
CA GLN E 583 37.14 32.46 -12.04
C GLN E 583 36.65 33.17 -10.78
N TRP E 584 35.74 32.50 -10.07
CA TRP E 584 35.15 33.03 -8.84
C TRP E 584 34.94 31.88 -7.86
N ASP E 585 35.21 32.16 -6.58
CA ASP E 585 35.11 31.18 -5.50
C ASP E 585 33.94 30.20 -5.64
N ALA E 586 32.78 30.74 -5.98
CA ALA E 586 31.54 29.96 -5.99
C ALA E 586 31.52 28.86 -7.05
N PHE E 587 32.24 29.08 -8.15
CA PHE E 587 32.17 28.18 -9.29
C PHE E 587 33.01 26.92 -9.10
N GLU E 588 33.99 26.96 -8.21
CA GLU E 588 34.81 25.78 -7.90
C GLU E 588 33.94 24.59 -7.57
N ALA E 589 32.93 24.84 -6.74
CA ALA E 589 31.97 23.81 -6.37
C ALA E 589 31.31 23.23 -7.61
N PHE E 590 30.67 24.12 -8.38
CA PHE E 590 29.96 23.73 -9.60
C PHE E 590 30.83 22.79 -10.43
N GLU E 591 32.07 23.19 -10.67
CA GLU E 591 32.98 22.40 -11.50
C GLU E 591 33.14 20.98 -10.96
N SER E 592 33.02 20.80 -9.65
CA SER E 592 33.20 19.49 -9.05
C SER E 592 32.10 18.54 -9.49
N ILE E 593 31.09 19.09 -10.14
CA ILE E 593 30.02 18.30 -10.73
C ILE E 593 30.43 17.81 -12.10
N ILE E 594 31.11 18.67 -12.84
CA ILE E 594 31.30 18.44 -14.26
C ILE E 594 32.33 17.33 -14.50
N PRO E 595 32.07 16.45 -15.49
CA PRO E 595 33.09 15.46 -15.88
C PRO E 595 34.39 16.13 -16.28
N GLN E 596 35.49 15.79 -15.61
CA GLN E 596 36.77 16.43 -15.88
C GLN E 596 37.19 16.26 -17.34
N LYS E 597 36.64 15.24 -17.99
CA LYS E 597 36.96 14.98 -19.39
C LYS E 597 36.22 15.93 -20.33
N MET E 598 35.35 16.77 -19.79
CA MET E 598 34.57 17.72 -20.59
C MET E 598 34.64 19.15 -20.05
N ALA E 599 35.05 19.32 -18.80
CA ALA E 599 35.09 20.62 -18.14
C ALA E 599 35.76 21.69 -19.00
N GLY E 600 36.96 21.38 -19.47
CA GLY E 600 37.71 22.30 -20.30
C GLY E 600 37.03 22.57 -21.63
N GLN E 601 36.54 21.52 -22.28
CA GLN E 601 35.87 21.65 -23.56
C GLN E 601 34.64 22.55 -23.44
N TYR E 602 33.91 22.37 -22.33
CA TYR E 602 32.77 23.22 -22.04
C TYR E 602 33.20 24.65 -21.79
N SER E 603 34.15 24.83 -20.88
CA SER E 603 34.64 26.17 -20.54
C SER E 603 35.10 26.95 -21.77
N GLY E 604 35.87 26.29 -22.62
CA GLY E 604 36.38 26.92 -23.84
C GLY E 604 35.27 27.36 -24.77
N PHE E 605 34.15 26.64 -24.71
CA PHE E 605 32.99 26.94 -25.54
C PHE E 605 32.16 28.07 -24.93
N ALA E 606 31.82 27.91 -23.66
CA ALA E 606 31.06 28.90 -22.91
C ALA E 606 31.75 30.26 -22.93
N ARG E 607 33.04 30.28 -22.67
CA ARG E 607 33.81 31.52 -22.66
C ARG E 607 33.75 32.22 -24.01
N ALA E 608 33.79 31.42 -25.08
CA ALA E 608 33.74 31.96 -26.44
C ALA E 608 32.36 32.50 -26.77
N VAL E 609 31.32 31.72 -26.48
CA VAL E 609 29.95 32.15 -26.73
C VAL E 609 29.62 33.40 -25.92
N LEU E 610 30.13 33.47 -24.69
CA LEU E 610 30.00 34.68 -23.88
C LEU E 610 30.77 35.84 -24.49
N LYS E 611 32.02 35.59 -24.86
CA LYS E 611 32.86 36.60 -25.48
C LYS E 611 32.24 37.10 -26.77
N GLN E 612 31.46 36.26 -27.43
CA GLN E 612 30.67 36.69 -28.57
C GLN E 612 29.69 37.78 -28.16
N MET E 613 28.92 37.51 -27.11
CA MET E 613 27.92 38.46 -26.63
C MET E 613 28.58 39.72 -26.06
N ARG E 614 29.78 39.57 -25.52
CA ARG E 614 30.56 40.73 -25.06
C ARG E 614 31.03 41.58 -26.24
N ASP E 615 31.95 41.04 -27.02
CA ASP E 615 32.61 41.80 -28.07
C ASP E 615 31.64 42.31 -29.15
N GLN E 616 30.64 41.51 -29.47
CA GLN E 616 29.62 41.92 -30.44
C GLN E 616 28.38 42.44 -29.74
N GLU E 617 27.46 43.01 -30.51
CA GLU E 617 26.29 43.68 -29.98
C GLU E 617 25.07 42.76 -29.92
N VAL E 618 25.24 41.59 -29.32
CA VAL E 618 24.15 40.63 -29.17
C VAL E 618 24.20 39.92 -27.82
N MET E 619 23.51 40.51 -26.83
CA MET E 619 23.52 39.99 -25.47
C MET E 619 22.28 39.15 -25.18
N LYS E 620 22.41 38.20 -24.26
CA LYS E 620 21.31 37.37 -23.80
C LYS E 620 21.51 37.01 -22.34
N THR E 621 20.93 37.80 -21.45
CA THR E 621 21.16 37.64 -20.01
C THR E 621 20.84 36.23 -19.53
N ASP E 622 19.76 35.66 -20.04
CA ASP E 622 19.34 34.32 -19.65
C ASP E 622 20.39 33.28 -20.01
N GLN E 623 21.11 33.54 -21.11
CA GLN E 623 22.17 32.65 -21.55
C GLN E 623 23.44 32.90 -20.75
N PHE E 624 23.81 34.17 -20.67
CA PHE E 624 24.93 34.63 -19.84
C PHE E 624 24.90 33.94 -18.49
N ILE E 625 23.76 34.02 -17.83
CA ILE E 625 23.54 33.36 -16.56
C ILE E 625 23.73 31.85 -16.67
N LYS E 626 23.28 31.27 -17.77
CA LYS E 626 23.34 29.83 -17.97
C LYS E 626 24.76 29.33 -18.15
N LEU E 627 25.57 30.09 -18.89
CA LEU E 627 26.90 29.64 -19.27
C LEU E 627 28.01 30.09 -18.30
N LEU E 628 27.84 31.26 -17.71
CA LEU E 628 28.89 31.85 -16.85
C LEU E 628 29.51 30.88 -15.83
N PRO E 629 28.71 29.97 -15.26
CA PRO E 629 29.32 29.02 -14.31
C PRO E 629 30.28 28.01 -14.96
N PHE E 630 30.01 27.65 -16.21
CA PHE E 630 30.80 26.62 -16.90
C PHE E 630 32.20 27.09 -17.29
N CYS E 631 32.48 28.37 -17.07
CA CYS E 631 33.72 28.97 -17.56
C CYS E 631 34.85 28.99 -16.55
N PHE E 632 34.66 28.36 -15.39
CA PHE E 632 35.68 28.38 -14.35
C PHE E 632 36.89 27.53 -14.73
N SER E 633 36.65 26.27 -15.06
CA SER E 633 37.72 25.34 -15.40
C SER E 633 38.56 25.88 -16.55
N PRO E 634 39.90 25.74 -16.47
CA PRO E 634 40.78 26.17 -17.56
C PRO E 634 40.35 25.60 -18.92
N PRO E 635 40.11 26.49 -19.91
CA PRO E 635 39.47 26.07 -21.16
C PRO E 635 40.32 25.13 -22.03
N LYS E 636 39.67 24.46 -22.96
CA LYS E 636 40.32 23.57 -23.91
C LYS E 636 39.69 23.70 -25.29
N LEU E 637 40.43 24.33 -26.21
CA LEU E 637 39.97 24.51 -27.58
C LEU E 637 40.42 23.34 -28.44
N ARG E 638 39.96 23.31 -29.69
CA ARG E 638 40.41 22.31 -30.64
C ARG E 638 41.76 22.71 -31.23
N SER E 639 42.33 21.83 -32.04
CA SER E 639 43.58 22.10 -32.74
C SER E 639 43.48 23.39 -33.55
N ASN E 640 42.31 23.65 -34.10
CA ASN E 640 42.09 24.82 -34.96
C ASN E 640 42.08 26.13 -34.20
N GLY E 641 41.86 26.06 -32.89
CA GLY E 641 41.71 27.25 -32.07
C GLY E 641 40.24 27.50 -31.76
N GLU E 642 39.37 26.90 -32.55
CA GLU E 642 37.93 26.98 -32.30
C GLU E 642 37.55 26.04 -31.17
N PRO E 643 36.51 26.38 -30.39
CA PRO E 643 36.12 25.51 -29.28
C PRO E 643 35.25 24.33 -29.73
N TYR E 644 34.93 23.45 -28.79
CA TYR E 644 34.02 22.33 -29.06
C TYR E 644 32.57 22.82 -29.03
N GLN E 645 31.82 22.51 -30.09
CA GLN E 645 30.41 22.89 -30.13
C GLN E 645 29.57 21.83 -29.41
N PHE E 646 28.46 22.26 -28.82
CA PHE E 646 27.62 21.37 -28.02
C PHE E 646 26.12 21.63 -28.19
N LEU E 647 25.34 20.58 -28.04
CA LEU E 647 23.89 20.69 -27.96
C LEU E 647 23.49 20.80 -26.49
N LYS E 648 24.08 19.96 -25.66
CA LYS E 648 23.80 19.96 -24.22
C LYS E 648 25.04 19.64 -23.40
N LEU E 649 25.16 20.30 -22.25
CA LEU E 649 26.27 20.07 -21.32
C LEU E 649 25.85 19.12 -20.22
N VAL E 650 26.39 17.92 -20.25
CA VAL E 650 26.02 16.87 -19.29
C VAL E 650 26.75 17.04 -17.97
N LEU E 651 26.11 16.60 -16.89
CA LEU E 651 26.67 16.64 -15.55
C LEU E 651 26.66 15.25 -14.92
N LYS E 652 27.32 15.11 -13.77
CA LYS E 652 27.49 13.80 -13.15
C LYS E 652 26.23 13.25 -12.51
N GLY E 653 25.87 12.03 -12.88
CA GLY E 653 24.78 11.31 -12.25
C GLY E 653 23.42 11.72 -12.76
N GLY E 654 22.59 10.72 -13.07
CA GLY E 654 21.23 10.95 -13.51
C GLY E 654 21.15 11.50 -14.92
N GLY E 655 20.49 10.76 -15.80
CA GLY E 655 20.33 11.15 -17.18
C GLY E 655 19.61 12.47 -17.34
N GLU E 656 18.99 12.93 -16.26
CA GLU E 656 18.26 14.19 -16.27
C GLU E 656 19.23 15.36 -16.30
N ASN E 657 20.32 15.23 -15.55
CA ASN E 657 21.19 16.35 -15.26
C ASN E 657 22.01 16.81 -16.46
N PHE E 658 21.44 17.72 -17.24
CA PHE E 658 22.18 18.33 -18.34
C PHE E 658 21.58 19.70 -18.68
N ILE E 659 22.44 20.59 -19.18
CA ILE E 659 22.02 21.94 -19.58
C ILE E 659 22.01 22.08 -21.09
N GLU E 660 20.83 22.17 -21.69
CA GLU E 660 20.71 22.37 -23.12
C GLU E 660 21.15 23.78 -23.49
N VAL E 661 21.68 23.93 -24.71
CA VAL E 661 22.22 25.20 -25.17
C VAL E 661 21.15 26.01 -25.92
N ARG E 662 20.40 25.33 -26.78
CA ARG E 662 19.36 25.98 -27.58
C ARG E 662 18.01 25.87 -26.88
N LYS E 663 17.69 24.66 -26.44
CA LYS E 663 16.44 24.37 -25.76
C LYS E 663 16.59 24.59 -24.25
N GLY E 664 15.49 24.51 -23.50
CA GLY E 664 15.55 24.46 -22.05
C GLY E 664 15.88 23.05 -21.61
N SER E 665 15.92 22.81 -20.30
CA SER E 665 16.29 21.49 -19.79
C SER E 665 15.80 21.27 -18.36
N PRO E 666 15.66 20.00 -17.94
CA PRO E 666 15.22 19.61 -16.60
C PRO E 666 15.86 20.42 -15.47
N LEU E 667 17.07 20.93 -15.71
CA LEU E 667 17.77 21.72 -14.70
C LEU E 667 17.54 23.21 -14.90
N PHE E 668 17.52 23.65 -16.15
CA PHE E 668 17.53 25.07 -16.46
C PHE E 668 16.63 25.36 -17.65
N SER E 669 15.64 26.22 -17.44
CA SER E 669 14.83 26.71 -18.56
C SER E 669 14.36 28.13 -18.36
N TYR E 670 14.04 28.81 -19.47
CA TYR E 670 13.64 30.21 -19.41
C TYR E 670 12.33 30.48 -20.15
N ASN E 671 11.44 31.19 -19.46
CA ASN E 671 10.15 31.59 -20.01
C ASN E 671 10.13 33.09 -20.29
N PRO E 672 10.27 33.50 -21.56
CA PRO E 672 10.38 34.92 -21.91
C PRO E 672 9.03 35.65 -21.91
N GLN E 673 7.94 34.91 -21.87
CA GLN E 673 6.61 35.52 -21.81
C GLN E 673 6.44 36.25 -20.50
N THR E 674 6.83 35.59 -19.41
CA THR E 674 6.74 36.17 -18.07
C THR E 674 8.11 36.59 -17.56
N GLU E 675 9.14 36.38 -18.38
CA GLU E 675 10.52 36.64 -17.98
C GLU E 675 10.83 35.87 -16.70
N VAL E 676 10.47 34.59 -16.70
CA VAL E 676 10.63 33.73 -15.53
C VAL E 676 11.65 32.64 -15.78
N LEU E 677 12.69 32.60 -14.95
CA LEU E 677 13.73 31.61 -15.05
C LEU E 677 13.48 30.44 -14.11
N THR E 678 13.42 29.24 -14.68
CA THR E 678 13.21 28.02 -13.90
C THR E 678 14.51 27.26 -13.68
N ILE E 679 14.86 27.12 -12.40
CA ILE E 679 16.06 26.42 -11.95
C ILE E 679 15.68 25.22 -11.09
N CYS E 680 15.85 24.02 -11.62
CA CYS E 680 15.55 22.78 -10.89
C CYS E 680 14.17 22.81 -10.27
N GLY E 681 13.23 23.45 -10.97
CA GLY E 681 11.86 23.55 -10.49
C GLY E 681 11.54 24.88 -9.83
N ARG E 682 12.53 25.52 -9.23
CA ARG E 682 12.30 26.77 -8.51
C ARG E 682 12.18 27.93 -9.48
N MET E 683 11.31 28.88 -9.15
CA MET E 683 11.00 30.01 -10.02
C MET E 683 11.81 31.26 -9.65
N MET E 684 12.36 31.92 -10.66
CA MET E 684 13.03 33.22 -10.48
C MET E 684 12.53 34.23 -11.51
N SER E 685 12.55 35.51 -11.13
CA SER E 685 12.05 36.58 -11.99
C SER E 685 13.19 37.44 -12.52
N LEU E 686 13.31 37.52 -13.84
CA LEU E 686 14.34 38.34 -14.47
C LEU E 686 13.83 39.71 -14.89
N LYS E 687 12.53 39.95 -14.69
CA LYS E 687 11.93 41.22 -15.06
C LYS E 687 12.64 42.37 -14.35
N GLY E 688 12.96 43.41 -15.11
CA GLY E 688 13.70 44.55 -14.59
C GLY E 688 15.20 44.32 -14.70
N LYS E 689 15.59 43.23 -15.36
CA LYS E 689 17.00 42.93 -15.59
C LYS E 689 17.19 42.36 -16.99
N ILE E 690 16.52 42.96 -17.96
CA ILE E 690 16.61 42.53 -19.35
C ILE E 690 16.65 43.75 -20.28
N GLU E 691 17.50 43.68 -21.30
CA GLU E 691 17.66 44.79 -22.23
C GLU E 691 16.47 44.92 -23.18
N ASP E 692 16.34 46.08 -23.81
CA ASP E 692 15.18 46.37 -24.66
C ASP E 692 15.16 45.54 -25.93
N GLU E 693 16.33 45.34 -26.54
CA GLU E 693 16.41 44.75 -27.87
C GLU E 693 16.44 43.22 -27.87
N GLU E 694 16.13 42.61 -26.72
CA GLU E 694 16.13 41.15 -26.62
C GLU E 694 14.78 40.58 -27.05
N ARG E 695 13.93 41.41 -27.64
CA ARG E 695 12.63 40.97 -28.12
C ARG E 695 12.81 39.96 -29.27
N ASN E 696 13.07 40.47 -30.46
CA ASN E 696 13.25 39.64 -31.65
C ASN E 696 14.72 39.33 -31.87
N ARG E 697 15.41 38.96 -30.79
CA ARG E 697 16.81 38.61 -30.84
C ARG E 697 16.95 37.09 -30.84
N SER E 698 17.17 36.52 -32.01
CA SER E 698 17.26 35.07 -32.16
C SER E 698 18.37 34.50 -31.29
N MET E 699 18.30 33.20 -31.02
CA MET E 699 19.24 32.55 -30.11
C MET E 699 20.49 32.05 -30.84
N GLY E 700 20.39 31.92 -32.17
CA GLY E 700 21.51 31.47 -32.97
C GLY E 700 22.79 32.26 -32.73
N ASN E 701 22.63 33.48 -32.23
CA ASN E 701 23.77 34.34 -31.94
C ASN E 701 24.39 34.09 -30.57
N ALA E 702 24.07 32.95 -29.96
CA ALA E 702 24.68 32.55 -28.69
C ALA E 702 24.48 31.06 -28.46
N VAL E 703 24.49 30.30 -29.55
CA VAL E 703 24.32 28.86 -29.51
C VAL E 703 25.62 28.17 -29.92
N LEU E 704 26.24 28.69 -30.99
CA LEU E 704 27.55 28.24 -31.42
C LEU E 704 28.56 29.38 -31.29
N ALA E 705 29.79 29.05 -30.88
CA ALA E 705 30.84 30.04 -30.77
C ALA E 705 31.35 30.44 -32.15
N GLY E 706 31.39 31.74 -32.41
CA GLY E 706 31.81 32.24 -33.71
C GLY E 706 30.77 31.99 -34.79
N PHE E 707 29.51 32.22 -34.46
CA PHE E 707 28.41 32.05 -35.40
C PHE E 707 27.36 33.15 -35.23
N LEU E 708 26.77 33.58 -36.34
CA LEU E 708 25.75 34.61 -36.32
C LEU E 708 24.61 34.30 -37.28
N VAL E 709 23.41 34.70 -36.92
CA VAL E 709 22.24 34.52 -37.78
C VAL E 709 22.26 35.54 -38.92
N SER E 710 22.16 35.03 -40.15
CA SER E 710 22.12 35.88 -41.34
C SER E 710 20.67 36.17 -41.73
N GLY E 711 19.95 35.12 -42.07
CA GLY E 711 18.53 35.21 -42.42
C GLY E 711 17.73 34.16 -41.70
N LYS E 712 16.89 33.44 -42.44
CA LYS E 712 16.09 32.35 -41.89
C LYS E 712 16.15 31.15 -42.83
N TYR E 713 15.66 30.01 -42.34
CA TYR E 713 15.81 28.72 -43.01
C TYR E 713 15.63 28.77 -44.53
N ASP E 714 16.74 28.57 -45.23
CA ASP E 714 16.75 28.56 -46.69
C ASP E 714 16.87 27.11 -47.18
N PRO E 715 15.78 26.54 -47.72
CA PRO E 715 15.77 25.15 -48.18
C PRO E 715 16.96 24.75 -49.05
N ASP E 716 17.47 25.69 -49.82
CA ASP E 716 18.59 25.41 -50.73
C ASP E 716 19.86 25.02 -49.96
N LEU E 717 19.95 25.43 -48.71
CA LEU E 717 21.11 25.08 -47.88
C LEU E 717 21.03 23.62 -47.43
N GLY E 718 19.80 23.09 -47.40
CA GLY E 718 19.58 21.68 -47.11
C GLY E 718 19.01 21.42 -45.74
N ASP E 719 19.55 20.41 -45.06
CA ASP E 719 19.03 19.98 -43.77
C ASP E 719 19.65 20.78 -42.63
N PHE E 720 19.16 20.53 -41.42
CA PHE E 720 19.74 21.13 -40.23
C PHE E 720 21.08 20.45 -39.92
N LYS E 721 22.16 21.20 -40.08
CA LYS E 721 23.50 20.63 -40.00
C LYS E 721 23.93 20.34 -38.57
N THR E 722 24.42 19.13 -38.34
CA THR E 722 24.83 18.69 -37.01
C THR E 722 26.18 19.29 -36.62
N ILE E 723 26.54 19.10 -35.35
CA ILE E 723 27.78 19.65 -34.81
C ILE E 723 29.01 19.17 -35.56
N GLU E 724 29.02 17.90 -35.93
CA GLU E 724 30.16 17.34 -36.67
C GLU E 724 30.35 18.08 -37.99
N GLU E 725 29.24 18.52 -38.58
CA GLU E 725 29.30 19.30 -39.81
C GLU E 725 29.68 20.75 -39.51
N LEU E 726 28.99 21.34 -38.53
CA LEU E 726 29.19 22.73 -38.16
C LEU E 726 30.62 23.04 -37.77
N GLU E 727 31.26 22.11 -37.06
CA GLU E 727 32.65 22.30 -36.68
C GLU E 727 33.58 22.21 -37.88
N LYS E 728 33.16 21.44 -38.89
CA LYS E 728 33.97 21.23 -40.09
C LYS E 728 33.67 22.26 -41.18
N LEU E 729 32.65 23.08 -40.98
CA LEU E 729 32.34 24.15 -41.93
C LEU E 729 33.43 25.20 -41.92
N LYS E 730 33.74 25.74 -43.09
CA LYS E 730 34.75 26.79 -43.21
C LYS E 730 34.16 28.15 -42.83
N PRO E 731 35.00 29.06 -42.33
CA PRO E 731 34.51 30.39 -41.91
C PRO E 731 33.87 31.15 -43.07
N GLY E 732 32.76 31.82 -42.79
CA GLY E 732 32.02 32.56 -43.80
C GLY E 732 31.26 31.62 -44.72
N GLU E 733 30.45 30.75 -44.12
CA GLU E 733 29.69 29.76 -44.87
C GLU E 733 28.34 29.50 -44.19
N LYS E 734 27.26 29.70 -44.95
CA LYS E 734 25.91 29.63 -44.42
C LYS E 734 25.47 28.19 -44.15
N ALA E 735 24.64 28.01 -43.12
CA ALA E 735 24.06 26.70 -42.83
C ALA E 735 22.79 26.83 -42.00
N ASN E 736 21.96 25.78 -42.03
CA ASN E 736 20.70 25.76 -41.28
C ASN E 736 20.84 25.07 -39.93
N ILE E 737 20.27 25.69 -38.90
CA ILE E 737 20.31 25.14 -37.55
C ILE E 737 18.92 25.19 -36.91
N LEU E 738 18.61 24.16 -36.13
CA LEU E 738 17.36 24.09 -35.39
C LEU E 738 17.59 24.39 -33.92
N LEU E 739 17.06 25.51 -33.43
CA LEU E 739 17.23 25.90 -32.04
C LEU E 739 16.50 24.91 -31.12
N TYR E 740 15.21 25.15 -30.91
CA TYR E 740 14.35 24.18 -30.25
C TYR E 740 13.23 23.81 -31.22
N GLN E 741 12.46 22.78 -30.89
CA GLN E 741 11.53 22.20 -31.85
C GLN E 741 10.56 23.23 -32.44
N GLY E 742 10.66 23.43 -33.74
CA GLY E 742 9.80 24.36 -34.47
C GLY E 742 10.40 25.74 -34.61
N LYS E 743 11.73 25.84 -34.58
CA LYS E 743 12.42 27.12 -34.75
C LYS E 743 13.66 26.99 -35.63
N PRO E 744 13.46 26.92 -36.95
CA PRO E 744 14.58 26.91 -37.91
C PRO E 744 15.31 28.24 -37.97
N VAL E 745 16.63 28.22 -38.09
CA VAL E 745 17.42 29.44 -38.21
C VAL E 745 18.53 29.27 -39.24
N LYS E 746 18.89 30.37 -39.92
CA LYS E 746 19.96 30.37 -40.91
C LYS E 746 21.18 31.08 -40.34
N VAL E 747 22.24 30.32 -40.08
CA VAL E 747 23.41 30.84 -39.37
C VAL E 747 24.68 30.77 -40.23
N VAL E 748 25.63 31.65 -39.93
CA VAL E 748 26.89 31.74 -40.66
C VAL E 748 28.05 31.76 -39.67
N LYS E 749 29.22 31.28 -40.12
CA LYS E 749 30.40 31.24 -39.26
C LYS E 749 31.18 32.55 -39.32
#